data_9SG3
#
_entry.id   9SG3
#
_cell.length_a   74.950
_cell.length_b   117.850
_cell.length_c   239.750
_cell.angle_alpha   90.000
_cell.angle_beta   90.000
_cell.angle_gamma   90.000
#
_symmetry.space_group_name_H-M   'P 21 21 21'
#
loop_
_entity.id
_entity.type
_entity.pdbx_description
1 polymer 'Acetylcholine-binding protein'
2 non-polymer 2-acetamido-2-deoxy-beta-D-glucopyranose
3 non-polymer 1,10-PHENANTHROLINE
4 non-polymer 'SULFATE ION'
5 water water
#
_entity_poly.entity_id   1
_entity_poly.type   'polypeptide(L)'
_entity_poly.pdbx_seq_one_letter_code
;LDRADILYNIRQTSRPDVIPTQRDRPVAVSVSLKFINILEVNEITNEVDVVFWQQTTWSDRTLAWNSSHSPDQVSVPISS
LWVPDLAAYNAISKPEVLTPQLARVVSDGEVLYMPSIRQRFSCDVSGVDTESGATCRIKIGSWTHHSREISVDPTTENSD
DSEYFSQYSRFEILDVTQKKNSVTYSCCPEAYEDVEVSLNFRKKGR
;
_entity_poly.pdbx_strand_id   A,B,C,D,E,F,G,H,I,J
#
loop_
_chem_comp.id
_chem_comp.type
_chem_comp.name
_chem_comp.formula
NAG D-saccharide, beta linking 2-acetamido-2-deoxy-beta-D-glucopyranose 'C8 H15 N O6'
PHN non-polymer 1,10-PHENANTHROLINE 'C12 H8 N2'
SO4 non-polymer 'SULFATE ION' 'O4 S -2'
#
# COMPACT_ATOMS: atom_id res chain seq x y z
N LEU A 1 29.18 -4.59 2.90
CA LEU A 1 27.75 -4.80 3.06
C LEU A 1 27.51 -6.16 3.70
N ASP A 2 26.29 -6.68 3.61
CA ASP A 2 25.99 -8.04 4.01
C ASP A 2 24.75 -8.50 3.25
N ARG A 3 24.50 -9.82 3.35
CA ARG A 3 23.41 -10.44 2.60
C ARG A 3 22.09 -9.71 2.81
N ALA A 4 21.75 -9.41 4.07
CA ALA A 4 20.45 -8.79 4.36
C ALA A 4 20.31 -7.43 3.66
N ASP A 5 21.36 -6.62 3.67
CA ASP A 5 21.30 -5.33 2.98
C ASP A 5 21.32 -5.48 1.47
N ILE A 6 22.17 -6.36 0.95
CA ILE A 6 22.28 -6.54 -0.50
C ILE A 6 20.94 -6.91 -1.10
N LEU A 7 20.26 -7.89 -0.49
CA LEU A 7 18.97 -8.33 -0.99
C LEU A 7 17.90 -7.26 -0.79
N TYR A 8 18.06 -6.40 0.21
CA TYR A 8 17.20 -5.23 0.33
C TYR A 8 17.36 -4.30 -0.87
N ASN A 9 18.61 -3.98 -1.22
CA ASN A 9 18.85 -3.11 -2.38
C ASN A 9 18.29 -3.73 -3.66
N ILE A 10 18.48 -5.03 -3.83
CA ILE A 10 17.96 -5.71 -5.01
C ILE A 10 16.43 -5.75 -4.99
N ARG A 11 15.86 -6.10 -3.83
CA ARG A 11 14.39 -6.16 -3.70
C ARG A 11 13.76 -4.80 -3.99
N GLN A 12 14.32 -3.73 -3.43
CA GLN A 12 13.67 -2.42 -3.49
C GLN A 12 13.96 -1.64 -4.78
N THR A 13 14.97 -2.04 -5.56
CA THR A 13 15.32 -1.30 -6.77
C THR A 13 15.15 -2.08 -8.06
N SER A 14 15.57 -3.34 -8.09
CA SER A 14 15.58 -4.11 -9.33
C SER A 14 14.19 -4.15 -9.93
N ARG A 15 14.12 -3.81 -11.21
CA ARG A 15 12.93 -3.66 -12.04
C ARG A 15 12.64 -4.91 -12.83
N PRO A 16 11.82 -5.81 -12.29
CA PRO A 16 11.67 -7.13 -12.92
C PRO A 16 11.13 -7.04 -14.33
N ASP A 17 10.36 -6.00 -14.64
CA ASP A 17 9.84 -5.82 -15.98
C ASP A 17 10.85 -5.18 -16.94
N VAL A 18 11.91 -4.57 -16.44
CA VAL A 18 12.77 -3.76 -17.29
C VAL A 18 13.98 -4.58 -17.73
N ILE A 19 14.18 -4.66 -19.04
CA ILE A 19 15.39 -5.28 -19.59
C ILE A 19 16.58 -4.35 -19.35
N PRO A 20 17.70 -4.85 -18.85
CA PRO A 20 18.83 -3.97 -18.55
C PRO A 20 19.71 -3.71 -19.77
N THR A 21 19.17 -2.96 -20.73
CA THR A 21 19.98 -2.58 -21.87
C THR A 21 21.01 -1.55 -21.45
N GLN A 22 22.26 -1.77 -21.82
CA GLN A 22 23.36 -0.90 -21.43
C GLN A 22 23.97 -0.25 -22.67
N ARG A 23 24.00 1.07 -22.69
CA ARG A 23 24.50 1.85 -23.84
C ARG A 23 23.85 1.35 -25.13
N ASP A 24 22.58 0.99 -25.02
CA ASP A 24 21.77 0.43 -26.11
C ASP A 24 22.54 -0.62 -26.91
N ARG A 25 23.11 -1.57 -26.18
CA ARG A 25 23.73 -2.77 -26.71
C ARG A 25 22.93 -3.98 -26.26
N PRO A 26 22.97 -5.08 -27.00
CA PRO A 26 22.10 -6.21 -26.67
C PRO A 26 22.56 -6.87 -25.37
N VAL A 27 21.60 -7.44 -24.65
CA VAL A 27 21.91 -8.16 -23.42
C VAL A 27 22.40 -9.54 -23.83
N ALA A 28 23.67 -9.83 -23.56
CA ALA A 28 24.26 -11.11 -23.98
C ALA A 28 23.83 -12.19 -23.01
N VAL A 29 22.87 -13.01 -23.42
CA VAL A 29 22.39 -14.14 -22.63
C VAL A 29 23.06 -15.41 -23.13
N SER A 30 23.64 -16.17 -22.22
CA SER A 30 24.36 -17.39 -22.54
C SER A 30 23.52 -18.57 -22.08
N VAL A 31 23.07 -19.37 -23.03
CA VAL A 31 22.18 -20.50 -22.77
C VAL A 31 22.94 -21.79 -23.04
N SER A 32 22.94 -22.69 -22.06
CA SER A 32 23.50 -24.02 -22.25
C SER A 32 22.55 -25.01 -21.60
N LEU A 33 22.07 -25.97 -22.39
CA LEU A 33 21.17 -26.99 -21.88
C LEU A 33 22.01 -28.13 -21.30
N LYS A 34 21.85 -28.37 -20.01
CA LYS A 34 22.44 -29.53 -19.36
C LYS A 34 21.37 -30.62 -19.27
N PHE A 35 21.48 -31.63 -20.12
CA PHE A 35 20.47 -32.68 -20.17
C PHE A 35 20.71 -33.66 -19.02
N ILE A 36 19.63 -34.02 -18.33
CA ILE A 36 19.71 -34.84 -17.13
C ILE A 36 19.08 -36.20 -17.36
N ASN A 37 18.01 -36.26 -18.14
CA ASN A 37 17.26 -37.49 -18.34
C ASN A 37 16.38 -37.35 -19.56
N ILE A 38 16.19 -38.45 -20.28
CA ILE A 38 15.22 -38.53 -21.36
C ILE A 38 14.18 -39.55 -20.93
N LEU A 39 12.95 -39.09 -20.76
CA LEU A 39 11.93 -39.82 -20.03
C LEU A 39 10.84 -40.46 -20.88
N GLU A 40 10.58 -39.94 -22.08
CA GLU A 40 9.49 -40.53 -22.85
C GLU A 40 9.81 -40.31 -24.33
N VAL A 41 10.44 -41.31 -24.95
CA VAL A 41 10.73 -41.24 -26.37
C VAL A 41 9.63 -41.98 -27.12
N ASN A 42 9.12 -41.35 -28.18
CA ASN A 42 8.03 -41.93 -28.96
C ASN A 42 8.40 -41.73 -30.43
N GLU A 43 8.78 -42.81 -31.09
CA GLU A 43 9.20 -42.75 -32.48
C GLU A 43 8.04 -42.59 -33.44
N ILE A 44 6.82 -42.91 -33.01
CA ILE A 44 5.67 -42.80 -33.90
C ILE A 44 5.27 -41.34 -34.08
N THR A 45 5.14 -40.61 -32.99
CA THR A 45 4.73 -39.20 -33.02
C THR A 45 5.91 -38.23 -33.10
N ASN A 46 7.15 -38.71 -32.94
CA ASN A 46 8.34 -37.86 -32.93
C ASN A 46 8.26 -36.85 -31.78
N GLU A 47 8.09 -37.39 -30.58
CA GLU A 47 7.95 -36.61 -29.35
C GLU A 47 8.86 -37.17 -28.27
N VAL A 48 9.53 -36.28 -27.52
CA VAL A 48 10.38 -36.67 -26.40
C VAL A 48 10.00 -35.85 -25.18
N ASP A 49 10.10 -36.49 -24.02
CA ASP A 49 9.88 -35.84 -22.73
C ASP A 49 11.22 -35.85 -22.00
N VAL A 50 11.79 -34.67 -21.76
CA VAL A 50 13.18 -34.53 -21.38
C VAL A 50 13.28 -33.63 -20.15
N VAL A 51 14.22 -33.97 -19.27
CA VAL A 51 14.55 -33.17 -18.10
C VAL A 51 15.95 -32.60 -18.30
N PHE A 52 16.11 -31.30 -18.10
CA PHE A 52 17.38 -30.65 -18.36
C PHE A 52 17.57 -29.45 -17.43
N TRP A 53 18.83 -29.11 -17.17
CA TRP A 53 19.19 -27.90 -16.46
C TRP A 53 19.48 -26.82 -17.49
N GLN A 54 18.66 -25.76 -17.49
CA GLN A 54 18.78 -24.67 -18.45
C GLN A 54 19.71 -23.60 -17.88
N GLN A 55 21.00 -23.84 -18.04
CA GLN A 55 22.00 -22.87 -17.59
C GLN A 55 21.84 -21.59 -18.40
N THR A 56 21.29 -20.55 -17.77
CA THR A 56 21.04 -19.28 -18.42
C THR A 56 21.88 -18.23 -17.70
N THR A 57 22.62 -17.43 -18.46
CA THR A 57 23.54 -16.47 -17.87
C THR A 57 23.49 -15.15 -18.62
N TRP A 58 23.44 -14.06 -17.86
CA TRP A 58 23.54 -12.72 -18.40
C TRP A 58 24.10 -11.80 -17.32
N SER A 59 24.40 -10.57 -17.71
CA SER A 59 24.95 -9.56 -16.80
C SER A 59 23.94 -8.43 -16.61
N ASP A 60 23.65 -8.10 -15.35
CA ASP A 60 22.72 -7.01 -15.03
C ASP A 60 23.36 -6.14 -13.95
N ARG A 61 24.11 -5.13 -14.38
CA ARG A 61 24.83 -4.29 -13.43
C ARG A 61 23.93 -3.42 -12.56
N THR A 62 22.63 -3.30 -12.86
CA THR A 62 21.76 -2.57 -11.93
C THR A 62 21.68 -3.26 -10.58
N LEU A 63 22.15 -4.50 -10.47
CA LEU A 63 22.18 -5.28 -9.24
C LEU A 63 23.51 -5.17 -8.51
N ALA A 64 24.55 -4.65 -9.16
CA ALA A 64 25.90 -4.78 -8.65
C ALA A 64 26.07 -4.05 -7.33
N TRP A 65 27.12 -4.42 -6.60
CA TRP A 65 27.47 -3.74 -5.36
C TRP A 65 28.98 -3.80 -5.20
N ASN A 66 29.51 -2.83 -4.46
CA ASN A 66 30.94 -2.77 -4.20
C ASN A 66 31.27 -3.86 -3.20
N SER A 67 32.04 -4.85 -3.63
CA SER A 67 32.22 -6.05 -2.83
C SER A 67 33.48 -5.94 -1.98
N SER A 68 33.43 -5.00 -1.02
CA SER A 68 34.52 -4.85 -0.07
C SER A 68 34.57 -6.11 0.79
N HIS A 69 34.49 -5.96 2.11
CA HIS A 69 34.23 -7.09 2.98
C HIS A 69 32.75 -7.41 2.92
N SER A 70 32.36 -8.01 1.80
CA SER A 70 30.97 -8.23 1.44
C SER A 70 30.90 -9.52 0.65
N PRO A 71 29.73 -10.15 0.58
CA PRO A 71 29.62 -11.40 -0.19
C PRO A 71 29.89 -11.16 -1.66
N ASP A 72 30.50 -12.15 -2.30
CA ASP A 72 30.78 -12.04 -3.73
C ASP A 72 29.56 -12.42 -4.55
N GLN A 73 28.63 -13.16 -3.96
CA GLN A 73 27.42 -13.61 -4.61
C GLN A 73 26.34 -13.79 -3.55
N VAL A 74 25.09 -13.65 -3.96
CA VAL A 74 23.94 -13.97 -3.12
C VAL A 74 22.98 -14.81 -3.95
N SER A 75 21.85 -15.18 -3.35
CA SER A 75 20.82 -15.97 -4.01
C SER A 75 19.53 -15.17 -4.00
N VAL A 76 18.99 -14.89 -5.19
CA VAL A 76 17.86 -13.96 -5.32
C VAL A 76 16.69 -14.66 -5.99
N PRO A 77 15.47 -14.51 -5.48
CA PRO A 77 14.30 -15.05 -6.18
C PRO A 77 14.06 -14.35 -7.51
N ILE A 78 13.63 -15.12 -8.50
CA ILE A 78 13.49 -14.60 -9.86
C ILE A 78 12.40 -13.54 -9.95
N SER A 79 11.54 -13.45 -8.93
CA SER A 79 10.53 -12.40 -8.87
C SER A 79 11.13 -11.02 -8.65
N SER A 80 12.31 -10.94 -8.05
CA SER A 80 12.99 -9.69 -7.82
C SER A 80 14.02 -9.38 -8.91
N LEU A 81 13.92 -10.01 -10.07
CA LEU A 81 14.92 -9.86 -11.11
C LEU A 81 14.27 -9.77 -12.48
N TRP A 82 15.01 -9.18 -13.41
CA TRP A 82 14.68 -9.34 -14.83
C TRP A 82 15.29 -10.67 -15.27
N VAL A 83 14.47 -11.54 -15.84
CA VAL A 83 14.95 -12.83 -16.35
C VAL A 83 14.61 -12.86 -17.84
N PRO A 84 15.53 -13.27 -18.71
CA PRO A 84 15.21 -13.26 -20.14
C PRO A 84 14.03 -14.18 -20.45
N ASP A 85 13.18 -13.72 -21.36
CA ASP A 85 11.94 -14.42 -21.66
C ASP A 85 12.18 -15.53 -22.68
N LEU A 86 13.12 -16.42 -22.37
CA LEU A 86 13.46 -17.50 -23.29
C LEU A 86 12.30 -18.49 -23.42
N ALA A 87 12.15 -19.06 -24.60
CA ALA A 87 11.12 -20.07 -24.82
C ALA A 87 11.63 -21.07 -25.85
N ALA A 88 11.40 -22.35 -25.59
CA ALA A 88 11.73 -23.38 -26.56
C ALA A 88 10.68 -23.36 -27.65
N TYR A 89 11.07 -22.94 -28.86
CA TYR A 89 10.11 -22.73 -29.94
C TYR A 89 9.39 -24.01 -30.32
N ASN A 90 10.03 -25.17 -30.13
CA ASN A 90 9.49 -26.45 -30.56
C ASN A 90 8.98 -27.29 -29.40
N ALA A 91 8.73 -26.68 -28.25
CA ALA A 91 8.20 -27.39 -27.10
C ALA A 91 6.70 -27.59 -27.27
N ILE A 92 6.20 -28.74 -26.82
CA ILE A 92 4.79 -29.06 -26.92
C ILE A 92 4.12 -29.18 -25.55
N SER A 93 4.80 -28.76 -24.49
CA SER A 93 4.22 -28.72 -23.16
C SER A 93 4.80 -27.54 -22.40
N LYS A 94 4.09 -27.14 -21.35
CA LYS A 94 4.60 -26.11 -20.47
C LYS A 94 5.86 -26.60 -19.77
N PRO A 95 6.88 -25.75 -19.63
CA PRO A 95 8.08 -26.14 -18.89
C PRO A 95 7.76 -26.35 -17.41
N GLU A 96 8.04 -27.55 -16.91
CA GLU A 96 7.83 -27.87 -15.50
C GLU A 96 9.18 -27.72 -14.81
N VAL A 97 9.34 -26.64 -14.06
CA VAL A 97 10.60 -26.34 -13.39
C VAL A 97 10.62 -27.09 -12.06
N LEU A 98 11.65 -27.93 -11.86
CA LEU A 98 11.65 -28.83 -10.72
C LEU A 98 12.25 -28.23 -9.45
N THR A 99 13.15 -27.27 -9.58
CA THR A 99 13.89 -26.71 -8.46
C THR A 99 13.30 -25.38 -8.05
N PRO A 100 13.65 -24.87 -6.86
CA PRO A 100 13.21 -23.51 -6.52
C PRO A 100 13.76 -22.47 -7.48
N GLN A 101 12.95 -21.46 -7.72
CA GLN A 101 13.24 -20.44 -8.73
C GLN A 101 14.06 -19.28 -8.14
N LEU A 102 15.24 -19.63 -7.66
CA LEU A 102 16.22 -18.65 -7.21
C LEU A 102 17.30 -18.53 -8.28
N ALA A 103 17.85 -17.33 -8.40
CA ALA A 103 18.98 -17.09 -9.29
C ALA A 103 20.21 -16.67 -8.50
N ARG A 104 21.37 -16.90 -9.09
CA ARG A 104 22.64 -16.55 -8.46
C ARG A 104 23.13 -15.24 -9.03
N VAL A 105 23.43 -14.29 -8.16
CA VAL A 105 23.82 -12.95 -8.55
C VAL A 105 25.24 -12.69 -8.04
N VAL A 106 26.11 -12.27 -8.94
CA VAL A 106 27.50 -11.97 -8.60
C VAL A 106 27.59 -10.48 -8.30
N SER A 107 28.57 -10.11 -7.47
CA SER A 107 28.69 -8.73 -7.02
C SER A 107 28.81 -7.75 -8.18
N ASP A 108 29.34 -8.19 -9.32
CA ASP A 108 29.49 -7.33 -10.49
C ASP A 108 28.23 -7.23 -11.34
N GLY A 109 27.18 -7.99 -11.03
CA GLY A 109 25.95 -7.96 -11.80
C GLY A 109 25.70 -9.18 -12.66
N GLU A 110 26.63 -10.11 -12.74
CA GLU A 110 26.39 -11.35 -13.48
C GLU A 110 25.31 -12.16 -12.78
N VAL A 111 24.38 -12.73 -13.55
CA VAL A 111 23.29 -13.51 -12.99
C VAL A 111 23.32 -14.90 -13.62
N LEU A 112 23.15 -15.93 -12.77
CA LEU A 112 23.04 -17.31 -13.22
C LEU A 112 21.75 -17.93 -12.70
N TYR A 113 20.83 -18.21 -13.60
CA TYR A 113 19.61 -18.94 -13.26
C TYR A 113 19.67 -20.23 -14.06
N MET A 114 19.77 -21.38 -13.37
CA MET A 114 19.91 -22.68 -14.02
C MET A 114 18.90 -23.61 -13.37
N PRO A 115 17.67 -23.63 -13.88
CA PRO A 115 16.63 -24.52 -13.33
C PRO A 115 16.57 -25.88 -13.99
N SER A 116 16.10 -26.85 -13.22
CA SER A 116 15.81 -28.19 -13.75
C SER A 116 14.39 -28.19 -14.33
N ILE A 117 14.27 -28.49 -15.62
CA ILE A 117 13.00 -28.38 -16.31
C ILE A 117 12.64 -29.70 -16.97
N ARG A 118 11.41 -30.17 -16.74
CA ARG A 118 10.84 -31.28 -17.48
C ARG A 118 9.93 -30.73 -18.56
N GLN A 119 10.24 -31.02 -19.81
CA GLN A 119 9.44 -30.46 -20.89
C GLN A 119 9.38 -31.47 -22.02
N ARG A 120 8.25 -31.46 -22.73
CA ARG A 120 8.03 -32.33 -23.88
C ARG A 120 8.26 -31.54 -25.15
N PHE A 121 8.86 -32.18 -26.15
CA PHE A 121 9.26 -31.49 -27.36
C PHE A 121 8.79 -32.25 -28.59
N SER A 122 8.68 -31.51 -29.69
CA SER A 122 8.47 -32.08 -31.02
C SER A 122 9.79 -31.96 -31.77
N CYS A 123 10.49 -33.10 -31.92
CA CYS A 123 11.78 -33.13 -32.58
C CYS A 123 11.97 -34.48 -33.25
N ASP A 124 13.15 -34.67 -33.84
CA ASP A 124 13.44 -35.84 -34.68
C ASP A 124 13.78 -37.04 -33.81
N VAL A 125 12.80 -37.93 -33.63
CA VAL A 125 13.02 -39.15 -32.87
C VAL A 125 13.37 -40.34 -33.76
N SER A 126 13.08 -40.26 -35.06
CA SER A 126 13.28 -41.39 -35.95
C SER A 126 14.74 -41.80 -35.98
N GLY A 127 14.99 -43.08 -35.73
CA GLY A 127 16.33 -43.60 -35.66
C GLY A 127 16.90 -43.76 -34.26
N VAL A 128 16.06 -43.66 -33.24
CA VAL A 128 16.55 -43.73 -31.86
C VAL A 128 17.00 -45.15 -31.51
N ASP A 129 16.43 -46.16 -32.16
CA ASP A 129 16.82 -47.53 -31.86
C ASP A 129 17.99 -48.03 -32.69
N THR A 130 18.43 -47.26 -33.69
CA THR A 130 19.60 -47.66 -34.46
C THR A 130 20.86 -47.28 -33.68
N GLU A 131 22.03 -47.60 -34.23
CA GLU A 131 23.23 -47.51 -33.42
C GLU A 131 23.74 -46.07 -33.21
N SER A 132 23.91 -45.32 -34.29
CA SER A 132 24.42 -43.95 -34.12
C SER A 132 23.36 -43.00 -33.57
N GLY A 133 22.11 -43.45 -33.53
CA GLY A 133 21.04 -42.75 -32.82
C GLY A 133 20.38 -41.66 -33.62
N ALA A 134 19.30 -41.13 -33.04
CA ALA A 134 18.58 -40.00 -33.60
C ALA A 134 19.04 -38.72 -32.93
N THR A 135 18.96 -37.61 -33.68
CA THR A 135 19.35 -36.29 -33.20
C THR A 135 18.12 -35.39 -33.14
N CYS A 136 17.80 -34.93 -31.92
CA CYS A 136 16.61 -34.14 -31.65
C CYS A 136 17.04 -32.71 -31.34
N ARG A 137 16.58 -31.75 -32.14
CA ARG A 137 16.97 -30.35 -32.03
C ARG A 137 15.95 -29.55 -31.21
N ILE A 138 16.45 -28.74 -30.28
CA ILE A 138 15.64 -27.86 -29.45
C ILE A 138 16.05 -26.42 -29.74
N LYS A 139 15.06 -25.60 -30.12
CA LYS A 139 15.30 -24.19 -30.43
C LYS A 139 14.77 -23.32 -29.31
N ILE A 140 15.67 -22.64 -28.61
CA ILE A 140 15.33 -21.79 -27.47
C ILE A 140 15.78 -20.37 -27.79
N GLY A 141 14.90 -19.40 -27.58
CA GLY A 141 15.25 -18.02 -27.82
C GLY A 141 14.26 -17.08 -27.17
N SER A 142 14.63 -15.81 -27.11
CA SER A 142 13.75 -14.81 -26.52
C SER A 142 12.45 -14.74 -27.30
N TRP A 143 11.34 -14.63 -26.58
CA TRP A 143 10.04 -14.65 -27.23
C TRP A 143 9.62 -13.27 -27.76
N THR A 144 10.06 -12.20 -27.11
CA THR A 144 9.68 -10.85 -27.53
C THR A 144 10.85 -9.96 -27.93
N HIS A 145 12.03 -10.15 -27.35
CA HIS A 145 13.16 -9.27 -27.60
C HIS A 145 13.90 -9.72 -28.85
N HIS A 146 14.22 -8.77 -29.72
CA HIS A 146 14.88 -9.09 -30.97
C HIS A 146 16.40 -8.99 -30.82
N SER A 147 17.11 -9.01 -31.95
CA SER A 147 18.56 -9.22 -31.91
C SER A 147 19.29 -8.05 -31.25
N ARG A 148 18.74 -6.84 -31.35
CA ARG A 148 19.39 -5.67 -30.76
C ARG A 148 19.13 -5.54 -29.25
N GLU A 149 18.18 -6.29 -28.70
CA GLU A 149 17.86 -6.22 -27.28
C GLU A 149 18.36 -7.41 -26.48
N ILE A 150 18.09 -8.63 -26.92
CA ILE A 150 18.64 -9.83 -26.31
C ILE A 150 19.41 -10.60 -27.38
N SER A 151 20.68 -10.85 -27.11
CA SER A 151 21.53 -11.68 -27.96
C SER A 151 21.84 -12.98 -27.24
N VAL A 152 21.49 -14.10 -27.87
CA VAL A 152 21.66 -15.42 -27.30
C VAL A 152 22.95 -16.03 -27.86
N ASP A 153 23.72 -16.68 -27.01
CA ASP A 153 24.98 -17.26 -27.43
C ASP A 153 25.19 -18.60 -26.76
N PRO A 154 25.59 -19.64 -27.50
CA PRO A 154 25.91 -20.90 -26.83
C PRO A 154 27.23 -20.76 -26.13
N THR A 155 27.49 -21.64 -25.17
CA THR A 155 28.67 -21.49 -24.33
C THR A 155 29.86 -22.31 -24.79
N THR A 156 29.70 -23.18 -25.79
CA THR A 156 30.75 -23.98 -26.41
C THR A 156 31.99 -24.18 -25.53
N GLU A 157 31.80 -24.71 -24.32
CA GLU A 157 32.88 -24.94 -23.38
C GLU A 157 32.85 -26.31 -22.73
N ASN A 158 31.69 -26.95 -22.59
CA ASN A 158 31.58 -28.25 -21.94
C ASN A 158 31.96 -29.35 -22.93
N ASP A 161 27.00 -32.11 -22.62
CA ASP A 161 26.72 -33.05 -21.54
C ASP A 161 27.43 -34.38 -21.68
N SER A 162 26.85 -35.39 -21.02
CA SER A 162 27.37 -36.74 -20.78
C SER A 162 28.16 -36.79 -19.48
N GLU A 163 27.70 -36.04 -18.47
CA GLU A 163 28.32 -36.07 -17.15
C GLU A 163 27.26 -35.78 -16.09
N TYR A 164 26.15 -35.16 -16.49
CA TYR A 164 25.00 -34.96 -15.61
C TYR A 164 23.81 -35.77 -16.07
N PHE A 165 23.98 -36.62 -17.07
CA PHE A 165 22.89 -37.44 -17.58
C PHE A 165 22.68 -38.62 -16.63
N SER A 166 21.42 -38.97 -16.42
CA SER A 166 21.09 -40.01 -15.45
C SER A 166 21.65 -41.35 -15.87
N GLN A 167 22.43 -41.97 -14.97
CA GLN A 167 22.97 -43.30 -15.20
C GLN A 167 21.90 -44.38 -15.24
N TYR A 168 20.66 -44.04 -14.89
CA TYR A 168 19.55 -44.97 -14.81
C TYR A 168 18.56 -44.80 -15.94
N SER A 169 18.81 -43.84 -16.84
CA SER A 169 17.96 -43.64 -18.01
C SER A 169 18.05 -44.82 -18.96
N ARG A 170 16.93 -45.10 -19.62
CA ARG A 170 16.90 -46.10 -20.69
C ARG A 170 17.75 -45.69 -21.89
N PHE A 171 18.14 -44.43 -21.97
CA PHE A 171 18.85 -43.89 -23.12
C PHE A 171 20.22 -43.39 -22.70
N GLU A 172 21.07 -43.17 -23.69
CA GLU A 172 22.42 -42.67 -23.47
C GLU A 172 22.69 -41.55 -24.46
N ILE A 173 23.37 -40.51 -23.99
CA ILE A 173 23.64 -39.35 -24.83
C ILE A 173 24.88 -39.64 -25.67
N LEU A 174 24.80 -39.29 -26.95
CA LEU A 174 25.93 -39.44 -27.86
C LEU A 174 26.66 -38.13 -28.09
N ASP A 175 25.94 -37.04 -28.35
CA ASP A 175 26.57 -35.75 -28.58
C ASP A 175 25.57 -34.64 -28.29
N VAL A 176 26.09 -33.49 -27.85
CA VAL A 176 25.30 -32.28 -27.65
C VAL A 176 26.05 -31.14 -28.30
N THR A 177 25.52 -30.63 -29.41
CA THR A 177 26.09 -29.51 -30.15
C THR A 177 25.12 -28.33 -30.17
N GLN A 178 25.64 -27.13 -30.01
CA GLN A 178 24.85 -25.90 -29.97
C GLN A 178 25.32 -24.92 -31.03
N LYS A 179 24.43 -24.58 -31.97
CA LYS A 179 24.68 -23.57 -32.98
C LYS A 179 23.65 -22.46 -32.79
N LYS A 180 23.97 -21.27 -33.33
CA LYS A 180 23.14 -20.09 -33.17
C LYS A 180 22.29 -19.85 -34.41
N ASN A 181 21.08 -19.33 -34.19
CA ASN A 181 20.13 -19.04 -35.27
C ASN A 181 19.66 -17.60 -35.17
N SER A 182 19.10 -17.11 -36.28
CA SER A 182 18.53 -15.77 -36.36
C SER A 182 17.39 -15.78 -37.35
N VAL A 183 16.19 -15.44 -36.91
CA VAL A 183 15.04 -15.47 -37.80
C VAL A 183 14.58 -14.05 -38.02
N THR A 184 14.00 -13.82 -39.19
CA THR A 184 13.32 -12.58 -39.50
C THR A 184 11.90 -12.98 -39.84
N TYR A 185 10.95 -12.50 -39.06
CA TYR A 185 9.60 -12.97 -39.24
C TYR A 185 8.87 -12.07 -40.24
N SER A 186 7.88 -12.65 -40.92
CA SER A 186 7.21 -11.99 -42.04
C SER A 186 6.46 -10.71 -41.68
N CYS A 187 6.43 -10.33 -40.42
CA CYS A 187 5.67 -9.14 -40.07
C CYS A 187 6.54 -7.88 -40.02
N CYS A 188 7.69 -7.98 -39.38
CA CYS A 188 8.38 -6.84 -38.84
C CYS A 188 9.85 -7.07 -39.15
N PRO A 189 10.57 -6.04 -39.63
CA PRO A 189 11.92 -6.29 -40.17
C PRO A 189 12.99 -6.47 -39.10
N GLU A 190 12.58 -7.04 -37.97
CA GLU A 190 13.42 -7.40 -36.84
C GLU A 190 14.11 -8.75 -37.07
N ALA A 191 15.15 -9.01 -36.28
CA ALA A 191 15.82 -10.30 -36.27
C ALA A 191 15.65 -10.89 -34.87
N TYR A 192 15.09 -12.10 -34.80
CA TYR A 192 14.82 -12.75 -33.52
C TYR A 192 15.74 -13.96 -33.39
N GLU A 193 16.55 -13.98 -32.34
CA GLU A 193 17.60 -14.98 -32.17
C GLU A 193 17.14 -16.14 -31.31
N ASP A 194 17.57 -17.35 -31.69
CA ASP A 194 17.32 -18.56 -30.94
C ASP A 194 18.57 -19.44 -31.00
N VAL A 195 18.77 -20.23 -29.95
CA VAL A 195 19.83 -21.24 -29.89
C VAL A 195 19.24 -22.59 -30.25
N GLU A 196 19.92 -23.31 -31.16
CA GLU A 196 19.48 -24.62 -31.61
C GLU A 196 20.38 -25.66 -30.96
N VAL A 197 19.80 -26.45 -30.04
CA VAL A 197 20.53 -27.45 -29.28
C VAL A 197 20.22 -28.81 -29.89
N SER A 198 21.25 -29.45 -30.45
CA SER A 198 21.12 -30.75 -31.08
C SER A 198 21.44 -31.85 -30.08
N LEU A 199 20.46 -32.71 -29.82
CA LEU A 199 20.59 -33.79 -28.84
C LEU A 199 20.72 -35.11 -29.58
N ASN A 200 21.93 -35.66 -29.59
CA ASN A 200 22.20 -36.95 -30.22
C ASN A 200 22.11 -38.02 -29.14
N PHE A 201 21.10 -38.88 -29.25
CA PHE A 201 20.85 -39.88 -28.22
C PHE A 201 20.30 -41.14 -28.85
N ARG A 202 20.39 -42.25 -28.12
CA ARG A 202 19.86 -43.52 -28.56
C ARG A 202 19.42 -44.34 -27.37
N LYS A 203 18.68 -45.40 -27.64
CA LYS A 203 18.40 -46.39 -26.61
C LYS A 203 19.65 -47.24 -26.37
N LYS A 204 19.76 -47.77 -25.15
CA LYS A 204 20.90 -48.62 -24.83
C LYS A 204 20.63 -50.06 -25.27
N LEU B 1 12.93 9.73 -22.57
CA LEU B 1 12.68 8.53 -21.80
C LEU B 1 13.59 7.38 -22.22
N ASP B 2 13.88 6.49 -21.27
CA ASP B 2 14.50 5.22 -21.56
C ASP B 2 13.57 4.13 -21.02
N ARG B 3 13.87 2.87 -21.34
CA ARG B 3 12.96 1.76 -21.08
C ARG B 3 12.36 1.77 -19.67
N ALA B 4 13.19 2.00 -18.64
CA ALA B 4 12.68 1.98 -17.27
C ALA B 4 11.56 3.01 -17.08
N ASP B 5 11.66 4.17 -17.72
CA ASP B 5 10.62 5.19 -17.58
C ASP B 5 9.33 4.74 -18.25
N ILE B 6 9.43 4.20 -19.47
CA ILE B 6 8.24 3.75 -20.20
C ILE B 6 7.54 2.64 -19.44
N LEU B 7 8.29 1.63 -19.00
CA LEU B 7 7.68 0.50 -18.30
C LEU B 7 7.15 0.91 -16.94
N TYR B 8 7.76 1.90 -16.30
CA TYR B 8 7.17 2.51 -15.12
C TYR B 8 5.85 3.18 -15.50
N ASN B 9 5.88 4.01 -16.55
CA ASN B 9 4.69 4.72 -16.99
C ASN B 9 3.56 3.78 -17.38
N ILE B 10 3.87 2.70 -18.11
CA ILE B 10 2.82 1.78 -18.55
C ILE B 10 2.22 1.03 -17.37
N ARG B 11 3.07 0.54 -16.47
CA ARG B 11 2.58 -0.19 -15.30
C ARG B 11 1.62 0.65 -14.45
N GLN B 12 1.98 1.90 -14.19
CA GLN B 12 1.24 2.69 -13.22
C GLN B 12 0.01 3.39 -13.80
N THR B 13 -0.10 3.50 -15.13
CA THR B 13 -1.23 4.20 -15.71
C THR B 13 -2.13 3.32 -16.55
N SER B 14 -1.66 2.14 -16.93
CA SER B 14 -2.47 1.22 -17.72
C SER B 14 -3.68 0.77 -16.92
N ARG B 15 -4.84 0.81 -17.58
CA ARG B 15 -6.08 0.33 -17.00
C ARG B 15 -6.35 -1.07 -17.52
N PRO B 16 -5.77 -2.11 -16.92
CA PRO B 16 -5.83 -3.44 -17.55
C PRO B 16 -7.24 -3.95 -17.67
N ASP B 17 -8.13 -3.51 -16.78
CA ASP B 17 -9.53 -3.92 -16.81
C ASP B 17 -10.33 -3.16 -17.86
N VAL B 18 -9.80 -2.05 -18.37
CA VAL B 18 -10.53 -1.12 -19.24
C VAL B 18 -10.17 -1.38 -20.71
N ILE B 19 -11.19 -1.55 -21.54
CA ILE B 19 -11.03 -1.64 -22.99
C ILE B 19 -10.67 -0.27 -23.55
N PRO B 20 -9.64 -0.17 -24.42
CA PRO B 20 -9.22 1.12 -25.00
C PRO B 20 -9.94 1.48 -26.30
N THR B 21 -11.24 1.69 -26.19
CA THR B 21 -12.04 2.17 -27.32
C THR B 21 -11.80 3.65 -27.55
N GLN B 22 -11.73 4.05 -28.82
CA GLN B 22 -11.48 5.43 -29.20
C GLN B 22 -12.74 6.03 -29.79
N ARG B 23 -13.24 7.09 -29.14
CA ARG B 23 -14.41 7.85 -29.61
C ARG B 23 -15.60 6.94 -29.96
N ASP B 24 -15.86 6.00 -29.05
CA ASP B 24 -16.90 4.98 -29.21
C ASP B 24 -16.76 4.20 -30.53
N ARG B 25 -15.54 3.76 -30.81
CA ARG B 25 -15.38 2.81 -31.89
C ARG B 25 -14.79 1.51 -31.34
N PRO B 26 -15.06 0.37 -31.97
CA PRO B 26 -14.57 -0.90 -31.44
C PRO B 26 -13.06 -1.02 -31.62
N VAL B 27 -12.44 -1.81 -30.75
CA VAL B 27 -11.00 -2.02 -30.86
C VAL B 27 -10.77 -3.04 -31.96
N ALA B 28 -10.05 -2.64 -33.00
CA ALA B 28 -9.79 -3.50 -34.15
C ALA B 28 -8.77 -4.53 -33.74
N VAL B 29 -9.23 -5.74 -33.45
CA VAL B 29 -8.37 -6.84 -33.04
C VAL B 29 -8.11 -7.72 -34.25
N SER B 30 -6.82 -8.00 -34.51
CA SER B 30 -6.38 -8.79 -35.64
C SER B 30 -5.89 -10.14 -35.14
N VAL B 31 -6.58 -11.20 -35.54
CA VAL B 31 -6.27 -12.57 -35.11
C VAL B 31 -5.80 -13.36 -36.32
N SER B 32 -4.61 -13.97 -36.20
CA SER B 32 -4.11 -14.93 -37.18
C SER B 32 -3.41 -16.05 -36.43
N LEU B 33 -3.89 -17.28 -36.61
CA LEU B 33 -3.28 -18.44 -35.98
C LEU B 33 -2.15 -18.98 -36.86
N LYS B 34 -0.94 -19.01 -36.31
CA LYS B 34 0.17 -19.70 -36.96
C LYS B 34 0.25 -21.09 -36.36
N PHE B 35 -0.13 -22.09 -37.15
CA PHE B 35 -0.21 -23.45 -36.64
C PHE B 35 1.18 -24.06 -36.56
N ILE B 36 1.48 -24.71 -35.43
CA ILE B 36 2.80 -25.23 -35.16
C ILE B 36 2.82 -26.75 -35.17
N ASN B 37 1.77 -27.38 -34.63
CA ASN B 37 1.79 -28.83 -34.50
C ASN B 37 0.40 -29.36 -34.20
N ILE B 38 0.11 -30.55 -34.73
CA ILE B 38 -1.05 -31.33 -34.35
C ILE B 38 -0.53 -32.64 -33.79
N LEU B 39 -0.84 -32.92 -32.53
CA LEU B 39 -0.22 -34.01 -31.77
C LEU B 39 -1.13 -35.23 -31.72
N GLU B 40 -2.32 -35.08 -31.14
CA GLU B 40 -3.31 -36.15 -31.06
C GLU B 40 -4.56 -35.78 -31.84
N VAL B 41 -4.91 -36.63 -32.80
CA VAL B 41 -6.14 -36.51 -33.57
C VAL B 41 -6.95 -37.79 -33.36
N ASN B 42 -8.26 -37.65 -33.17
CA ASN B 42 -9.13 -38.79 -32.89
C ASN B 42 -10.38 -38.66 -33.75
N GLU B 43 -10.52 -39.53 -34.75
CA GLU B 43 -11.65 -39.49 -35.68
C GLU B 43 -12.93 -40.00 -35.05
N ILE B 44 -12.85 -40.79 -33.99
CA ILE B 44 -14.06 -41.32 -33.36
C ILE B 44 -14.75 -40.22 -32.56
N THR B 45 -13.99 -39.50 -31.75
CA THR B 45 -14.53 -38.42 -30.93
C THR B 45 -14.51 -37.07 -31.63
N ASN B 46 -13.82 -36.95 -32.77
CA ASN B 46 -13.69 -35.71 -33.53
C ASN B 46 -13.02 -34.63 -32.66
N GLU B 47 -11.82 -34.96 -32.17
CA GLU B 47 -11.06 -34.06 -31.31
C GLU B 47 -9.63 -33.95 -31.81
N VAL B 48 -9.08 -32.73 -31.76
CA VAL B 48 -7.72 -32.45 -32.15
C VAL B 48 -7.00 -31.73 -31.02
N ASP B 49 -5.72 -32.03 -30.85
CA ASP B 49 -4.84 -31.38 -29.89
C ASP B 49 -3.76 -30.64 -30.66
N VAL B 50 -3.75 -29.31 -30.56
CA VAL B 50 -2.99 -28.47 -31.48
C VAL B 50 -2.13 -27.49 -30.69
N VAL B 51 -0.94 -27.21 -31.22
CA VAL B 51 -0.06 -26.17 -30.70
C VAL B 51 0.05 -25.09 -31.77
N PHE B 52 -0.19 -23.84 -31.37
CA PHE B 52 -0.20 -22.75 -32.34
C PHE B 52 0.16 -21.43 -31.67
N TRP B 53 0.65 -20.50 -32.47
CA TRP B 53 0.89 -19.13 -32.02
C TRP B 53 -0.35 -18.31 -32.32
N GLN B 54 -0.97 -17.78 -31.26
CA GLN B 54 -2.19 -16.98 -31.41
C GLN B 54 -1.78 -15.52 -31.53
N GLN B 55 -1.32 -15.15 -32.73
CA GLN B 55 -0.88 -13.80 -33.04
C GLN B 55 -2.07 -12.83 -32.94
N THR B 56 -2.07 -11.99 -31.92
CA THR B 56 -3.13 -11.03 -31.68
C THR B 56 -2.56 -9.62 -31.72
N THR B 57 -3.26 -8.72 -32.43
CA THR B 57 -2.79 -7.35 -32.61
C THR B 57 -3.93 -6.37 -32.41
N TRP B 58 -3.67 -5.29 -31.66
CA TRP B 58 -4.65 -4.23 -31.50
C TRP B 58 -3.91 -2.92 -31.21
N SER B 59 -4.68 -1.83 -31.20
CA SER B 59 -4.17 -0.49 -30.94
C SER B 59 -4.72 0.02 -29.63
N ASP B 60 -3.82 0.51 -28.77
CA ASP B 60 -4.16 1.05 -27.45
C ASP B 60 -3.46 2.40 -27.30
N ARG B 61 -4.18 3.48 -27.62
CA ARG B 61 -3.58 4.81 -27.60
C ARG B 61 -3.16 5.24 -26.20
N THR B 62 -3.74 4.64 -25.16
CA THR B 62 -3.34 4.96 -23.79
C THR B 62 -1.92 4.50 -23.47
N LEU B 63 -1.34 3.63 -24.29
CA LEU B 63 0.01 3.14 -24.04
C LEU B 63 1.08 3.93 -24.78
N ALA B 64 0.69 4.75 -25.76
CA ALA B 64 1.63 5.39 -26.66
C ALA B 64 2.52 6.38 -25.91
N TRP B 65 3.67 6.68 -26.51
CA TRP B 65 4.57 7.70 -25.98
C TRP B 65 5.34 8.34 -27.12
N ASN B 66 5.79 9.57 -26.88
CA ASN B 66 6.60 10.29 -27.87
C ASN B 66 8.01 9.71 -27.88
N SER B 67 8.38 9.08 -28.99
CA SER B 67 9.63 8.34 -29.09
C SER B 67 10.73 9.07 -29.87
N SER B 68 10.91 10.37 -29.66
CA SER B 68 11.93 11.10 -30.41
C SER B 68 13.31 10.53 -30.14
N HIS B 69 13.77 10.61 -28.89
CA HIS B 69 15.01 9.97 -28.47
C HIS B 69 14.75 8.91 -27.40
N SER B 70 13.97 7.88 -27.76
CA SER B 70 13.57 6.82 -26.85
C SER B 70 13.23 5.59 -27.69
N PRO B 71 13.18 4.41 -27.08
CA PRO B 71 12.92 3.19 -27.86
C PRO B 71 11.58 3.23 -28.59
N ASP B 72 11.54 2.54 -29.72
CA ASP B 72 10.34 2.49 -30.57
C ASP B 72 9.32 1.48 -30.06
N GLN B 73 9.74 0.51 -29.26
CA GLN B 73 8.87 -0.54 -28.77
C GLN B 73 9.39 -0.99 -27.42
N VAL B 74 8.49 -1.52 -26.59
CA VAL B 74 8.89 -2.12 -25.33
C VAL B 74 8.21 -3.48 -25.22
N SER B 75 8.57 -4.19 -24.15
CA SER B 75 8.00 -5.50 -23.85
C SER B 75 7.33 -5.38 -22.49
N VAL B 76 6.02 -5.62 -22.45
CA VAL B 76 5.23 -5.36 -21.27
C VAL B 76 4.57 -6.69 -20.87
N PRO B 77 4.58 -7.06 -19.59
CA PRO B 77 3.80 -8.22 -19.18
C PRO B 77 2.33 -7.93 -19.44
N ILE B 78 1.62 -8.93 -19.97
CA ILE B 78 0.23 -8.72 -20.38
C ILE B 78 -0.67 -8.45 -19.19
N SER B 79 -0.16 -8.65 -17.98
CA SER B 79 -0.88 -8.25 -16.78
C SER B 79 -0.91 -6.73 -16.62
N SER B 80 0.06 -6.01 -17.17
CA SER B 80 0.10 -4.56 -17.03
C SER B 80 -0.54 -3.81 -18.20
N LEU B 81 -1.32 -4.50 -19.02
CA LEU B 81 -2.02 -3.87 -20.13
C LEU B 81 -3.34 -4.62 -20.32
N TRP B 82 -4.28 -3.97 -21.01
CA TRP B 82 -5.51 -4.64 -21.40
C TRP B 82 -5.28 -5.52 -22.61
N VAL B 83 -5.73 -6.77 -22.51
CA VAL B 83 -5.66 -7.76 -23.58
C VAL B 83 -7.09 -8.18 -23.92
N PRO B 84 -7.46 -8.30 -25.20
CA PRO B 84 -8.83 -8.67 -25.54
C PRO B 84 -9.20 -10.04 -24.98
N ASP B 85 -10.45 -10.16 -24.53
CA ASP B 85 -10.95 -11.34 -23.85
C ASP B 85 -11.35 -12.44 -24.85
N LEU B 86 -10.40 -12.79 -25.71
CA LEU B 86 -10.65 -13.77 -26.75
C LEU B 86 -10.92 -15.15 -26.16
N ALA B 87 -11.78 -15.91 -26.85
CA ALA B 87 -12.09 -17.27 -26.44
C ALA B 87 -12.38 -18.09 -27.69
N ALA B 88 -11.81 -19.29 -27.76
CA ALA B 88 -12.11 -20.24 -28.82
C ALA B 88 -13.45 -20.90 -28.51
N TYR B 89 -14.47 -20.59 -29.33
CA TYR B 89 -15.82 -21.06 -29.03
C TYR B 89 -15.93 -22.58 -29.06
N ASN B 90 -15.10 -23.25 -29.84
CA ASN B 90 -15.19 -24.70 -30.04
C ASN B 90 -14.09 -25.47 -29.33
N ALA B 91 -13.46 -24.89 -28.32
CA ALA B 91 -12.42 -25.56 -27.56
C ALA B 91 -12.99 -26.45 -26.46
N ILE B 92 -12.32 -27.58 -26.20
CA ILE B 92 -12.73 -28.48 -25.13
C ILE B 92 -11.69 -28.58 -24.03
N SER B 93 -10.67 -27.72 -24.05
CA SER B 93 -9.71 -27.65 -22.95
C SER B 93 -9.25 -26.20 -22.79
N LYS B 94 -8.78 -25.88 -21.59
CA LYS B 94 -8.25 -24.56 -21.34
C LYS B 94 -6.95 -24.36 -22.14
N PRO B 95 -6.73 -23.15 -22.67
CA PRO B 95 -5.49 -22.89 -23.42
C PRO B 95 -4.26 -23.04 -22.53
N GLU B 96 -3.34 -23.89 -22.98
CA GLU B 96 -2.09 -24.15 -22.28
C GLU B 96 -1.05 -23.23 -22.91
N VAL B 97 -0.70 -22.15 -22.20
CA VAL B 97 0.22 -21.17 -22.75
C VAL B 97 1.64 -21.62 -22.48
N LEU B 98 2.40 -21.85 -23.56
CA LEU B 98 3.74 -22.41 -23.47
C LEU B 98 4.82 -21.34 -23.36
N THR B 99 4.54 -20.12 -23.82
CA THR B 99 5.49 -19.03 -23.88
C THR B 99 5.30 -18.05 -22.73
N PRO B 100 6.27 -17.16 -22.50
CA PRO B 100 6.09 -16.10 -21.51
C PRO B 100 4.91 -15.20 -21.81
N GLN B 101 4.33 -14.65 -20.74
CA GLN B 101 3.16 -13.80 -20.83
C GLN B 101 3.57 -12.35 -21.07
N LEU B 102 4.38 -12.11 -22.10
CA LEU B 102 4.79 -10.77 -22.50
C LEU B 102 4.16 -10.37 -23.83
N ALA B 103 3.87 -9.08 -23.96
CA ALA B 103 3.38 -8.47 -25.20
C ALA B 103 4.37 -7.42 -25.69
N ARG B 104 4.31 -7.14 -26.99
CA ARG B 104 5.10 -6.09 -27.64
C ARG B 104 4.25 -4.85 -27.84
N VAL B 105 4.72 -3.71 -27.35
CA VAL B 105 4.01 -2.45 -27.46
C VAL B 105 4.91 -1.47 -28.19
N VAL B 106 4.43 -0.90 -29.29
CA VAL B 106 5.18 0.07 -30.08
C VAL B 106 4.77 1.47 -29.66
N SER B 107 5.64 2.44 -29.94
CA SER B 107 5.47 3.81 -29.47
C SER B 107 4.14 4.42 -29.86
N ASP B 108 3.53 3.97 -30.96
CA ASP B 108 2.25 4.55 -31.37
C ASP B 108 1.05 3.94 -30.66
N GLY B 109 1.24 2.89 -29.87
CA GLY B 109 0.16 2.22 -29.18
C GLY B 109 -0.23 0.87 -29.73
N GLU B 110 0.36 0.42 -30.85
CA GLU B 110 0.06 -0.91 -31.35
C GLU B 110 0.59 -1.94 -30.37
N VAL B 111 -0.20 -2.98 -30.13
CA VAL B 111 0.19 -4.07 -29.22
C VAL B 111 0.12 -5.38 -29.98
N LEU B 112 1.15 -6.21 -29.82
CA LEU B 112 1.20 -7.54 -30.41
C LEU B 112 1.44 -8.58 -29.33
N TYR B 113 0.43 -9.41 -29.07
CA TYR B 113 0.55 -10.53 -28.14
C TYR B 113 0.38 -11.83 -28.92
N MET B 114 1.42 -12.66 -28.91
CA MET B 114 1.41 -13.91 -29.67
C MET B 114 1.90 -15.02 -28.74
N PRO B 115 1.01 -15.63 -27.97
CA PRO B 115 1.40 -16.77 -27.15
C PRO B 115 1.22 -18.10 -27.86
N SER B 116 2.05 -19.07 -27.46
CA SER B 116 1.92 -20.43 -27.95
C SER B 116 0.95 -21.20 -27.06
N ILE B 117 -0.09 -21.75 -27.67
CA ILE B 117 -1.18 -22.41 -26.97
C ILE B 117 -1.28 -23.84 -27.46
N ARG B 118 -1.26 -24.79 -26.53
CA ARG B 118 -1.60 -26.18 -26.82
C ARG B 118 -3.02 -26.40 -26.31
N GLN B 119 -3.95 -26.70 -27.22
CA GLN B 119 -5.35 -26.73 -26.82
C GLN B 119 -6.08 -27.80 -27.62
N ARG B 120 -7.11 -28.38 -27.01
CA ARG B 120 -7.94 -29.38 -27.66
C ARG B 120 -9.26 -28.77 -28.13
N PHE B 121 -9.72 -29.21 -29.30
CA PHE B 121 -10.92 -28.69 -29.93
C PHE B 121 -11.79 -29.86 -30.37
N SER B 122 -13.08 -29.59 -30.52
CA SER B 122 -14.01 -30.52 -31.15
C SER B 122 -14.33 -29.96 -32.54
N CYS B 123 -13.81 -30.61 -33.57
CA CYS B 123 -14.04 -30.17 -34.94
C CYS B 123 -14.06 -31.40 -35.84
N ASP B 124 -14.21 -31.18 -37.15
CA ASP B 124 -14.43 -32.28 -38.08
C ASP B 124 -13.12 -32.93 -38.45
N VAL B 125 -12.89 -34.11 -37.86
CA VAL B 125 -11.71 -34.92 -38.17
C VAL B 125 -11.99 -35.87 -39.33
N SER B 126 -13.25 -36.05 -39.70
CA SER B 126 -13.62 -37.01 -40.74
C SER B 126 -12.87 -36.71 -42.02
N GLY B 127 -12.14 -37.71 -42.53
CA GLY B 127 -11.35 -37.55 -43.71
C GLY B 127 -9.88 -37.28 -43.48
N VAL B 128 -9.38 -37.41 -42.25
CA VAL B 128 -7.99 -37.11 -41.97
C VAL B 128 -7.06 -38.11 -42.64
N ASP B 129 -7.55 -39.32 -42.92
CA ASP B 129 -6.74 -40.33 -43.55
C ASP B 129 -6.79 -40.28 -45.06
N THR B 130 -7.69 -39.47 -45.62
CA THR B 130 -7.85 -39.37 -47.06
C THR B 130 -6.82 -38.42 -47.67
N GLU B 131 -6.87 -38.30 -49.00
CA GLU B 131 -5.93 -37.47 -49.73
C GLU B 131 -6.26 -35.99 -49.59
N SER B 132 -7.54 -35.64 -49.75
CA SER B 132 -7.95 -34.25 -49.61
C SER B 132 -7.96 -33.79 -48.16
N GLY B 133 -7.85 -34.70 -47.20
CA GLY B 133 -7.61 -34.34 -45.82
C GLY B 133 -8.87 -33.96 -45.08
N ALA B 134 -8.70 -33.74 -43.78
CA ALA B 134 -9.76 -33.24 -42.92
C ALA B 134 -9.62 -31.73 -42.77
N THR B 135 -10.76 -31.06 -42.63
CA THR B 135 -10.81 -29.61 -42.44
C THR B 135 -11.43 -29.33 -41.07
N CYS B 136 -10.64 -28.73 -40.18
CA CYS B 136 -11.05 -28.47 -38.80
C CYS B 136 -11.31 -26.98 -38.63
N ARG B 137 -12.54 -26.62 -38.29
CA ARG B 137 -12.91 -25.21 -38.17
C ARG B 137 -12.79 -24.79 -36.71
N ILE B 138 -12.05 -23.70 -36.46
CA ILE B 138 -11.86 -23.15 -35.12
C ILE B 138 -12.38 -21.71 -35.14
N LYS B 139 -13.33 -21.41 -34.25
CA LYS B 139 -13.95 -20.10 -34.18
C LYS B 139 -13.47 -19.37 -32.94
N ILE B 140 -12.76 -18.26 -33.14
CA ILE B 140 -12.16 -17.49 -32.05
C ILE B 140 -12.75 -16.09 -32.04
N GLY B 141 -13.18 -15.64 -30.87
CA GLY B 141 -13.75 -14.31 -30.74
C GLY B 141 -13.82 -13.90 -29.29
N SER B 142 -14.06 -12.61 -29.08
CA SER B 142 -14.17 -12.06 -27.74
C SER B 142 -15.34 -12.70 -27.01
N TRP B 143 -15.15 -12.97 -25.73
CA TRP B 143 -16.17 -13.68 -24.95
C TRP B 143 -17.26 -12.75 -24.42
N THR B 144 -16.93 -11.50 -24.13
CA THR B 144 -17.91 -10.58 -23.54
C THR B 144 -18.21 -9.36 -24.40
N HIS B 145 -17.26 -8.90 -25.21
CA HIS B 145 -17.42 -7.68 -25.98
C HIS B 145 -18.10 -7.96 -27.32
N HIS B 146 -19.06 -7.10 -27.68
CA HIS B 146 -19.82 -7.24 -28.90
C HIS B 146 -19.17 -6.43 -30.04
N SER B 147 -19.88 -6.26 -31.17
CA SER B 147 -19.25 -5.77 -32.39
C SER B 147 -18.84 -4.30 -32.29
N ARG B 148 -19.58 -3.50 -31.53
CA ARG B 148 -19.25 -2.09 -31.40
C ARG B 148 -18.14 -1.86 -30.39
N GLU B 149 -17.74 -2.90 -29.67
CA GLU B 149 -16.67 -2.82 -28.68
C GLU B 149 -15.39 -3.48 -29.16
N ILE B 150 -15.46 -4.73 -29.66
CA ILE B 150 -14.33 -5.38 -30.30
C ILE B 150 -14.76 -5.88 -31.69
N SER B 151 -14.00 -5.47 -32.72
CA SER B 151 -14.17 -5.97 -34.08
C SER B 151 -12.96 -6.84 -34.43
N VAL B 152 -13.21 -8.10 -34.76
CA VAL B 152 -12.16 -9.07 -35.01
C VAL B 152 -12.00 -9.28 -36.52
N ASP B 153 -10.75 -9.27 -37.00
CA ASP B 153 -10.39 -9.40 -38.41
C ASP B 153 -9.08 -10.13 -38.63
N PRO B 154 -9.02 -11.02 -39.62
CA PRO B 154 -7.75 -11.68 -39.96
C PRO B 154 -6.78 -10.70 -40.61
N THR B 155 -5.51 -11.10 -40.74
CA THR B 155 -4.50 -10.22 -41.32
C THR B 155 -4.40 -10.45 -42.82
N ASP B 160 -0.21 -17.20 -45.15
CA ASP B 160 1.15 -17.68 -44.93
C ASP B 160 1.23 -18.41 -43.59
N ASP B 161 0.11 -19.05 -43.23
CA ASP B 161 -0.11 -19.54 -41.88
C ASP B 161 0.45 -20.95 -41.65
N SER B 162 1.02 -21.58 -42.67
CA SER B 162 1.59 -22.91 -42.55
C SER B 162 3.08 -22.87 -42.85
N GLU B 163 3.75 -21.82 -42.39
CA GLU B 163 5.17 -21.63 -42.59
C GLU B 163 5.98 -22.09 -41.39
N TYR B 164 5.33 -22.24 -40.24
CA TYR B 164 6.01 -22.61 -39.00
C TYR B 164 5.56 -23.98 -38.49
N PHE B 165 4.84 -24.76 -39.29
CA PHE B 165 4.31 -26.03 -38.83
C PHE B 165 5.42 -27.06 -38.74
N SER B 166 5.38 -27.88 -37.69
CA SER B 166 6.46 -28.82 -37.41
C SER B 166 6.54 -29.88 -38.48
N GLN B 167 7.70 -29.93 -39.15
CA GLN B 167 7.99 -30.98 -40.13
C GLN B 167 8.32 -32.29 -39.43
N TYR B 168 7.57 -32.64 -38.38
CA TYR B 168 7.87 -33.83 -37.61
C TYR B 168 6.60 -34.47 -37.08
N SER B 169 5.47 -33.77 -37.25
CA SER B 169 4.18 -34.34 -36.89
C SER B 169 3.77 -35.41 -37.89
N ARG B 170 3.01 -36.39 -37.41
CA ARG B 170 2.41 -37.36 -38.31
C ARG B 170 1.42 -36.67 -39.26
N PHE B 171 1.16 -35.38 -39.05
CA PHE B 171 0.18 -34.67 -39.88
C PHE B 171 0.88 -33.56 -40.64
N GLU B 172 0.25 -33.12 -41.74
CA GLU B 172 0.78 -32.07 -42.60
C GLU B 172 -0.35 -31.16 -43.04
N ILE B 173 -0.05 -29.87 -43.17
CA ILE B 173 -1.06 -28.90 -43.56
C ILE B 173 -1.16 -28.89 -45.08
N LEU B 174 -2.40 -28.85 -45.58
CA LEU B 174 -2.68 -28.70 -47.01
C LEU B 174 -3.10 -27.29 -47.36
N ASP B 175 -4.02 -26.72 -46.57
CA ASP B 175 -4.56 -25.40 -46.82
C ASP B 175 -5.07 -24.82 -45.51
N VAL B 176 -4.96 -23.49 -45.37
CA VAL B 176 -5.51 -22.79 -44.21
C VAL B 176 -6.18 -21.52 -44.70
N THR B 177 -7.50 -21.45 -44.57
CA THR B 177 -8.28 -20.27 -44.95
C THR B 177 -8.95 -19.68 -43.71
N GLN B 178 -8.94 -18.35 -43.62
CA GLN B 178 -9.48 -17.62 -42.48
C GLN B 178 -10.59 -16.67 -42.91
N LYS B 179 -11.81 -16.91 -42.44
CA LYS B 179 -12.90 -15.97 -42.66
C LYS B 179 -13.39 -15.49 -41.31
N LYS B 180 -14.03 -14.33 -41.34
CA LYS B 180 -14.57 -13.71 -40.13
C LYS B 180 -16.09 -13.88 -40.13
N ASN B 181 -16.68 -14.00 -38.95
CA ASN B 181 -18.11 -14.15 -38.84
C ASN B 181 -18.65 -13.01 -38.00
N SER B 182 -19.95 -12.81 -38.09
CA SER B 182 -20.64 -11.81 -37.28
C SER B 182 -22.00 -12.40 -36.99
N VAL B 183 -22.28 -12.69 -35.73
CA VAL B 183 -23.52 -13.36 -35.37
C VAL B 183 -24.37 -12.40 -34.56
N THR B 184 -25.67 -12.51 -34.73
CA THR B 184 -26.65 -11.81 -33.91
C THR B 184 -27.59 -12.86 -33.35
N TYR B 185 -27.67 -12.92 -32.03
CA TYR B 185 -28.45 -13.96 -31.39
C TYR B 185 -29.87 -13.48 -31.11
N SER B 186 -30.79 -14.45 -31.03
CA SER B 186 -32.19 -14.17 -30.72
C SER B 186 -32.36 -13.61 -29.31
N CYS B 187 -31.29 -13.52 -28.53
CA CYS B 187 -31.31 -13.01 -27.18
C CYS B 187 -30.96 -11.53 -27.15
N CYS B 188 -30.02 -11.14 -28.00
CA CYS B 188 -29.19 -9.98 -27.73
C CYS B 188 -29.15 -9.18 -29.03
N PRO B 189 -29.56 -7.91 -29.01
CA PRO B 189 -29.69 -7.18 -30.27
C PRO B 189 -28.39 -6.55 -30.72
N GLU B 190 -27.29 -7.16 -30.30
CA GLU B 190 -25.95 -6.73 -30.68
C GLU B 190 -25.35 -7.83 -31.53
N ALA B 191 -24.26 -7.49 -32.22
CA ALA B 191 -23.61 -8.40 -33.15
C ALA B 191 -22.29 -8.85 -32.56
N TYR B 192 -22.06 -10.16 -32.54
CA TYR B 192 -20.86 -10.74 -31.96
C TYR B 192 -19.99 -11.31 -33.07
N GLU B 193 -18.77 -10.78 -33.17
CA GLU B 193 -17.83 -11.11 -34.24
C GLU B 193 -16.84 -12.17 -33.80
N ASP B 194 -16.53 -13.11 -34.69
CA ASP B 194 -15.49 -14.11 -34.43
C ASP B 194 -14.74 -14.43 -35.72
N VAL B 195 -13.47 -14.82 -35.57
CA VAL B 195 -12.68 -15.32 -36.69
C VAL B 195 -12.74 -16.84 -36.70
N GLU B 196 -13.08 -17.40 -37.85
CA GLU B 196 -13.19 -18.84 -38.05
C GLU B 196 -12.04 -19.31 -38.92
N VAL B 197 -11.14 -20.11 -38.35
CA VAL B 197 -9.97 -20.62 -39.06
C VAL B 197 -10.25 -22.06 -39.48
N SER B 198 -10.31 -22.30 -40.78
CA SER B 198 -10.51 -23.63 -41.31
C SER B 198 -9.15 -24.26 -41.60
N LEU B 199 -8.84 -25.35 -40.90
CA LEU B 199 -7.52 -25.98 -40.95
C LEU B 199 -7.60 -27.29 -41.73
N ASN B 200 -7.01 -27.31 -42.93
CA ASN B 200 -6.94 -28.49 -43.79
C ASN B 200 -5.66 -29.27 -43.52
N PHE B 201 -5.79 -30.49 -43.02
CA PHE B 201 -4.66 -31.35 -42.67
C PHE B 201 -5.01 -32.80 -42.95
N ARG B 202 -3.97 -33.63 -43.06
CA ARG B 202 -4.16 -35.06 -43.30
C ARG B 202 -3.08 -35.86 -42.59
N LYS B 203 -3.31 -37.17 -42.49
CA LYS B 203 -2.37 -38.13 -41.92
C LYS B 203 -1.18 -38.40 -42.84
N LYS B 204 -0.04 -38.68 -42.23
CA LYS B 204 1.15 -39.15 -42.94
C LYS B 204 1.11 -40.68 -43.03
N LEU C 1 -18.71 8.48 -16.24
CA LEU C 1 -18.83 9.14 -17.53
C LEU C 1 -18.36 8.25 -18.66
N ASP C 2 -17.15 7.69 -18.51
CA ASP C 2 -16.61 6.76 -19.49
C ASP C 2 -16.33 5.39 -18.87
N ARG C 3 -16.05 4.44 -19.76
CA ARG C 3 -15.82 3.06 -19.36
C ARG C 3 -14.79 2.98 -18.23
N ALA C 4 -13.68 3.71 -18.38
CA ALA C 4 -12.62 3.69 -17.38
C ALA C 4 -13.12 4.15 -16.01
N ASP C 5 -13.99 5.17 -15.99
CA ASP C 5 -14.51 5.65 -14.71
C ASP C 5 -15.41 4.62 -14.05
N ILE C 6 -16.30 4.00 -14.83
CA ILE C 6 -17.20 3.00 -14.29
C ILE C 6 -16.42 1.86 -13.67
N LEU C 7 -15.44 1.33 -14.41
CA LEU C 7 -14.65 0.21 -13.91
C LEU C 7 -13.76 0.62 -12.75
N TYR C 8 -13.31 1.88 -12.73
CA TYR C 8 -12.64 2.40 -11.55
C TYR C 8 -13.60 2.46 -10.36
N ASN C 9 -14.77 3.06 -10.55
CA ASN C 9 -15.76 3.14 -9.48
C ASN C 9 -16.21 1.75 -9.04
N ILE C 10 -16.40 0.85 -10.00
CA ILE C 10 -16.84 -0.51 -9.67
C ILE C 10 -15.74 -1.24 -8.90
N ARG C 11 -14.49 -1.12 -9.36
CA ARG C 11 -13.38 -1.78 -8.67
C ARG C 11 -13.30 -1.33 -7.20
N GLN C 12 -13.47 -0.03 -6.94
CA GLN C 12 -13.25 0.50 -5.61
C GLN C 12 -14.44 0.36 -4.66
N THR C 13 -15.66 0.16 -5.18
CA THR C 13 -16.84 0.04 -4.33
C THR C 13 -17.53 -1.32 -4.41
N SER C 14 -17.21 -2.14 -5.42
CA SER C 14 -17.78 -3.48 -5.47
C SER C 14 -17.29 -4.23 -4.24
N ARG C 15 -18.23 -4.77 -3.48
CA ARG C 15 -17.87 -5.54 -2.30
C ARG C 15 -17.96 -7.02 -2.63
N PRO C 16 -16.90 -7.61 -3.18
CA PRO C 16 -17.02 -8.98 -3.71
C PRO C 16 -17.35 -10.00 -2.63
N ASP C 17 -16.96 -9.74 -1.38
CA ASP C 17 -17.28 -10.65 -0.29
C ASP C 17 -18.73 -10.52 0.17
N VAL C 18 -19.39 -9.43 -0.20
CA VAL C 18 -20.73 -9.10 0.28
C VAL C 18 -21.76 -9.52 -0.76
N ILE C 19 -22.70 -10.36 -0.35
CA ILE C 19 -23.88 -10.68 -1.17
C ILE C 19 -24.80 -9.48 -1.17
N PRO C 20 -25.33 -9.07 -2.33
CA PRO C 20 -26.17 -7.85 -2.33
C PRO C 20 -27.61 -8.14 -1.95
N THR C 21 -27.80 -8.56 -0.70
CA THR C 21 -29.15 -8.73 -0.20
C THR C 21 -29.70 -7.34 0.02
N GLN C 22 -30.86 -7.05 -0.57
CA GLN C 22 -31.47 -5.73 -0.49
C GLN C 22 -32.71 -5.84 0.38
N ARG C 23 -32.73 -5.04 1.43
CA ARG C 23 -33.78 -5.05 2.45
C ARG C 23 -34.00 -6.48 2.93
N ASP C 24 -32.90 -7.22 3.02
CA ASP C 24 -32.85 -8.62 3.46
C ASP C 24 -33.94 -9.51 2.85
N ARG C 25 -34.06 -9.42 1.54
CA ARG C 25 -34.83 -10.37 0.74
C ARG C 25 -33.85 -11.06 -0.20
N PRO C 26 -34.14 -12.29 -0.63
CA PRO C 26 -33.10 -13.08 -1.28
C PRO C 26 -32.65 -12.56 -2.64
N VAL C 27 -31.38 -12.83 -2.95
CA VAL C 27 -30.81 -12.46 -4.24
C VAL C 27 -31.22 -13.51 -5.24
N ALA C 28 -31.99 -13.10 -6.25
CA ALA C 28 -32.53 -14.00 -7.26
C ALA C 28 -31.45 -14.33 -8.28
N VAL C 29 -30.87 -15.53 -8.17
CA VAL C 29 -29.86 -16.01 -9.12
C VAL C 29 -30.53 -16.93 -10.12
N SER C 30 -30.32 -16.67 -11.41
CA SER C 30 -30.92 -17.47 -12.48
C SER C 30 -29.81 -18.24 -13.20
N VAL C 31 -29.84 -19.57 -13.06
CA VAL C 31 -28.83 -20.45 -13.63
C VAL C 31 -29.47 -21.35 -14.67
N SER C 32 -28.89 -21.38 -15.87
CA SER C 32 -29.28 -22.32 -16.91
C SER C 32 -28.04 -22.83 -17.64
N LEU C 33 -27.89 -24.14 -17.70
CA LEU C 33 -26.76 -24.77 -18.38
C LEU C 33 -27.09 -24.91 -19.87
N LYS C 34 -26.27 -24.30 -20.72
CA LYS C 34 -26.33 -24.52 -22.16
C LYS C 34 -25.27 -25.55 -22.51
N PHE C 35 -25.70 -26.77 -22.88
CA PHE C 35 -24.76 -27.85 -23.14
C PHE C 35 -24.12 -27.69 -24.51
N ILE C 36 -22.80 -27.85 -24.56
CA ILE C 36 -22.01 -27.61 -25.76
C ILE C 36 -21.38 -28.88 -26.30
N ASN C 37 -20.94 -29.79 -25.42
CA ASN C 37 -20.18 -30.96 -25.83
C ASN C 37 -20.21 -31.98 -24.71
N ILE C 38 -20.24 -33.26 -25.09
CA ILE C 38 -20.10 -34.39 -24.17
C ILE C 38 -18.90 -35.22 -24.63
N LEU C 39 -17.91 -35.41 -23.75
CA LEU C 39 -16.63 -35.94 -24.20
C LEU C 39 -16.42 -37.42 -23.89
N GLU C 40 -16.27 -37.79 -22.62
CA GLU C 40 -16.08 -39.19 -22.24
C GLU C 40 -17.25 -39.62 -21.36
N VAL C 41 -17.93 -40.68 -21.78
CA VAL C 41 -19.08 -41.24 -21.07
C VAL C 41 -18.75 -42.67 -20.64
N ASN C 42 -19.16 -43.00 -19.43
CA ASN C 42 -18.90 -44.33 -18.85
C ASN C 42 -20.17 -44.87 -18.21
N GLU C 43 -20.75 -45.89 -18.85
CA GLU C 43 -21.96 -46.51 -18.31
C GLU C 43 -21.64 -47.40 -17.12
N ILE C 44 -20.39 -47.83 -16.99
CA ILE C 44 -19.97 -48.69 -15.88
C ILE C 44 -19.80 -47.88 -14.61
N THR C 45 -19.06 -46.77 -14.68
CA THR C 45 -18.81 -45.95 -13.50
C THR C 45 -19.87 -44.88 -13.30
N ASN C 46 -20.74 -44.69 -14.29
CA ASN C 46 -21.79 -43.66 -14.25
C ASN C 46 -21.15 -42.27 -14.12
N GLU C 47 -20.25 -41.97 -15.04
CA GLU C 47 -19.51 -40.71 -15.09
C GLU C 47 -19.57 -40.14 -16.50
N VAL C 48 -19.77 -38.82 -16.59
CA VAL C 48 -19.74 -38.11 -17.86
C VAL C 48 -18.82 -36.90 -17.73
N ASP C 49 -18.11 -36.60 -18.81
CA ASP C 49 -17.24 -35.42 -18.91
C ASP C 49 -17.84 -34.51 -19.96
N VAL C 50 -18.32 -33.34 -19.54
CA VAL C 50 -19.20 -32.52 -20.36
C VAL C 50 -18.72 -31.07 -20.36
N VAL C 51 -18.93 -30.41 -21.49
CA VAL C 51 -18.71 -28.97 -21.64
C VAL C 51 -20.07 -28.31 -21.78
N PHE C 52 -20.33 -27.29 -20.98
CA PHE C 52 -21.65 -26.65 -20.92
C PHE C 52 -21.49 -25.18 -20.55
N TRP C 53 -22.44 -24.36 -20.99
CA TRP C 53 -22.48 -22.93 -20.66
C TRP C 53 -23.37 -22.65 -19.45
N GLN C 54 -22.76 -22.09 -18.40
CA GLN C 54 -23.47 -21.75 -17.17
C GLN C 54 -23.98 -20.31 -17.26
N GLN C 55 -25.12 -20.16 -17.93
CA GLN C 55 -25.77 -18.85 -17.99
C GLN C 55 -26.22 -18.46 -16.59
N THR C 56 -25.54 -17.50 -15.98
CA THR C 56 -25.83 -17.08 -14.61
C THR C 56 -26.25 -15.61 -14.63
N THR C 57 -27.34 -15.30 -13.95
CA THR C 57 -27.88 -13.94 -13.94
C THR C 57 -28.31 -13.58 -12.53
N TRP C 58 -27.92 -12.39 -12.09
CA TRP C 58 -28.39 -11.83 -10.83
C TRP C 58 -28.28 -10.32 -10.93
N SER C 59 -28.83 -9.63 -9.93
CA SER C 59 -28.75 -8.17 -9.87
C SER C 59 -27.91 -7.78 -8.67
N ASP C 60 -26.94 -6.90 -8.88
CA ASP C 60 -26.09 -6.39 -7.80
C ASP C 60 -26.13 -4.87 -7.94
N ARG C 61 -27.06 -4.25 -7.21
CA ARG C 61 -27.35 -2.82 -7.32
C ARG C 61 -26.18 -1.96 -6.86
N THR C 62 -25.20 -2.53 -6.15
CA THR C 62 -24.00 -1.80 -5.79
C THR C 62 -23.20 -1.40 -7.03
N LEU C 63 -23.51 -1.98 -8.19
CA LEU C 63 -22.81 -1.72 -9.43
C LEU C 63 -23.47 -0.64 -10.28
N ALA C 64 -24.69 -0.22 -9.95
CA ALA C 64 -25.46 0.60 -10.86
C ALA C 64 -24.80 1.97 -11.06
N TRP C 65 -25.10 2.59 -12.20
CA TRP C 65 -24.62 3.93 -12.50
C TRP C 65 -25.59 4.63 -13.45
N ASN C 66 -25.56 5.97 -13.42
CA ASN C 66 -26.40 6.78 -14.30
C ASN C 66 -25.88 6.75 -15.75
N SER C 67 -26.74 6.30 -16.66
CA SER C 67 -26.39 6.00 -18.04
C SER C 67 -26.66 7.17 -18.99
N SER C 68 -26.87 8.38 -18.46
CA SER C 68 -27.28 9.50 -19.30
C SER C 68 -26.30 9.75 -20.44
N HIS C 69 -25.04 10.03 -20.12
CA HIS C 69 -24.00 10.15 -21.14
C HIS C 69 -22.84 9.23 -20.79
N SER C 70 -23.14 7.93 -20.76
CA SER C 70 -22.24 6.92 -20.27
C SER C 70 -22.62 5.59 -20.90
N PRO C 71 -21.72 4.61 -20.89
CA PRO C 71 -22.04 3.30 -21.48
C PRO C 71 -23.22 2.62 -20.78
N ASP C 72 -23.95 1.83 -21.56
CA ASP C 72 -25.11 1.10 -21.07
C ASP C 72 -24.71 -0.20 -20.39
N GLN C 73 -23.53 -0.71 -20.70
CA GLN C 73 -23.01 -1.96 -20.13
C GLN C 73 -21.50 -1.87 -20.10
N VAL C 74 -20.89 -2.59 -19.16
CA VAL C 74 -19.45 -2.74 -19.14
C VAL C 74 -19.12 -4.22 -18.99
N SER C 75 -17.83 -4.51 -19.04
CA SER C 75 -17.30 -5.86 -18.89
C SER C 75 -16.37 -5.85 -17.69
N VAL C 76 -16.69 -6.65 -16.68
CA VAL C 76 -16.03 -6.57 -15.39
C VAL C 76 -15.43 -7.93 -15.08
N PRO C 77 -14.17 -7.99 -14.65
CA PRO C 77 -13.61 -9.25 -14.16
C PRO C 77 -14.27 -9.63 -12.84
N ILE C 78 -14.59 -10.93 -12.71
CA ILE C 78 -15.35 -11.40 -11.56
C ILE C 78 -14.57 -11.32 -10.26
N SER C 79 -13.26 -11.08 -10.32
CA SER C 79 -12.50 -10.89 -9.09
C SER C 79 -12.87 -9.57 -8.42
N SER C 80 -13.35 -8.60 -9.21
CA SER C 80 -13.85 -7.33 -8.72
C SER C 80 -15.36 -7.35 -8.59
N LEU C 81 -15.96 -8.53 -8.49
CA LEU C 81 -17.40 -8.68 -8.46
C LEU C 81 -17.79 -9.71 -7.42
N TRP C 82 -19.03 -9.61 -6.93
CA TRP C 82 -19.63 -10.70 -6.18
C TRP C 82 -20.22 -11.71 -7.17
N VAL C 83 -19.81 -12.96 -7.02
CA VAL C 83 -20.30 -14.06 -7.85
C VAL C 83 -20.96 -15.06 -6.90
N PRO C 84 -22.14 -15.57 -7.20
CA PRO C 84 -22.80 -16.53 -6.30
C PRO C 84 -21.94 -17.77 -6.12
N ASP C 85 -21.97 -18.33 -4.91
CA ASP C 85 -21.10 -19.44 -4.54
C ASP C 85 -21.68 -20.75 -5.06
N LEU C 86 -21.92 -20.78 -6.36
CA LEU C 86 -22.53 -21.94 -7.00
C LEU C 86 -21.61 -23.15 -6.97
N ALA C 87 -22.21 -24.33 -6.84
CA ALA C 87 -21.47 -25.58 -6.90
C ALA C 87 -22.38 -26.66 -7.46
N ALA C 88 -21.86 -27.46 -8.37
CA ALA C 88 -22.56 -28.65 -8.88
C ALA C 88 -22.44 -29.73 -7.82
N TYR C 89 -23.57 -30.10 -7.21
CA TYR C 89 -23.53 -30.96 -6.03
C TYR C 89 -22.90 -32.32 -6.32
N ASN C 90 -23.05 -32.83 -7.54
CA ASN C 90 -22.61 -34.19 -7.87
C ASN C 90 -21.37 -34.20 -8.76
N ALA C 91 -20.60 -33.13 -8.78
CA ALA C 91 -19.40 -33.09 -9.59
C ALA C 91 -18.29 -33.89 -8.92
N ILE C 92 -17.50 -34.59 -9.73
CA ILE C 92 -16.39 -35.39 -9.24
C ILE C 92 -15.06 -34.84 -9.75
N SER C 93 -15.07 -33.62 -10.29
CA SER C 93 -13.85 -32.92 -10.65
C SER C 93 -14.09 -31.44 -10.39
N LYS C 94 -13.01 -30.71 -10.16
CA LYS C 94 -13.10 -29.26 -10.00
C LYS C 94 -13.51 -28.62 -11.34
N PRO C 95 -14.37 -27.61 -11.31
CA PRO C 95 -14.76 -26.95 -12.58
C PRO C 95 -13.57 -26.29 -13.26
N GLU C 96 -13.35 -26.68 -14.52
CA GLU C 96 -12.25 -26.21 -15.35
C GLU C 96 -12.74 -25.06 -16.23
N VAL C 97 -12.27 -23.85 -15.94
CA VAL C 97 -12.74 -22.64 -16.61
C VAL C 97 -12.03 -22.46 -17.95
N LEU C 98 -12.82 -22.45 -19.03
CA LEU C 98 -12.27 -22.36 -20.38
C LEU C 98 -12.22 -20.92 -20.91
N THR C 99 -13.10 -20.05 -20.46
CA THR C 99 -13.22 -18.70 -21.00
C THR C 99 -12.56 -17.69 -20.09
N PRO C 100 -12.35 -16.47 -20.57
CA PRO C 100 -11.89 -15.39 -19.67
C PRO C 100 -12.91 -15.19 -18.56
N GLN C 101 -12.39 -14.86 -17.38
CA GLN C 101 -13.24 -14.80 -16.18
C GLN C 101 -13.87 -13.43 -15.99
N LEU C 102 -14.58 -12.93 -17.00
CA LEU C 102 -15.33 -11.70 -16.91
C LEU C 102 -16.83 -11.94 -16.96
N ALA C 103 -17.58 -11.07 -16.28
CA ALA C 103 -19.03 -11.03 -16.37
C ALA C 103 -19.42 -9.69 -17.00
N ARG C 104 -20.60 -9.66 -17.59
CA ARG C 104 -21.12 -8.44 -18.22
C ARG C 104 -22.06 -7.77 -17.24
N VAL C 105 -21.84 -6.49 -17.00
CA VAL C 105 -22.58 -5.74 -15.99
C VAL C 105 -23.39 -4.67 -16.69
N VAL C 106 -24.68 -4.64 -16.44
CA VAL C 106 -25.55 -3.66 -17.06
C VAL C 106 -25.64 -2.47 -16.12
N SER C 107 -25.86 -1.30 -16.71
CA SER C 107 -25.84 -0.06 -15.96
C SER C 107 -26.84 -0.03 -14.81
N ASP C 108 -27.94 -0.79 -14.92
CA ASP C 108 -28.95 -0.82 -13.87
C ASP C 108 -28.61 -1.76 -12.73
N GLY C 109 -27.53 -2.54 -12.85
CA GLY C 109 -27.12 -3.49 -11.85
C GLY C 109 -27.25 -4.95 -12.22
N GLU C 110 -27.87 -5.30 -13.35
CA GLU C 110 -27.93 -6.69 -13.76
C GLU C 110 -26.53 -7.18 -14.12
N VAL C 111 -26.22 -8.41 -13.71
CA VAL C 111 -24.92 -9.02 -13.99
C VAL C 111 -25.17 -10.30 -14.76
N LEU C 112 -24.39 -10.52 -15.81
CA LEU C 112 -24.48 -11.71 -16.66
C LEU C 112 -23.12 -12.38 -16.68
N TYR C 113 -23.00 -13.53 -16.01
CA TYR C 113 -21.77 -14.32 -15.97
C TYR C 113 -21.99 -15.71 -16.56
N MET C 114 -21.27 -16.01 -17.64
CA MET C 114 -21.41 -17.30 -18.32
C MET C 114 -20.05 -17.88 -18.70
N PRO C 115 -19.43 -18.67 -17.81
CA PRO C 115 -18.14 -19.31 -18.12
C PRO C 115 -18.28 -20.69 -18.75
N SER C 116 -17.26 -21.09 -19.54
CA SER C 116 -17.19 -22.44 -20.12
C SER C 116 -16.53 -23.40 -19.14
N ILE C 117 -17.25 -24.48 -18.81
CA ILE C 117 -16.85 -25.42 -17.78
C ILE C 117 -16.71 -26.81 -18.38
N ARG C 118 -15.55 -27.44 -18.20
CA ARG C 118 -15.38 -28.86 -18.47
C ARG C 118 -15.34 -29.59 -17.12
N GLN C 119 -16.32 -30.45 -16.87
CA GLN C 119 -16.46 -31.05 -15.54
C GLN C 119 -17.00 -32.47 -15.66
N ARG C 120 -16.60 -33.30 -14.68
CA ARG C 120 -17.08 -34.67 -14.57
C ARG C 120 -18.14 -34.77 -13.48
N PHE C 121 -19.14 -35.61 -13.72
CA PHE C 121 -20.27 -35.75 -12.82
C PHE C 121 -20.56 -37.24 -12.59
N SER C 122 -21.23 -37.53 -11.47
CA SER C 122 -21.78 -38.85 -11.21
C SER C 122 -23.29 -38.79 -11.40
N CYS C 123 -23.78 -39.39 -12.48
CA CYS C 123 -25.21 -39.40 -12.78
C CYS C 123 -25.56 -40.69 -13.50
N ASP C 124 -26.82 -40.81 -13.91
CA ASP C 124 -27.35 -42.05 -14.50
C ASP C 124 -26.99 -42.13 -15.98
N VAL C 125 -26.00 -42.96 -16.28
CA VAL C 125 -25.59 -43.21 -17.67
C VAL C 125 -26.35 -44.37 -18.29
N SER C 126 -27.09 -45.15 -17.48
CA SER C 126 -27.77 -46.34 -18.00
C SER C 126 -28.70 -45.99 -19.14
N GLY C 127 -28.51 -46.64 -20.28
CA GLY C 127 -29.29 -46.39 -21.47
C GLY C 127 -28.67 -45.43 -22.47
N VAL C 128 -27.40 -45.08 -22.29
CA VAL C 128 -26.76 -44.11 -23.19
C VAL C 128 -26.57 -44.70 -24.58
N ASP C 129 -26.44 -46.02 -24.68
CA ASP C 129 -26.24 -46.70 -25.94
C ASP C 129 -27.54 -47.16 -26.59
N THR C 130 -28.66 -47.08 -25.86
CA THR C 130 -29.99 -47.49 -26.31
C THR C 130 -30.65 -46.41 -27.17
N GLU C 131 -31.90 -46.69 -27.55
CA GLU C 131 -32.65 -45.82 -28.44
C GLU C 131 -33.11 -44.55 -27.75
N SER C 132 -33.75 -44.69 -26.57
CA SER C 132 -34.26 -43.57 -25.81
C SER C 132 -33.20 -42.79 -25.06
N GLY C 133 -31.98 -43.31 -24.96
CA GLY C 133 -30.88 -42.55 -24.40
C GLY C 133 -30.84 -42.59 -22.88
N ALA C 134 -29.78 -42.00 -22.33
CA ALA C 134 -29.55 -41.87 -20.90
C ALA C 134 -30.00 -40.52 -20.36
N THR C 135 -30.42 -40.50 -19.11
CA THR C 135 -30.86 -39.28 -18.44
C THR C 135 -29.92 -38.98 -17.28
N CYS C 136 -29.17 -37.88 -17.39
CA CYS C 136 -28.18 -37.47 -16.40
C CYS C 136 -28.62 -36.19 -15.69
N ARG C 137 -28.78 -36.28 -14.37
CA ARG C 137 -29.20 -35.12 -13.58
C ARG C 137 -27.98 -34.45 -12.97
N ILE C 138 -27.89 -33.13 -13.13
CA ILE C 138 -26.86 -32.31 -12.52
C ILE C 138 -27.56 -31.30 -11.63
N LYS C 139 -27.20 -31.28 -10.35
CA LYS C 139 -27.86 -30.44 -9.36
C LYS C 139 -26.94 -29.27 -8.99
N ILE C 140 -27.37 -28.05 -9.31
CA ILE C 140 -26.60 -26.85 -9.06
C ILE C 140 -27.40 -25.94 -8.12
N GLY C 141 -26.75 -25.48 -7.06
CA GLY C 141 -27.36 -24.62 -6.06
C GLY C 141 -26.29 -23.95 -5.23
N SER C 142 -26.69 -22.94 -4.45
CA SER C 142 -25.73 -22.20 -3.63
C SER C 142 -25.07 -23.13 -2.61
N TRP C 143 -23.78 -22.93 -2.41
CA TRP C 143 -23.02 -23.85 -1.55
C TRP C 143 -23.14 -23.47 -0.06
N THR C 144 -23.19 -22.19 0.24
CA THR C 144 -23.24 -21.75 1.64
C THR C 144 -24.48 -20.94 1.98
N HIS C 145 -25.02 -20.19 1.02
CA HIS C 145 -26.18 -19.35 1.27
C HIS C 145 -27.44 -20.17 1.07
N HIS C 146 -28.37 -20.06 2.03
CA HIS C 146 -29.64 -20.78 2.00
C HIS C 146 -30.70 -19.91 1.34
N SER C 147 -31.97 -20.32 1.49
CA SER C 147 -33.05 -19.75 0.70
C SER C 147 -33.33 -18.29 1.01
N ARG C 148 -33.02 -17.84 2.23
CA ARG C 148 -33.29 -16.45 2.58
C ARG C 148 -32.28 -15.48 1.99
N GLU C 149 -31.15 -15.97 1.49
CA GLU C 149 -30.10 -15.13 0.93
C GLU C 149 -29.99 -15.24 -0.59
N ILE C 150 -29.92 -16.46 -1.12
CA ILE C 150 -29.86 -16.70 -2.56
C ILE C 150 -31.05 -17.56 -2.94
N SER C 151 -31.84 -17.07 -3.89
CA SER C 151 -32.93 -17.84 -4.50
C SER C 151 -32.52 -18.15 -5.93
N VAL C 152 -32.40 -19.45 -6.23
CA VAL C 152 -31.95 -19.90 -7.55
C VAL C 152 -33.16 -20.30 -8.37
N ASP C 153 -33.18 -19.87 -9.63
CA ASP C 153 -34.33 -20.09 -10.50
C ASP C 153 -33.92 -20.35 -11.95
N PRO C 154 -34.52 -21.35 -12.59
CA PRO C 154 -34.25 -21.62 -13.99
C PRO C 154 -34.93 -20.59 -14.89
N THR C 155 -34.57 -20.63 -16.18
CA THR C 155 -35.09 -19.66 -17.13
C THR C 155 -36.39 -20.14 -17.79
N THR C 156 -36.47 -21.42 -18.10
CA THR C 156 -37.62 -22.08 -18.76
C THR C 156 -38.84 -21.20 -19.06
N ASP C 161 -32.39 -29.92 -26.42
CA ASP C 161 -32.93 -28.58 -26.30
C ASP C 161 -31.87 -27.55 -26.66
N SER C 162 -30.63 -27.80 -26.26
CA SER C 162 -29.55 -26.86 -26.51
C SER C 162 -29.28 -26.78 -28.02
N GLU C 163 -29.22 -25.56 -28.53
CA GLU C 163 -28.97 -25.30 -29.95
C GLU C 163 -27.49 -25.03 -30.19
N TYR C 164 -26.71 -24.93 -29.13
CA TYR C 164 -25.29 -24.63 -29.19
C TYR C 164 -24.45 -25.89 -29.03
N PHE C 165 -25.08 -27.06 -29.13
CA PHE C 165 -24.37 -28.31 -28.95
C PHE C 165 -23.53 -28.64 -30.18
N SER C 166 -22.31 -29.11 -29.93
CA SER C 166 -21.38 -29.43 -31.01
C SER C 166 -21.88 -30.62 -31.81
N GLN C 167 -21.99 -30.43 -33.13
CA GLN C 167 -22.40 -31.51 -34.02
C GLN C 167 -21.38 -32.62 -34.13
N TYR C 168 -20.18 -32.42 -33.60
CA TYR C 168 -19.10 -33.38 -33.75
C TYR C 168 -18.88 -34.23 -32.52
N SER C 169 -19.69 -34.02 -31.48
CA SER C 169 -19.62 -34.90 -30.33
C SER C 169 -20.08 -36.28 -30.73
N ARG C 170 -19.46 -37.30 -30.14
CA ARG C 170 -19.88 -38.67 -30.36
C ARG C 170 -21.29 -38.93 -29.84
N PHE C 171 -21.84 -38.01 -29.06
CA PHE C 171 -23.14 -38.14 -28.42
C PHE C 171 -24.05 -37.02 -28.89
N GLU C 172 -25.36 -37.20 -28.70
CA GLU C 172 -26.34 -36.22 -29.13
C GLU C 172 -27.41 -36.02 -28.08
N ILE C 173 -27.87 -34.76 -27.92
CA ILE C 173 -28.89 -34.43 -26.92
C ILE C 173 -30.27 -34.69 -27.49
N LEU C 174 -31.14 -35.27 -26.67
CA LEU C 174 -32.55 -35.47 -27.00
C LEU C 174 -33.46 -34.46 -26.31
N ASP C 175 -33.27 -34.23 -25.01
CA ASP C 175 -34.09 -33.32 -24.23
C ASP C 175 -33.28 -32.82 -23.05
N VAL C 176 -33.57 -31.59 -22.64
CA VAL C 176 -32.90 -30.98 -21.49
C VAL C 176 -33.96 -30.31 -20.61
N THR C 177 -34.13 -30.82 -19.39
CA THR C 177 -35.05 -30.22 -18.44
C THR C 177 -34.29 -29.67 -17.23
N GLN C 178 -34.60 -28.44 -16.84
CA GLN C 178 -34.01 -27.81 -15.67
C GLN C 178 -35.13 -27.28 -14.80
N LYS C 179 -35.30 -27.87 -13.62
CA LYS C 179 -36.32 -27.46 -12.67
C LYS C 179 -35.68 -27.01 -11.36
N LYS C 180 -36.47 -26.32 -10.55
CA LYS C 180 -36.04 -25.74 -9.29
C LYS C 180 -36.38 -26.67 -8.13
N ASN C 181 -35.50 -26.70 -7.12
CA ASN C 181 -35.64 -27.58 -5.96
C ASN C 181 -35.56 -26.77 -4.68
N SER C 182 -35.97 -27.41 -3.58
CA SER C 182 -35.85 -26.84 -2.24
C SER C 182 -35.60 -27.99 -1.28
N VAL C 183 -34.42 -28.01 -0.65
CA VAL C 183 -34.02 -29.15 0.18
C VAL C 183 -33.89 -28.71 1.63
N THR C 184 -33.69 -29.66 2.53
CA THR C 184 -33.33 -29.39 3.92
C THR C 184 -32.11 -30.20 4.32
N TYR C 185 -31.11 -29.57 4.97
CA TYR C 185 -29.94 -30.34 5.37
C TYR C 185 -30.28 -31.09 6.66
N SER C 186 -29.65 -32.26 6.82
CA SER C 186 -29.97 -33.15 7.95
C SER C 186 -29.53 -32.61 9.30
N CYS C 187 -28.77 -31.53 9.33
CA CYS C 187 -28.30 -30.96 10.58
C CYS C 187 -29.13 -29.77 11.03
N CYS C 188 -29.51 -28.93 10.08
CA CYS C 188 -29.79 -27.53 10.31
C CYS C 188 -31.08 -27.18 9.56
N PRO C 189 -31.98 -26.46 10.21
CA PRO C 189 -33.37 -26.35 9.71
C PRO C 189 -33.63 -25.42 8.54
N GLU C 190 -32.79 -24.41 8.30
CA GLU C 190 -33.10 -23.53 7.19
C GLU C 190 -32.87 -24.27 5.87
N ALA C 191 -33.44 -23.73 4.80
CA ALA C 191 -33.62 -24.45 3.53
C ALA C 191 -32.66 -23.96 2.46
N TYR C 192 -32.00 -24.91 1.80
CA TYR C 192 -30.98 -24.65 0.79
C TYR C 192 -31.53 -25.04 -0.58
N GLU C 193 -31.49 -24.11 -1.51
CA GLU C 193 -32.13 -24.22 -2.82
C GLU C 193 -31.15 -24.62 -3.93
N ASP C 194 -31.61 -25.48 -4.86
CA ASP C 194 -30.82 -25.87 -6.02
C ASP C 194 -31.72 -26.02 -7.26
N VAL C 195 -31.11 -25.81 -8.44
CA VAL C 195 -31.72 -26.06 -9.74
C VAL C 195 -31.28 -27.43 -10.26
N GLU C 196 -32.24 -28.23 -10.75
CA GLU C 196 -32.00 -29.59 -11.23
C GLU C 196 -32.02 -29.64 -12.76
N VAL C 197 -30.87 -29.92 -13.37
CA VAL C 197 -30.71 -29.97 -14.82
C VAL C 197 -30.66 -31.43 -15.27
N SER C 198 -31.69 -31.86 -16.02
CA SER C 198 -31.78 -33.22 -16.55
C SER C 198 -31.31 -33.27 -18.00
N LEU C 199 -30.27 -34.09 -18.26
CA LEU C 199 -29.64 -34.21 -19.59
C LEU C 199 -29.99 -35.55 -20.23
N ASN C 200 -30.84 -35.52 -21.25
CA ASN C 200 -31.23 -36.72 -22.01
C ASN C 200 -30.36 -36.82 -23.27
N PHE C 201 -29.52 -37.86 -23.33
CA PHE C 201 -28.59 -38.01 -24.44
C PHE C 201 -28.34 -39.49 -24.75
N ARG C 202 -27.83 -39.74 -25.95
CA ARG C 202 -27.45 -41.09 -26.37
C ARG C 202 -26.26 -41.04 -27.32
N LYS C 203 -25.67 -42.20 -27.54
CA LYS C 203 -24.64 -42.34 -28.57
C LYS C 203 -25.29 -42.34 -29.96
N LYS C 204 -24.51 -41.95 -30.96
CA LYS C 204 -25.03 -41.91 -32.32
C LYS C 204 -24.97 -43.28 -33.00
N GLY C 205 -23.81 -43.94 -32.96
CA GLY C 205 -23.65 -45.24 -33.56
C GLY C 205 -24.29 -46.36 -32.76
N LEU D 1 -25.75 -4.14 12.77
CA LEU D 1 -24.95 -4.04 11.56
C LEU D 1 -25.75 -4.55 10.36
N ASP D 2 -25.06 -4.72 9.23
CA ASP D 2 -25.56 -5.47 8.09
C ASP D 2 -24.42 -6.33 7.56
N ARG D 3 -24.72 -7.22 6.62
CA ARG D 3 -23.73 -8.15 6.10
C ARG D 3 -22.45 -7.42 5.67
N ALA D 4 -22.61 -6.32 4.93
CA ALA D 4 -21.45 -5.56 4.46
C ALA D 4 -20.59 -5.05 5.61
N ASP D 5 -21.22 -4.62 6.71
CA ASP D 5 -20.46 -4.13 7.84
C ASP D 5 -19.70 -5.27 8.51
N ILE D 6 -20.37 -6.41 8.71
CA ILE D 6 -19.74 -7.56 9.33
C ILE D 6 -18.55 -8.02 8.50
N LEU D 7 -18.75 -8.16 7.19
CA LEU D 7 -17.68 -8.63 6.32
C LEU D 7 -16.56 -7.60 6.18
N TYR D 8 -16.88 -6.31 6.28
CA TYR D 8 -15.83 -5.30 6.35
C TYR D 8 -15.00 -5.48 7.61
N ASN D 9 -15.67 -5.58 8.77
CA ASN D 9 -14.96 -5.73 10.03
C ASN D 9 -14.12 -7.02 10.05
N ILE D 10 -14.66 -8.11 9.51
CA ILE D 10 -13.93 -9.37 9.49
C ILE D 10 -12.74 -9.29 8.55
N ARG D 11 -12.96 -8.76 7.35
CA ARG D 11 -11.88 -8.64 6.37
C ARG D 11 -10.72 -7.82 6.91
N GLN D 12 -11.03 -6.72 7.59
CA GLN D 12 -10.02 -5.75 8.03
C GLN D 12 -9.34 -6.13 9.34
N THR D 13 -9.87 -7.07 10.11
CA THR D 13 -9.34 -7.44 11.41
C THR D 13 -8.79 -8.86 11.47
N SER D 14 -9.07 -9.66 10.46
CA SER D 14 -8.65 -11.06 10.48
C SER D 14 -7.14 -11.21 10.56
N ARG D 15 -6.70 -11.97 11.56
CA ARG D 15 -5.31 -12.43 11.65
C ARG D 15 -5.38 -13.89 11.22
N PRO D 16 -5.45 -14.18 9.92
CA PRO D 16 -5.78 -15.54 9.49
C PRO D 16 -4.71 -16.55 9.86
N ASP D 17 -3.46 -16.10 9.96
CA ASP D 17 -2.34 -16.96 10.32
C ASP D 17 -2.29 -17.26 11.81
N VAL D 18 -3.06 -16.56 12.63
CA VAL D 18 -3.03 -16.68 14.09
C VAL D 18 -4.13 -17.64 14.51
N ILE D 19 -3.76 -18.67 15.27
CA ILE D 19 -4.73 -19.61 15.83
C ILE D 19 -5.55 -18.91 16.92
N PRO D 20 -6.89 -19.00 16.88
CA PRO D 20 -7.79 -18.26 17.80
C PRO D 20 -8.10 -18.95 19.12
N THR D 21 -7.10 -19.08 19.97
CA THR D 21 -7.32 -19.58 21.33
C THR D 21 -7.93 -18.49 22.21
N GLN D 22 -7.96 -18.76 23.50
CA GLN D 22 -8.43 -17.86 24.56
C GLN D 22 -8.24 -18.57 25.89
N ARG D 23 -7.65 -17.87 26.86
CA ARG D 23 -7.29 -18.44 28.15
C ARG D 23 -6.37 -19.64 27.97
N ASP D 24 -5.52 -19.55 26.94
CA ASP D 24 -4.54 -20.57 26.54
C ASP D 24 -5.10 -21.99 26.67
N ARG D 25 -6.30 -22.17 26.10
CA ARG D 25 -6.96 -23.46 26.02
C ARG D 25 -7.02 -23.93 24.58
N PRO D 26 -7.12 -25.24 24.34
CA PRO D 26 -7.07 -25.75 22.97
C PRO D 26 -8.32 -25.34 22.19
N VAL D 27 -8.14 -25.19 20.88
CA VAL D 27 -9.22 -24.86 19.95
C VAL D 27 -10.03 -26.12 19.66
N ALA D 28 -11.33 -26.06 19.95
CA ALA D 28 -12.20 -27.22 19.73
C ALA D 28 -12.47 -27.35 18.23
N VAL D 29 -11.73 -28.24 17.59
CA VAL D 29 -11.89 -28.51 16.16
C VAL D 29 -12.71 -29.80 16.03
N SER D 30 -13.80 -29.71 15.27
CA SER D 30 -14.68 -30.86 15.08
C SER D 30 -14.69 -31.27 13.62
N VAL D 31 -14.13 -32.44 13.31
CA VAL D 31 -14.02 -32.94 11.93
C VAL D 31 -14.79 -34.26 11.79
N SER D 32 -15.70 -34.32 10.82
CA SER D 32 -16.37 -35.56 10.44
C SER D 32 -16.53 -35.60 8.94
N LEU D 33 -16.06 -36.67 8.31
CA LEU D 33 -16.16 -36.83 6.86
C LEU D 33 -17.51 -37.44 6.48
N LYS D 34 -18.28 -36.72 5.67
CA LYS D 34 -19.46 -37.26 5.00
C LYS D 34 -19.05 -37.67 3.60
N PHE D 35 -19.01 -38.97 3.35
CA PHE D 35 -18.57 -39.48 2.08
C PHE D 35 -19.66 -39.31 1.05
N ILE D 36 -19.27 -38.84 -0.13
CA ILE D 36 -20.19 -38.47 -1.18
C ILE D 36 -20.13 -39.45 -2.35
N ASN D 37 -18.94 -39.95 -2.64
CA ASN D 37 -18.76 -40.84 -3.78
C ASN D 37 -17.42 -41.56 -3.61
N ILE D 38 -17.39 -42.81 -4.07
CA ILE D 38 -16.17 -43.59 -4.18
C ILE D 38 -15.99 -43.87 -5.65
N LEU D 39 -14.88 -43.41 -6.21
CA LEU D 39 -14.70 -43.32 -7.65
C LEU D 39 -13.86 -44.49 -8.17
N GLU D 40 -12.60 -44.56 -7.77
CA GLU D 40 -11.71 -45.63 -8.18
C GLU D 40 -11.18 -46.40 -6.98
N VAL D 41 -11.35 -47.73 -7.01
CA VAL D 41 -10.80 -48.63 -6.01
C VAL D 41 -9.79 -49.56 -6.69
N ASN D 42 -8.66 -49.79 -6.04
CA ASN D 42 -7.60 -50.66 -6.57
C ASN D 42 -7.18 -51.61 -5.46
N GLU D 43 -7.55 -52.87 -5.60
CA GLU D 43 -7.26 -53.87 -4.58
C GLU D 43 -5.80 -54.30 -4.60
N ILE D 44 -5.12 -54.12 -5.73
CA ILE D 44 -3.72 -54.50 -5.86
C ILE D 44 -2.81 -53.50 -5.16
N THR D 45 -3.01 -52.21 -5.41
CA THR D 45 -2.18 -51.18 -4.80
C THR D 45 -2.70 -50.71 -3.45
N ASN D 46 -3.94 -51.07 -3.09
CA ASN D 46 -4.59 -50.62 -1.87
C ASN D 46 -4.69 -49.09 -1.86
N GLU D 47 -5.32 -48.57 -2.91
CA GLU D 47 -5.52 -47.14 -3.12
C GLU D 47 -6.98 -46.90 -3.43
N VAL D 48 -7.53 -45.83 -2.88
CA VAL D 48 -8.93 -45.48 -3.10
C VAL D 48 -9.03 -44.04 -3.58
N ASP D 49 -10.00 -43.78 -4.46
CA ASP D 49 -10.31 -42.44 -4.95
C ASP D 49 -11.70 -42.04 -4.46
N VAL D 50 -11.75 -41.01 -3.60
CA VAL D 50 -12.93 -40.72 -2.81
C VAL D 50 -13.29 -39.24 -2.92
N VAL D 51 -14.59 -38.95 -2.94
CA VAL D 51 -15.14 -37.61 -2.82
C VAL D 51 -15.90 -37.52 -1.50
N PHE D 52 -15.63 -36.48 -0.72
CA PHE D 52 -16.26 -36.36 0.59
C PHE D 52 -16.39 -34.91 0.98
N TRP D 53 -17.39 -34.61 1.81
CA TRP D 53 -17.53 -33.30 2.43
C TRP D 53 -16.86 -33.34 3.81
N GLN D 54 -15.82 -32.53 3.98
CA GLN D 54 -15.06 -32.49 5.23
C GLN D 54 -15.66 -31.42 6.14
N GLN D 55 -16.71 -31.80 6.87
CA GLN D 55 -17.33 -30.87 7.81
C GLN D 55 -16.36 -30.54 8.94
N THR D 56 -15.83 -29.32 8.94
CA THR D 56 -14.89 -28.88 9.95
C THR D 56 -15.50 -27.72 10.71
N THR D 57 -15.41 -27.78 12.04
CA THR D 57 -16.05 -26.80 12.89
C THR D 57 -15.10 -26.39 14.00
N TRP D 58 -15.02 -25.09 14.25
CA TRP D 58 -14.26 -24.56 15.37
C TRP D 58 -14.90 -23.25 15.79
N SER D 59 -14.45 -22.72 16.93
CA SER D 59 -14.97 -21.48 17.45
C SER D 59 -13.87 -20.43 17.45
N ASP D 60 -14.17 -19.28 16.86
CA ASP D 60 -13.24 -18.15 16.76
C ASP D 60 -14.02 -16.92 17.19
N ARG D 61 -13.94 -16.60 18.49
CA ARG D 61 -14.75 -15.53 19.07
C ARG D 61 -14.39 -14.15 18.52
N THR D 62 -13.21 -13.99 17.91
CA THR D 62 -12.84 -12.71 17.32
C THR D 62 -13.72 -12.32 16.15
N LEU D 63 -14.54 -13.24 15.63
CA LEU D 63 -15.43 -12.98 14.51
C LEU D 63 -16.80 -12.52 14.95
N ALA D 64 -17.06 -12.56 16.25
CA ALA D 64 -18.38 -12.34 16.81
C ALA D 64 -18.84 -10.90 16.55
N TRP D 65 -20.15 -10.70 16.60
CA TRP D 65 -20.74 -9.37 16.51
C TRP D 65 -22.04 -9.33 17.29
N ASN D 66 -22.45 -8.12 17.70
CA ASN D 66 -23.70 -7.96 18.42
C ASN D 66 -24.82 -8.10 17.38
N SER D 67 -25.63 -9.14 17.55
CA SER D 67 -26.61 -9.57 16.55
C SER D 67 -28.02 -9.03 16.83
N SER D 68 -28.13 -7.89 17.53
CA SER D 68 -29.43 -7.33 17.86
C SER D 68 -30.23 -7.15 16.58
N HIS D 69 -30.29 -5.93 16.06
CA HIS D 69 -30.89 -5.71 14.74
C HIS D 69 -29.91 -6.13 13.64
N SER D 70 -29.52 -7.39 13.54
CA SER D 70 -28.38 -7.70 12.68
C SER D 70 -28.43 -9.12 12.14
N PRO D 71 -27.68 -9.40 11.06
CA PRO D 71 -27.69 -10.75 10.48
C PRO D 71 -27.23 -11.80 11.47
N ASP D 72 -27.77 -13.02 11.31
CA ASP D 72 -27.48 -14.09 12.25
C ASP D 72 -26.16 -14.78 11.96
N GLN D 73 -25.84 -14.94 10.68
CA GLN D 73 -24.59 -15.55 10.27
C GLN D 73 -24.34 -15.13 8.83
N VAL D 74 -23.08 -15.06 8.42
CA VAL D 74 -22.77 -14.70 7.06
C VAL D 74 -21.79 -15.70 6.46
N SER D 75 -21.35 -15.42 5.24
CA SER D 75 -20.46 -16.28 4.48
C SER D 75 -19.15 -15.53 4.23
N VAL D 76 -18.05 -16.10 4.69
CA VAL D 76 -16.76 -15.42 4.69
C VAL D 76 -15.76 -16.27 3.91
N PRO D 77 -14.94 -15.67 3.05
CA PRO D 77 -13.87 -16.45 2.40
C PRO D 77 -12.90 -16.99 3.43
N ILE D 78 -12.49 -18.26 3.25
CA ILE D 78 -11.59 -18.89 4.20
C ILE D 78 -10.22 -18.23 4.19
N SER D 79 -9.98 -17.38 3.18
CA SER D 79 -8.79 -16.55 3.18
C SER D 79 -8.85 -15.46 4.25
N SER D 80 -10.05 -15.08 4.67
CA SER D 80 -10.24 -14.09 5.73
C SER D 80 -10.43 -14.74 7.11
N LEU D 81 -10.03 -16.00 7.26
CA LEU D 81 -10.23 -16.74 8.50
C LEU D 81 -9.01 -17.59 8.80
N TRP D 82 -8.84 -17.92 10.07
CA TRP D 82 -7.94 -18.98 10.45
C TRP D 82 -8.66 -20.31 10.28
N VAL D 83 -8.07 -21.22 9.52
CA VAL D 83 -8.63 -22.55 9.30
C VAL D 83 -7.61 -23.54 9.86
N PRO D 84 -8.03 -24.56 10.61
CA PRO D 84 -7.06 -25.49 11.20
C PRO D 84 -6.23 -26.18 10.15
N ASP D 85 -4.95 -26.40 10.48
CA ASP D 85 -4.00 -26.95 9.53
C ASP D 85 -4.14 -28.47 9.48
N LEU D 86 -5.36 -28.93 9.26
CA LEU D 86 -5.66 -30.35 9.21
C LEU D 86 -5.04 -31.00 7.99
N ALA D 87 -4.68 -32.27 8.14
CA ALA D 87 -4.12 -33.03 7.03
C ALA D 87 -4.50 -34.49 7.15
N ALA D 88 -4.87 -35.08 6.02
CA ALA D 88 -5.12 -36.51 5.94
C ALA D 88 -3.77 -37.22 5.95
N TYR D 89 -3.48 -37.91 7.05
CA TYR D 89 -2.14 -38.42 7.30
C TYR D 89 -1.70 -39.46 6.27
N ASN D 90 -2.63 -40.21 5.68
CA ASN D 90 -2.29 -41.29 4.77
C ASN D 90 -2.60 -40.95 3.32
N ALA D 91 -2.72 -39.67 3.00
CA ALA D 91 -3.10 -39.23 1.66
C ALA D 91 -1.95 -39.39 0.69
N ILE D 92 -2.28 -39.80 -0.54
CA ILE D 92 -1.30 -39.97 -1.60
C ILE D 92 -1.57 -39.00 -2.75
N SER D 93 -2.45 -38.02 -2.54
CA SER D 93 -2.71 -36.96 -3.51
C SER D 93 -3.02 -35.66 -2.77
N LYS D 94 -2.82 -34.57 -3.47
CA LYS D 94 -3.16 -33.26 -2.93
C LYS D 94 -4.68 -33.09 -2.82
N PRO D 95 -5.17 -32.49 -1.74
CA PRO D 95 -6.62 -32.26 -1.61
C PRO D 95 -7.16 -31.30 -2.67
N GLU D 96 -8.14 -31.78 -3.42
CA GLU D 96 -8.79 -31.02 -4.49
C GLU D 96 -10.18 -30.55 -4.06
N VAL D 97 -10.32 -29.26 -3.79
CA VAL D 97 -11.58 -28.69 -3.33
C VAL D 97 -12.46 -28.39 -4.54
N LEU D 98 -13.64 -29.00 -4.58
CA LEU D 98 -14.54 -28.87 -5.73
C LEU D 98 -15.50 -27.70 -5.59
N THR D 99 -15.76 -27.27 -4.36
CA THR D 99 -16.75 -26.26 -4.02
C THR D 99 -16.08 -24.91 -3.75
N PRO D 100 -16.86 -23.84 -3.65
CA PRO D 100 -16.29 -22.55 -3.24
C PRO D 100 -15.63 -22.67 -1.87
N GLN D 101 -14.53 -21.94 -1.71
CA GLN D 101 -13.76 -21.97 -0.48
C GLN D 101 -14.28 -20.89 0.47
N LEU D 102 -15.57 -21.01 0.77
CA LEU D 102 -16.26 -20.16 1.73
C LEU D 102 -16.53 -20.93 3.02
N ALA D 103 -16.51 -20.20 4.12
CA ALA D 103 -16.92 -20.73 5.41
C ALA D 103 -18.13 -19.96 5.92
N ARG D 104 -18.92 -20.61 6.77
CA ARG D 104 -20.09 -19.99 7.35
C ARG D 104 -19.74 -19.56 8.78
N VAL D 105 -19.96 -18.28 9.09
CA VAL D 105 -19.56 -17.70 10.37
C VAL D 105 -20.80 -17.20 11.08
N VAL D 106 -21.00 -17.67 12.32
CA VAL D 106 -22.13 -17.31 13.17
C VAL D 106 -21.70 -16.20 14.12
N SER D 107 -22.69 -15.41 14.56
CA SER D 107 -22.44 -14.25 15.41
C SER D 107 -21.71 -14.61 16.70
N ASP D 108 -21.79 -15.84 17.17
CA ASP D 108 -21.10 -16.23 18.39
C ASP D 108 -19.64 -16.59 18.17
N GLY D 109 -19.18 -16.63 16.92
CA GLY D 109 -17.80 -16.99 16.61
C GLY D 109 -17.65 -18.37 16.01
N GLU D 110 -18.72 -19.15 15.94
CA GLU D 110 -18.68 -20.48 15.34
C GLU D 110 -18.44 -20.40 13.84
N VAL D 111 -17.62 -21.32 13.34
CA VAL D 111 -17.28 -21.40 11.93
C VAL D 111 -17.67 -22.78 11.41
N LEU D 112 -18.28 -22.82 10.23
CA LEU D 112 -18.60 -24.06 9.56
C LEU D 112 -17.94 -24.03 8.19
N TYR D 113 -16.90 -24.84 8.01
CA TYR D 113 -16.24 -25.01 6.73
C TYR D 113 -16.42 -26.45 6.30
N MET D 114 -17.15 -26.66 5.21
CA MET D 114 -17.47 -27.99 4.71
C MET D 114 -17.17 -28.00 3.21
N PRO D 115 -15.93 -28.27 2.83
CA PRO D 115 -15.61 -28.34 1.40
C PRO D 115 -15.81 -29.75 0.87
N SER D 116 -16.17 -29.82 -0.41
CA SER D 116 -16.22 -31.09 -1.10
C SER D 116 -14.83 -31.35 -1.67
N ILE D 117 -14.19 -32.43 -1.23
CA ILE D 117 -12.80 -32.71 -1.53
C ILE D 117 -12.72 -34.09 -2.18
N ARG D 118 -12.07 -34.16 -3.33
CA ARG D 118 -11.75 -35.43 -3.97
C ARG D 118 -10.28 -35.75 -3.74
N GLN D 119 -10.01 -36.90 -3.10
CA GLN D 119 -8.64 -37.23 -2.72
C GLN D 119 -8.43 -38.73 -2.83
N ARG D 120 -7.19 -39.11 -3.09
CA ARG D 120 -6.77 -40.51 -3.12
C ARG D 120 -6.07 -40.86 -1.82
N PHE D 121 -6.32 -42.08 -1.32
CA PHE D 121 -5.78 -42.51 -0.04
C PHE D 121 -5.15 -43.90 -0.15
N SER D 122 -4.27 -44.18 0.80
CA SER D 122 -3.71 -45.51 1.01
C SER D 122 -4.36 -46.13 2.25
N CYS D 123 -5.22 -47.11 2.03
CA CYS D 123 -5.90 -47.79 3.13
C CYS D 123 -6.14 -49.24 2.73
N ASP D 124 -6.80 -49.99 3.62
CA ASP D 124 -6.99 -51.42 3.43
C ASP D 124 -8.19 -51.60 2.51
N VAL D 125 -7.93 -51.91 1.24
CA VAL D 125 -8.98 -52.13 0.26
C VAL D 125 -9.40 -53.59 0.20
N SER D 126 -8.61 -54.50 0.76
CA SER D 126 -8.89 -55.92 0.68
C SER D 126 -10.25 -56.25 1.29
N GLY D 127 -11.07 -56.96 0.52
CA GLY D 127 -12.39 -57.34 0.96
C GLY D 127 -13.53 -56.50 0.43
N VAL D 128 -13.29 -55.64 -0.57
CA VAL D 128 -14.34 -54.79 -1.08
C VAL D 128 -15.39 -55.59 -1.84
N ASP D 129 -15.02 -56.75 -2.37
CA ASP D 129 -15.97 -57.58 -3.12
C ASP D 129 -16.73 -58.56 -2.23
N THR D 130 -16.36 -58.67 -0.96
CA THR D 130 -17.07 -59.58 -0.06
C THR D 130 -18.36 -58.94 0.44
N GLU D 131 -19.11 -59.70 1.24
CA GLU D 131 -20.39 -59.20 1.74
C GLU D 131 -20.19 -58.19 2.86
N SER D 132 -19.32 -58.51 3.82
CA SER D 132 -19.05 -57.61 4.93
C SER D 132 -18.22 -56.40 4.55
N GLY D 133 -17.62 -56.39 3.35
CA GLY D 133 -16.98 -55.19 2.83
C GLY D 133 -15.56 -55.00 3.32
N ALA D 134 -14.92 -53.98 2.75
CA ALA D 134 -13.58 -53.52 3.10
C ALA D 134 -13.68 -52.36 4.09
N THR D 135 -12.66 -52.22 4.93
CA THR D 135 -12.60 -51.15 5.93
C THR D 135 -11.43 -50.23 5.60
N CYS D 136 -11.73 -48.97 5.25
CA CYS D 136 -10.73 -47.98 4.87
C CYS D 136 -10.64 -46.92 5.96
N ARG D 137 -9.48 -46.84 6.63
CA ARG D 137 -9.28 -45.91 7.73
C ARG D 137 -8.56 -44.66 7.22
N ILE D 138 -9.08 -43.49 7.58
CA ILE D 138 -8.49 -42.21 7.21
C ILE D 138 -8.12 -41.47 8.49
N LYS D 139 -6.85 -41.07 8.60
CA LYS D 139 -6.33 -40.41 9.79
C LYS D 139 -6.19 -38.93 9.49
N ILE D 140 -6.99 -38.10 10.19
CA ILE D 140 -7.01 -36.66 9.97
C ILE D 140 -6.62 -35.96 11.26
N GLY D 141 -5.70 -35.01 11.17
CA GLY D 141 -5.29 -34.23 12.32
C GLY D 141 -4.50 -33.02 11.89
N SER D 142 -4.33 -32.10 12.84
CA SER D 142 -3.55 -30.90 12.58
C SER D 142 -2.11 -31.27 12.27
N TRP D 143 -1.51 -30.54 11.32
CA TRP D 143 -0.17 -30.87 10.88
C TRP D 143 0.89 -30.29 11.82
N THR D 144 0.65 -29.13 12.42
CA THR D 144 1.63 -28.52 13.30
C THR D 144 1.17 -28.29 14.72
N HIS D 145 -0.12 -28.01 14.96
CA HIS D 145 -0.61 -27.67 16.29
C HIS D 145 -0.95 -28.94 17.05
N HIS D 146 -0.52 -29.01 18.31
CA HIS D 146 -0.73 -30.21 19.11
C HIS D 146 -2.00 -30.10 19.96
N SER D 147 -2.17 -31.05 20.90
CA SER D 147 -3.44 -31.22 21.59
C SER D 147 -3.74 -30.04 22.50
N ARG D 148 -2.71 -29.37 23.01
CA ARG D 148 -2.93 -28.23 23.89
C ARG D 148 -3.34 -27.00 23.10
N GLU D 149 -3.15 -27.02 21.78
CA GLU D 149 -3.53 -25.93 20.90
C GLU D 149 -4.71 -26.30 20.00
N ILE D 150 -4.64 -27.43 19.30
CA ILE D 150 -5.73 -27.93 18.49
C ILE D 150 -6.10 -29.32 18.97
N SER D 151 -7.35 -29.49 19.38
CA SER D 151 -7.91 -30.79 19.74
C SER D 151 -8.98 -31.16 18.72
N VAL D 152 -8.81 -32.30 18.07
CA VAL D 152 -9.75 -32.76 17.04
C VAL D 152 -10.70 -33.76 17.68
N ASP D 153 -12.00 -33.58 17.43
CA ASP D 153 -13.02 -34.45 17.98
C ASP D 153 -14.05 -34.47 16.85
N PRO D 154 -14.55 -35.64 16.44
CA PRO D 154 -15.52 -35.65 15.35
C PRO D 154 -16.87 -35.10 15.78
N THR D 155 -17.69 -34.76 14.80
CA THR D 155 -18.96 -34.12 15.09
C THR D 155 -20.07 -35.15 15.20
N THR D 156 -21.25 -34.65 15.57
CA THR D 156 -22.49 -35.39 15.50
C THR D 156 -22.69 -35.96 14.10
N ASN D 158 -24.16 -35.62 11.21
CA ASN D 158 -25.57 -35.29 11.35
C ASN D 158 -26.43 -36.56 11.42
N SER D 159 -26.75 -37.13 10.26
CA SER D 159 -27.59 -38.32 10.22
C SER D 159 -26.95 -39.45 9.42
N ASP D 160 -27.63 -39.90 8.36
CA ASP D 160 -27.27 -41.15 7.71
C ASP D 160 -25.87 -41.10 7.12
N ASP D 161 -25.17 -42.23 7.21
CA ASP D 161 -23.79 -42.30 6.73
C ASP D 161 -23.72 -42.22 5.22
N SER D 162 -24.78 -42.63 4.54
CA SER D 162 -24.90 -42.60 3.08
C SER D 162 -26.05 -41.70 2.65
N GLU D 163 -26.20 -40.53 3.28
CA GLU D 163 -27.33 -39.69 2.94
C GLU D 163 -27.00 -38.76 1.78
N TYR D 164 -25.72 -38.52 1.54
CA TYR D 164 -25.28 -37.77 0.37
C TYR D 164 -24.41 -38.60 -0.55
N PHE D 165 -24.32 -39.91 -0.34
CA PHE D 165 -23.48 -40.76 -1.17
C PHE D 165 -24.16 -41.00 -2.50
N SER D 166 -23.37 -40.97 -3.57
CA SER D 166 -23.91 -41.09 -4.92
C SER D 166 -24.49 -42.49 -5.13
N GLN D 167 -25.78 -42.54 -5.50
CA GLN D 167 -26.42 -43.82 -5.79
C GLN D 167 -25.89 -44.47 -7.07
N TYR D 168 -25.05 -43.76 -7.81
CA TYR D 168 -24.55 -44.19 -9.10
C TYR D 168 -23.11 -44.69 -9.03
N SER D 169 -22.52 -44.66 -7.84
CA SER D 169 -21.20 -45.23 -7.60
C SER D 169 -21.24 -46.74 -7.75
N ARG D 170 -20.11 -47.30 -8.20
CA ARG D 170 -19.96 -48.75 -8.24
C ARG D 170 -20.05 -49.37 -6.87
N PHE D 171 -19.89 -48.57 -5.82
CA PHE D 171 -19.77 -49.07 -4.46
C PHE D 171 -20.88 -48.49 -3.59
N GLU D 172 -21.06 -49.11 -2.44
CA GLU D 172 -22.08 -48.70 -1.48
C GLU D 172 -21.46 -48.73 -0.09
N ILE D 173 -21.81 -47.73 0.71
CA ILE D 173 -21.27 -47.61 2.06
C ILE D 173 -22.08 -48.50 3.00
N LEU D 174 -21.37 -49.21 3.88
CA LEU D 174 -21.99 -50.03 4.90
C LEU D 174 -22.00 -49.34 6.27
N ASP D 175 -20.88 -48.74 6.65
CA ASP D 175 -20.73 -48.08 7.94
C ASP D 175 -19.62 -47.04 7.83
N VAL D 176 -19.74 -45.99 8.63
CA VAL D 176 -18.73 -44.93 8.74
C VAL D 176 -18.45 -44.69 10.21
N THR D 177 -17.23 -44.98 10.64
CA THR D 177 -16.80 -44.86 12.02
C THR D 177 -15.76 -43.76 12.21
N GLN D 178 -15.91 -42.98 13.29
CA GLN D 178 -15.01 -41.88 13.64
C GLN D 178 -14.46 -42.10 15.04
N LYS D 179 -13.15 -42.30 15.15
CA LYS D 179 -12.51 -42.48 16.44
C LYS D 179 -11.44 -41.42 16.65
N LYS D 180 -11.21 -41.05 17.91
CA LYS D 180 -10.21 -40.03 18.24
C LYS D 180 -8.98 -40.71 18.85
N ASN D 181 -7.80 -40.18 18.55
CA ASN D 181 -6.56 -40.76 19.05
C ASN D 181 -5.69 -39.67 19.66
N SER D 182 -4.66 -40.09 20.39
CA SER D 182 -3.63 -39.16 20.87
C SER D 182 -2.30 -39.92 20.85
N VAL D 183 -1.48 -39.66 19.83
CA VAL D 183 -0.25 -40.44 19.64
C VAL D 183 0.95 -39.49 19.65
N THR D 184 2.02 -39.84 18.92
CA THR D 184 3.22 -39.01 18.79
C THR D 184 3.60 -38.78 17.33
N TYR D 185 3.73 -37.51 16.96
CA TYR D 185 4.27 -37.09 15.66
C TYR D 185 5.46 -36.16 15.86
N SER D 186 6.28 -36.06 14.81
CA SER D 186 7.52 -35.29 14.80
C SER D 186 8.59 -35.93 15.66
N CYS D 187 8.40 -35.98 16.98
CA CYS D 187 9.39 -36.65 17.80
C CYS D 187 8.80 -37.30 19.06
N CYS D 188 8.60 -36.53 20.12
CA CYS D 188 8.51 -37.16 21.44
C CYS D 188 7.46 -36.53 22.36
N PRO D 189 7.67 -35.30 22.93
CA PRO D 189 6.75 -34.83 23.98
C PRO D 189 5.47 -34.28 23.40
N GLU D 190 4.62 -33.67 24.25
CA GLU D 190 3.33 -33.13 23.84
C GLU D 190 2.42 -34.27 23.36
N ALA D 191 1.11 -34.01 23.28
CA ALA D 191 0.16 -35.01 22.84
C ALA D 191 -0.42 -34.54 21.51
N TYR D 192 -0.38 -35.41 20.51
CA TYR D 192 -0.84 -35.07 19.17
C TYR D 192 -2.08 -35.88 18.85
N GLU D 193 -3.20 -35.19 18.61
CA GLU D 193 -4.49 -35.83 18.39
C GLU D 193 -4.81 -35.96 16.91
N ASP D 194 -5.45 -37.07 16.55
CA ASP D 194 -5.95 -37.27 15.19
C ASP D 194 -7.30 -37.96 15.26
N VAL D 195 -8.14 -37.69 14.26
CA VAL D 195 -9.41 -38.40 14.10
C VAL D 195 -9.21 -39.51 13.08
N GLU D 196 -9.63 -40.72 13.43
CA GLU D 196 -9.51 -41.88 12.56
C GLU D 196 -10.89 -42.22 12.02
N VAL D 197 -11.10 -42.02 10.73
CA VAL D 197 -12.39 -42.26 10.08
C VAL D 197 -12.29 -43.58 9.33
N SER D 198 -13.04 -44.58 9.80
CA SER D 198 -13.07 -45.91 9.19
C SER D 198 -14.25 -46.01 8.23
N LEU D 199 -13.96 -46.29 6.96
CA LEU D 199 -14.95 -46.34 5.90
C LEU D 199 -15.23 -47.79 5.52
N ASN D 200 -16.41 -48.28 5.90
CA ASN D 200 -16.86 -49.62 5.54
C ASN D 200 -17.68 -49.53 4.26
N PHE D 201 -17.17 -50.11 3.18
CA PHE D 201 -17.80 -50.05 1.87
C PHE D 201 -17.55 -51.36 1.15
N ARG D 202 -18.36 -51.62 0.13
CA ARG D 202 -18.21 -52.83 -0.67
C ARG D 202 -18.64 -52.55 -2.10
N LYS D 203 -18.35 -53.51 -2.98
CA LYS D 203 -18.85 -53.43 -4.35
C LYS D 203 -20.36 -53.68 -4.34
N LYS D 204 -21.05 -53.15 -5.33
CA LYS D 204 -22.50 -53.33 -5.35
C LYS D 204 -22.87 -54.68 -5.95
N GLY D 205 -23.96 -55.24 -5.44
CA GLY D 205 -24.48 -56.49 -5.95
C GLY D 205 -25.42 -56.22 -7.11
N ARG D 206 -24.92 -56.40 -8.33
CA ARG D 206 -25.73 -56.18 -9.52
C ARG D 206 -26.80 -57.27 -9.67
N LEU E 1 4.10 -11.33 25.43
CA LEU E 1 3.70 -11.46 24.04
C LEU E 1 2.53 -12.43 23.93
N ASP E 2 1.66 -12.25 22.95
CA ASP E 2 0.64 -13.24 22.64
C ASP E 2 0.82 -13.72 21.20
N ARG E 3 0.10 -14.79 20.87
CA ARG E 3 0.27 -15.45 19.57
C ARG E 3 0.22 -14.46 18.42
N ALA E 4 -0.77 -13.58 18.41
CA ALA E 4 -0.91 -12.61 17.33
C ALA E 4 0.31 -11.68 17.22
N ASP E 5 0.88 -11.28 18.35
CA ASP E 5 2.02 -10.37 18.32
C ASP E 5 3.26 -11.06 17.76
N ILE E 6 3.54 -12.29 18.22
CA ILE E 6 4.72 -13.02 17.74
C ILE E 6 4.64 -13.21 16.23
N LEU E 7 3.48 -13.66 15.74
CA LEU E 7 3.31 -13.89 14.31
C LEU E 7 3.33 -12.58 13.53
N TYR E 8 2.88 -11.49 14.14
CA TYR E 8 3.06 -10.17 13.56
C TYR E 8 4.54 -9.81 13.45
N ASN E 9 5.29 -10.00 14.54
CA ASN E 9 6.71 -9.68 14.53
C ASN E 9 7.45 -10.47 13.47
N ILE E 10 7.11 -11.75 13.32
CA ILE E 10 7.78 -12.58 12.32
C ILE E 10 7.44 -12.10 10.91
N ARG E 11 6.16 -11.82 10.66
CA ARG E 11 5.75 -11.33 9.35
C ARG E 11 6.49 -10.07 8.95
N GLN E 12 6.62 -9.12 9.87
CA GLN E 12 7.17 -7.81 9.54
C GLN E 12 8.69 -7.75 9.61
N THR E 13 9.34 -8.67 10.33
CA THR E 13 10.79 -8.62 10.48
C THR E 13 11.53 -9.83 9.92
N SER E 14 10.87 -10.96 9.70
CA SER E 14 11.54 -12.11 9.12
C SER E 14 12.00 -11.74 7.72
N ARG E 15 13.25 -12.06 7.41
CA ARG E 15 13.83 -11.75 6.11
C ARG E 15 13.77 -13.00 5.22
N PRO E 16 12.64 -13.25 4.54
CA PRO E 16 12.46 -14.58 3.93
C PRO E 16 13.46 -14.87 2.82
N ASP E 17 13.87 -13.87 2.06
CA ASP E 17 14.86 -14.06 1.02
C ASP E 17 16.28 -14.07 1.56
N VAL E 18 16.48 -13.64 2.79
CA VAL E 18 17.81 -13.47 3.35
C VAL E 18 18.16 -14.73 4.13
N ILE E 19 19.29 -15.33 3.78
CA ILE E 19 19.79 -16.50 4.53
C ILE E 19 20.28 -16.04 5.90
N PRO E 20 19.90 -16.71 6.96
CA PRO E 20 20.35 -16.32 8.30
C PRO E 20 21.68 -16.98 8.65
N THR E 21 22.74 -16.54 7.99
CA THR E 21 24.05 -17.08 8.31
C THR E 21 24.49 -16.58 9.68
N GLN E 22 25.08 -17.47 10.47
CA GLN E 22 25.45 -17.18 11.85
C GLN E 22 26.96 -17.12 11.97
N ARG E 23 27.46 -16.01 12.53
CA ARG E 23 28.89 -15.78 12.69
C ARG E 23 29.61 -15.94 11.34
N ASP E 24 28.93 -15.51 10.28
CA ASP E 24 29.41 -15.68 8.90
C ASP E 24 29.89 -17.12 8.72
N ARG E 25 29.14 -18.06 9.24
CA ARG E 25 29.36 -19.49 9.10
C ARG E 25 28.13 -20.13 8.46
N PRO E 26 28.27 -21.28 7.82
CA PRO E 26 27.16 -21.82 7.03
C PRO E 26 25.97 -22.26 7.88
N VAL E 27 24.79 -22.19 7.27
CA VAL E 27 23.54 -22.54 7.94
C VAL E 27 23.37 -24.06 7.94
N ALA E 28 23.30 -24.64 9.14
CA ALA E 28 23.17 -26.09 9.32
C ALA E 28 21.72 -26.50 9.09
N VAL E 29 21.44 -27.05 7.90
CA VAL E 29 20.12 -27.56 7.56
C VAL E 29 20.13 -29.08 7.70
N SER E 30 19.16 -29.61 8.44
CA SER E 30 19.06 -31.04 8.73
C SER E 30 17.85 -31.64 8.01
N VAL E 31 18.11 -32.61 7.12
CA VAL E 31 17.08 -33.22 6.28
C VAL E 31 16.87 -34.67 6.69
N SER E 32 15.61 -35.04 6.90
CA SER E 32 15.24 -36.43 7.14
C SER E 32 13.96 -36.75 6.36
N LEU E 33 14.04 -37.74 5.47
CA LEU E 33 12.88 -38.20 4.72
C LEU E 33 12.19 -39.30 5.54
N LYS E 34 10.92 -39.08 5.88
CA LYS E 34 10.07 -40.11 6.46
C LYS E 34 9.24 -40.71 5.35
N PHE E 35 9.53 -41.94 4.96
CA PHE E 35 8.84 -42.55 3.84
C PHE E 35 7.46 -43.01 4.30
N ILE E 36 6.45 -42.70 3.50
CA ILE E 36 5.06 -42.95 3.84
C ILE E 36 4.46 -44.01 2.94
N ASN E 37 4.82 -43.99 1.66
CA ASN E 37 4.24 -44.88 0.68
C ASN E 37 5.13 -44.90 -0.55
N ILE E 38 5.17 -46.05 -1.21
CA ILE E 38 5.79 -46.18 -2.51
C ILE E 38 4.66 -46.56 -3.46
N LEU E 39 4.45 -45.71 -4.46
CA LEU E 39 3.22 -45.70 -5.23
C LEU E 39 3.36 -46.43 -6.55
N GLU E 40 4.19 -45.91 -7.46
CA GLU E 40 4.42 -46.50 -8.77
C GLU E 40 5.89 -46.83 -8.95
N VAL E 41 6.21 -48.08 -9.26
CA VAL E 41 7.57 -48.52 -9.55
C VAL E 41 7.65 -49.02 -10.98
N ASN E 42 8.72 -48.64 -11.68
CA ASN E 42 8.96 -49.03 -13.07
C ASN E 42 10.41 -49.45 -13.21
N GLU E 43 10.65 -50.75 -13.34
CA GLU E 43 12.01 -51.27 -13.40
C GLU E 43 12.70 -51.05 -14.75
N ILE E 44 11.93 -50.90 -15.83
CA ILE E 44 12.53 -50.71 -17.15
C ILE E 44 13.05 -49.28 -17.30
N THR E 45 12.22 -48.30 -16.91
CA THR E 45 12.59 -46.90 -17.01
C THR E 45 13.36 -46.41 -15.80
N ASN E 46 13.43 -47.22 -14.74
CA ASN E 46 14.13 -46.90 -13.50
C ASN E 46 13.55 -45.63 -12.86
N GLU E 47 12.24 -45.67 -12.63
CA GLU E 47 11.52 -44.55 -12.02
C GLU E 47 10.64 -45.04 -10.89
N VAL E 48 10.62 -44.27 -9.79
CA VAL E 48 9.77 -44.54 -8.63
C VAL E 48 8.98 -43.30 -8.30
N ASP E 49 7.75 -43.51 -7.85
CA ASP E 49 6.84 -42.45 -7.43
C ASP E 49 6.60 -42.62 -5.94
N VAL E 50 7.00 -41.62 -5.15
CA VAL E 50 7.14 -41.78 -3.70
C VAL E 50 6.40 -40.66 -2.98
N VAL E 51 5.80 -41.00 -1.84
CA VAL E 51 5.23 -40.05 -0.89
C VAL E 51 6.09 -40.12 0.36
N PHE E 52 6.57 -38.97 0.83
CA PHE E 52 7.50 -38.94 1.95
C PHE E 52 7.36 -37.63 2.69
N TRP E 53 7.72 -37.67 3.98
CA TRP E 53 7.76 -36.49 4.84
C TRP E 53 9.18 -35.93 4.87
N GLN E 54 9.36 -34.69 4.40
CA GLN E 54 10.68 -34.04 4.38
C GLN E 54 10.88 -33.21 5.65
N GLN E 55 11.26 -33.90 6.73
CA GLN E 55 11.55 -33.26 8.02
C GLN E 55 12.79 -32.39 7.91
N THR E 56 12.61 -31.06 7.97
CA THR E 56 13.70 -30.10 7.85
C THR E 56 13.80 -29.24 9.10
N THR E 57 15.04 -29.05 9.59
CA THR E 57 15.31 -28.28 10.79
C THR E 57 16.50 -27.36 10.58
N TRP E 58 16.36 -26.11 11.00
CA TRP E 58 17.45 -25.14 10.95
C TRP E 58 17.20 -24.09 12.03
N SER E 59 18.20 -23.23 12.24
CA SER E 59 18.15 -22.16 13.24
C SER E 59 18.21 -20.80 12.55
N ASP E 60 17.27 -19.92 12.91
CA ASP E 60 17.18 -18.55 12.38
C ASP E 60 17.01 -17.61 13.58
N ARG E 61 18.14 -17.04 14.05
CA ARG E 61 18.14 -16.25 15.28
C ARG E 61 17.31 -14.97 15.17
N THR E 62 17.10 -14.45 13.97
CA THR E 62 16.26 -13.28 13.76
C THR E 62 14.79 -13.55 14.03
N LEU E 63 14.41 -14.81 14.20
CA LEU E 63 13.03 -15.19 14.43
C LEU E 63 12.63 -15.23 15.90
N ALA E 64 13.61 -15.18 16.80
CA ALA E 64 13.43 -15.46 18.21
C ALA E 64 12.56 -14.40 18.91
N TRP E 65 12.05 -14.78 20.08
CA TRP E 65 11.37 -13.87 20.98
C TRP E 65 11.60 -14.33 22.42
N ASN E 66 11.54 -13.38 23.35
CA ASN E 66 11.69 -13.68 24.77
C ASN E 66 10.39 -14.36 25.20
N SER E 67 10.51 -15.59 25.68
CA SER E 67 9.34 -16.44 25.85
C SER E 67 8.68 -16.29 27.22
N SER E 68 9.06 -15.26 28.00
CA SER E 68 8.54 -14.92 29.32
C SER E 68 7.11 -15.43 29.55
N HIS E 69 6.16 -14.52 29.78
CA HIS E 69 4.76 -14.92 29.76
C HIS E 69 4.21 -14.94 28.33
N SER E 70 4.75 -15.83 27.51
CA SER E 70 4.38 -15.85 26.10
C SER E 70 4.57 -17.26 25.56
N PRO E 71 3.93 -17.60 24.45
CA PRO E 71 4.06 -18.97 23.91
C PRO E 71 5.49 -19.30 23.55
N ASP E 72 5.85 -20.56 23.76
CA ASP E 72 7.18 -21.06 23.48
C ASP E 72 7.36 -21.49 22.03
N GLN E 73 6.28 -21.77 21.31
CA GLN E 73 6.36 -22.19 19.91
C GLN E 73 5.12 -21.70 19.19
N VAL E 74 5.27 -21.39 17.91
CA VAL E 74 4.12 -21.06 17.08
C VAL E 74 4.25 -21.79 15.76
N SER E 75 3.25 -21.59 14.91
CA SER E 75 3.19 -22.18 13.58
C SER E 75 3.12 -21.02 12.61
N VAL E 76 4.10 -20.94 11.71
CA VAL E 76 4.21 -19.75 10.87
C VAL E 76 4.08 -20.18 9.42
N PRO E 77 3.31 -19.46 8.60
CA PRO E 77 3.29 -19.79 7.18
C PRO E 77 4.67 -19.54 6.59
N ILE E 78 5.13 -20.49 5.77
CA ILE E 78 6.47 -20.38 5.23
C ILE E 78 6.61 -19.20 4.28
N SER E 79 5.50 -18.56 3.93
CA SER E 79 5.57 -17.34 3.15
C SER E 79 6.19 -16.20 3.94
N SER E 80 6.10 -16.24 5.27
CA SER E 80 6.75 -15.27 6.15
C SER E 80 8.05 -15.80 6.75
N LEU E 81 8.68 -16.81 6.14
CA LEU E 81 9.86 -17.43 6.74
C LEU E 81 10.94 -17.66 5.68
N TRP E 82 12.19 -17.75 6.14
CA TRP E 82 13.26 -18.28 5.31
C TRP E 82 13.25 -19.80 5.39
N VAL E 83 13.16 -20.44 4.23
CA VAL E 83 13.18 -21.88 4.09
C VAL E 83 14.36 -22.21 3.17
N PRO E 84 15.19 -23.19 3.51
CA PRO E 84 16.31 -23.51 2.63
C PRO E 84 15.84 -23.97 1.27
N ASP E 85 16.58 -23.59 0.23
CA ASP E 85 16.19 -23.83 -1.15
C ASP E 85 16.53 -25.27 -1.56
N LEU E 86 16.01 -26.20 -0.76
CA LEU E 86 16.28 -27.61 -0.98
C LEU E 86 15.67 -28.09 -2.28
N ALA E 87 16.38 -29.00 -2.95
CA ALA E 87 15.91 -29.60 -4.18
C ALA E 87 16.48 -31.01 -4.27
N ALA E 88 15.63 -31.96 -4.64
CA ALA E 88 16.08 -33.33 -4.86
C ALA E 88 16.78 -33.43 -6.21
N TYR E 89 18.10 -33.67 -6.17
CA TYR E 89 18.90 -33.68 -7.40
C TYR E 89 18.45 -34.77 -8.36
N ASN E 90 17.79 -35.81 -7.86
CA ASN E 90 17.38 -36.96 -8.67
C ASN E 90 15.89 -36.93 -8.98
N ALA E 91 15.25 -35.77 -8.83
CA ALA E 91 13.82 -35.65 -9.09
C ALA E 91 13.54 -35.47 -10.57
N ILE E 92 12.46 -36.10 -11.03
CA ILE E 92 11.98 -35.97 -12.40
C ILE E 92 10.56 -35.42 -12.45
N SER E 93 10.03 -34.93 -11.34
CA SER E 93 8.68 -34.36 -11.33
C SER E 93 8.59 -33.19 -10.36
N LYS E 94 7.50 -32.42 -10.49
CA LYS E 94 7.22 -31.38 -9.51
C LYS E 94 7.02 -32.02 -8.15
N PRO E 95 7.63 -31.50 -7.09
CA PRO E 95 7.28 -32.00 -5.75
C PRO E 95 5.85 -31.59 -5.45
N GLU E 96 5.00 -32.56 -5.18
CA GLU E 96 3.59 -32.28 -4.90
C GLU E 96 3.42 -32.23 -3.39
N VAL E 97 3.26 -31.02 -2.86
CA VAL E 97 3.15 -30.85 -1.41
C VAL E 97 1.69 -31.07 -1.04
N LEU E 98 1.45 -32.09 -0.21
CA LEU E 98 0.11 -32.52 0.14
C LEU E 98 -0.42 -31.87 1.41
N THR E 99 0.46 -31.42 2.28
CA THR E 99 0.08 -30.92 3.59
C THR E 99 0.03 -29.40 3.58
N PRO E 100 -0.56 -28.78 4.61
CA PRO E 100 -0.48 -27.33 4.72
C PRO E 100 0.98 -26.89 4.81
N GLN E 101 1.28 -25.76 4.18
CA GLN E 101 2.66 -25.27 4.12
C GLN E 101 2.95 -24.33 5.28
N LEU E 102 2.78 -24.87 6.49
CA LEU E 102 3.14 -24.19 7.72
C LEU E 102 4.40 -24.83 8.29
N ALA E 103 5.23 -24.02 8.94
CA ALA E 103 6.38 -24.50 9.68
C ALA E 103 6.23 -24.17 11.15
N ARG E 104 6.88 -24.95 12.00
CA ARG E 104 6.85 -24.73 13.44
C ARG E 104 8.14 -24.06 13.88
N VAL E 105 8.01 -22.94 14.58
CA VAL E 105 9.15 -22.12 14.99
C VAL E 105 9.17 -22.04 16.50
N VAL E 106 10.32 -22.37 17.10
CA VAL E 106 10.50 -22.30 18.54
C VAL E 106 11.14 -20.97 18.89
N SER E 107 10.90 -20.50 20.11
CA SER E 107 11.39 -19.19 20.57
C SER E 107 12.90 -19.06 20.45
N ASP E 108 13.62 -20.18 20.43
CA ASP E 108 15.07 -20.15 20.36
C ASP E 108 15.56 -19.91 18.93
N GLY E 109 14.65 -19.90 17.96
CA GLY E 109 14.98 -19.68 16.56
C GLY E 109 15.00 -20.92 15.69
N GLU E 110 14.91 -22.10 16.29
CA GLU E 110 14.85 -23.33 15.51
C GLU E 110 13.51 -23.44 14.79
N VAL E 111 13.55 -23.87 13.53
CA VAL E 111 12.37 -23.99 12.69
C VAL E 111 12.25 -25.42 12.20
N LEU E 112 11.01 -25.91 12.14
CA LEU E 112 10.69 -27.25 11.66
C LEU E 112 9.74 -27.17 10.48
N TYR E 113 10.23 -27.55 9.29
CA TYR E 113 9.41 -27.67 8.10
C TYR E 113 9.40 -29.14 7.67
N MET E 114 8.22 -29.76 7.73
CA MET E 114 8.08 -31.17 7.36
C MET E 114 6.82 -31.33 6.51
N PRO E 115 6.93 -31.13 5.21
CA PRO E 115 5.79 -31.35 4.32
C PRO E 115 5.76 -32.77 3.78
N SER E 116 4.56 -33.24 3.46
CA SER E 116 4.39 -34.50 2.74
C SER E 116 4.50 -34.20 1.26
N ILE E 117 5.45 -34.85 0.61
CA ILE E 117 5.80 -34.55 -0.78
C ILE E 117 5.63 -35.82 -1.59
N ARG E 118 4.85 -35.74 -2.67
CA ARG E 118 4.76 -36.81 -3.65
C ARG E 118 5.59 -36.40 -4.87
N GLN E 119 6.64 -37.17 -5.16
CA GLN E 119 7.59 -36.81 -6.20
C GLN E 119 8.12 -38.06 -6.85
N ARG E 120 8.46 -37.96 -8.14
CA ARG E 120 9.06 -39.05 -8.88
C ARG E 120 10.57 -38.84 -9.01
N PHE E 121 11.32 -39.93 -8.95
CA PHE E 121 12.77 -39.87 -8.97
C PHE E 121 13.33 -40.84 -10.00
N SER E 122 14.56 -40.57 -10.42
CA SER E 122 15.33 -41.48 -11.25
C SER E 122 16.40 -42.14 -10.38
N CYS E 123 16.21 -43.42 -10.08
CA CYS E 123 17.14 -44.16 -9.24
C CYS E 123 17.18 -45.61 -9.72
N ASP E 124 17.95 -46.42 -8.99
CA ASP E 124 18.15 -47.81 -9.38
C ASP E 124 16.98 -48.65 -8.86
N VAL E 125 16.05 -48.96 -9.77
CA VAL E 125 14.89 -49.77 -9.44
C VAL E 125 15.17 -51.26 -9.65
N SER E 126 16.27 -51.61 -10.32
CA SER E 126 16.58 -52.99 -10.64
C SER E 126 16.64 -53.83 -9.37
N GLY E 127 15.88 -54.92 -9.35
CA GLY E 127 15.81 -55.82 -8.22
C GLY E 127 14.64 -55.61 -7.28
N VAL E 128 13.66 -54.79 -7.66
CA VAL E 128 12.54 -54.52 -6.77
C VAL E 128 11.68 -55.76 -6.57
N ASP E 129 11.69 -56.69 -7.53
CA ASP E 129 10.92 -57.92 -7.44
C ASP E 129 11.70 -59.06 -6.79
N THR E 130 13.00 -58.89 -6.56
CA THR E 130 13.84 -59.89 -5.94
C THR E 130 13.73 -59.83 -4.41
N GLU E 131 14.47 -60.72 -3.74
CA GLU E 131 14.41 -60.79 -2.28
C GLU E 131 15.16 -59.63 -1.63
N SER E 132 16.38 -59.35 -2.08
CA SER E 132 17.15 -58.27 -1.48
C SER E 132 16.65 -56.90 -1.88
N GLY E 133 15.81 -56.81 -2.90
CA GLY E 133 15.20 -55.55 -3.22
C GLY E 133 16.14 -54.70 -4.06
N ALA E 134 15.62 -53.55 -4.46
CA ALA E 134 16.39 -52.54 -5.15
C ALA E 134 16.89 -51.52 -4.15
N THR E 135 17.94 -50.80 -4.51
CA THR E 135 18.39 -49.69 -3.68
C THR E 135 18.21 -48.42 -4.49
N CYS E 136 17.28 -47.58 -4.07
CA CYS E 136 16.94 -46.34 -4.76
C CYS E 136 17.48 -45.20 -3.91
N ARG E 137 18.47 -44.50 -4.44
CA ARG E 137 19.11 -43.40 -3.72
C ARG E 137 18.53 -42.07 -4.17
N ILE E 138 18.15 -41.24 -3.20
CA ILE E 138 17.62 -39.90 -3.46
C ILE E 138 18.57 -38.90 -2.81
N LYS E 139 19.08 -37.97 -3.61
CA LYS E 139 20.04 -36.97 -3.17
C LYS E 139 19.34 -35.62 -3.05
N ILE E 140 19.29 -35.09 -1.83
CA ILE E 140 18.59 -33.85 -1.52
C ILE E 140 19.61 -32.83 -1.01
N GLY E 141 19.58 -31.63 -1.58
CA GLY E 141 20.49 -30.58 -1.17
C GLY E 141 20.04 -29.23 -1.67
N SER E 142 20.68 -28.19 -1.15
CA SER E 142 20.36 -26.82 -1.54
C SER E 142 20.64 -26.61 -3.02
N TRP E 143 19.74 -25.86 -3.68
CA TRP E 143 19.85 -25.70 -5.12
C TRP E 143 20.79 -24.57 -5.56
N THR E 144 20.87 -23.48 -4.81
CA THR E 144 21.70 -22.34 -5.21
C THR E 144 22.80 -22.00 -4.21
N HIS E 145 22.58 -22.27 -2.92
CA HIS E 145 23.58 -21.97 -1.90
C HIS E 145 24.56 -23.12 -1.82
N HIS E 146 25.86 -22.81 -1.78
CA HIS E 146 26.88 -23.85 -1.75
C HIS E 146 27.25 -24.14 -0.30
N SER E 147 28.39 -24.81 -0.08
CA SER E 147 28.69 -25.40 1.22
C SER E 147 28.94 -24.36 2.31
N ARG E 148 29.55 -23.23 1.98
CA ARG E 148 29.80 -22.24 3.03
C ARG E 148 28.59 -21.37 3.35
N GLU E 149 27.51 -21.50 2.59
CA GLU E 149 26.27 -20.78 2.86
C GLU E 149 25.25 -21.69 3.53
N ILE E 150 25.03 -22.87 2.96
CA ILE E 150 24.14 -23.89 3.54
C ILE E 150 24.92 -25.19 3.68
N SER E 151 24.92 -25.76 4.89
CA SER E 151 25.46 -27.09 5.13
C SER E 151 24.30 -28.05 5.41
N VAL E 152 24.15 -29.06 4.55
CA VAL E 152 23.06 -30.03 4.64
C VAL E 152 23.59 -31.33 5.25
N ASP E 153 22.85 -31.86 6.23
CA ASP E 153 23.19 -33.04 7.01
C ASP E 153 21.92 -33.80 7.36
N PRO E 154 21.97 -35.12 7.46
CA PRO E 154 20.77 -35.85 7.89
C PRO E 154 20.49 -35.53 9.35
N THR E 155 19.28 -35.85 9.80
CA THR E 155 18.92 -35.46 11.16
C THR E 155 19.27 -36.58 12.12
N GLU E 157 22.82 -39.64 11.21
CA GLU E 157 21.67 -40.50 11.46
C GLU E 157 21.13 -40.35 12.89
N ASN E 158 20.12 -39.49 13.05
CA ASN E 158 19.29 -39.46 14.25
C ASN E 158 17.82 -39.64 13.87
N SER E 159 17.57 -40.43 12.83
CA SER E 159 16.27 -40.50 12.20
C SER E 159 15.67 -41.89 12.35
N ASP E 160 14.41 -41.94 12.76
CA ASP E 160 13.62 -43.17 12.79
C ASP E 160 12.49 -42.97 11.78
N ASP E 161 12.77 -43.30 10.53
CA ASP E 161 11.93 -42.95 9.39
C ASP E 161 11.10 -44.10 8.85
N SER E 162 11.59 -45.35 8.97
CA SER E 162 10.83 -46.51 8.54
C SER E 162 9.73 -46.83 9.56
N GLU E 163 9.14 -45.80 10.17
CA GLU E 163 8.11 -45.97 11.17
C GLU E 163 6.71 -45.51 10.79
N TYR E 164 6.55 -44.66 9.77
CA TYR E 164 5.23 -44.15 9.39
C TYR E 164 4.77 -44.70 8.04
N PHE E 165 5.43 -45.73 7.54
CA PHE E 165 5.16 -46.27 6.22
C PHE E 165 3.84 -47.03 6.16
N SER E 166 3.11 -46.85 5.05
CA SER E 166 1.80 -47.46 4.88
C SER E 166 1.92 -48.98 4.82
N GLN E 167 1.18 -49.67 5.69
CA GLN E 167 1.17 -51.13 5.66
C GLN E 167 0.52 -51.67 4.39
N TYR E 168 -0.12 -50.81 3.61
CA TYR E 168 -0.93 -51.19 2.47
C TYR E 168 -0.25 -50.88 1.16
N SER E 169 0.97 -50.36 1.18
CA SER E 169 1.70 -50.15 -0.05
C SER E 169 1.97 -51.51 -0.68
N ARG E 170 1.94 -51.57 -2.00
CA ARG E 170 2.28 -52.78 -2.71
C ARG E 170 3.73 -53.17 -2.47
N PHE E 171 4.52 -52.27 -1.90
CA PHE E 171 5.94 -52.46 -1.69
C PHE E 171 6.25 -52.42 -0.20
N GLU E 172 7.44 -52.90 0.16
CA GLU E 172 7.86 -52.96 1.55
C GLU E 172 9.30 -52.51 1.69
N ILE E 173 9.59 -51.73 2.74
CA ILE E 173 10.92 -51.20 2.98
C ILE E 173 11.75 -52.23 3.74
N LEU E 174 12.99 -52.41 3.31
CA LEU E 174 13.98 -53.22 3.99
C LEU E 174 15.01 -52.39 4.76
N ASP E 175 15.51 -51.31 4.17
CA ASP E 175 16.51 -50.47 4.81
C ASP E 175 16.43 -49.03 4.31
N VAL E 176 16.75 -48.10 5.21
CA VAL E 176 16.83 -46.68 4.89
C VAL E 176 18.10 -46.13 5.53
N THR E 177 19.06 -45.72 4.71
CA THR E 177 20.26 -45.07 5.21
C THR E 177 20.26 -43.62 4.75
N GLN E 178 20.60 -42.72 5.65
CA GLN E 178 20.67 -41.31 5.32
C GLN E 178 22.09 -40.88 5.67
N LYS E 179 22.88 -40.62 4.65
CA LYS E 179 24.27 -40.22 4.80
C LYS E 179 24.52 -38.85 4.18
N LYS E 180 25.66 -38.27 4.54
CA LYS E 180 26.03 -36.97 4.05
C LYS E 180 26.93 -37.12 2.84
N ASN E 181 26.69 -36.29 1.85
CA ASN E 181 27.47 -36.30 0.61
C ASN E 181 27.87 -34.87 0.30
N SER E 182 28.78 -34.74 -0.66
CA SER E 182 29.21 -33.44 -1.17
C SER E 182 29.42 -33.63 -2.65
N VAL E 183 28.62 -32.95 -3.46
CA VAL E 183 28.66 -33.10 -4.90
C VAL E 183 29.26 -31.82 -5.45
N THR E 184 30.20 -31.99 -6.37
CA THR E 184 30.86 -30.90 -7.06
C THR E 184 30.72 -31.10 -8.56
N TYR E 185 30.23 -30.09 -9.26
CA TYR E 185 30.07 -30.21 -10.69
C TYR E 185 31.39 -29.81 -11.32
N SER E 186 31.78 -30.50 -12.39
CA SER E 186 33.11 -30.29 -12.97
C SER E 186 33.28 -28.92 -13.61
N CYS E 187 32.20 -28.16 -13.70
CA CYS E 187 32.26 -26.84 -14.31
C CYS E 187 32.90 -25.85 -13.35
N CYS E 188 32.58 -25.98 -12.07
CA CYS E 188 32.59 -24.92 -11.10
C CYS E 188 33.21 -25.43 -9.79
N PRO E 189 34.00 -24.61 -9.13
CA PRO E 189 34.81 -25.10 -8.01
C PRO E 189 34.06 -25.32 -6.71
N GLU E 190 32.93 -24.64 -6.50
CA GLU E 190 32.24 -24.82 -5.24
C GLU E 190 31.50 -26.15 -5.18
N ALA E 191 31.25 -26.60 -3.97
CA ALA E 191 30.63 -27.88 -3.66
C ALA E 191 29.32 -27.73 -2.92
N TYR E 192 28.31 -28.48 -3.35
CA TYR E 192 26.98 -28.47 -2.75
C TYR E 192 26.80 -29.75 -1.95
N GLU E 193 26.37 -29.61 -0.71
CA GLU E 193 26.27 -30.74 0.22
C GLU E 193 24.93 -31.44 0.02
N ASP E 194 24.92 -32.76 0.21
CA ASP E 194 23.73 -33.56 -0.03
C ASP E 194 23.43 -34.48 1.14
N VAL E 195 22.15 -34.79 1.29
CA VAL E 195 21.71 -35.94 2.06
C VAL E 195 21.47 -37.04 1.06
N GLU E 196 22.09 -38.19 1.26
CA GLU E 196 21.94 -39.32 0.36
C GLU E 196 21.08 -40.34 1.06
N VAL E 197 19.86 -40.51 0.57
CA VAL E 197 18.91 -41.45 1.16
C VAL E 197 18.92 -42.69 0.32
N SER E 198 19.45 -43.78 0.85
CA SER E 198 19.44 -45.06 0.17
C SER E 198 18.21 -45.79 0.69
N LEU E 199 17.24 -45.99 -0.17
CA LEU E 199 15.97 -46.58 0.22
C LEU E 199 15.95 -47.99 -0.34
N ASN E 200 16.13 -48.97 0.53
CA ASN E 200 16.10 -50.38 0.16
C ASN E 200 14.68 -50.89 0.39
N PHE E 201 13.99 -51.22 -0.70
CA PHE E 201 12.60 -51.67 -0.70
C PHE E 201 12.42 -52.72 -1.79
N ARG E 202 11.33 -53.49 -1.67
CA ARG E 202 11.01 -54.50 -2.66
C ARG E 202 9.50 -54.65 -2.75
N LYS E 203 9.06 -55.30 -3.84
CA LYS E 203 7.66 -55.64 -4.04
C LYS E 203 7.26 -56.80 -3.13
N LYS E 204 5.97 -56.85 -2.80
CA LYS E 204 5.44 -57.93 -1.99
C LYS E 204 5.06 -59.14 -2.85
N LEU F 1 -26.57 3.02 0.50
CA LEU F 1 -27.48 2.34 1.44
C LEU F 1 -27.61 3.07 2.77
N ASP F 2 -26.53 3.07 3.55
CA ASP F 2 -26.48 3.81 4.81
C ASP F 2 -25.33 4.81 4.80
N ARG F 3 -25.32 5.67 5.83
CA ARG F 3 -24.33 6.73 5.96
C ARG F 3 -22.92 6.18 5.75
N ALA F 4 -22.61 5.07 6.43
CA ALA F 4 -21.29 4.46 6.35
C ALA F 4 -20.94 4.07 4.93
N ASP F 5 -21.92 3.57 4.17
CA ASP F 5 -21.67 3.16 2.80
C ASP F 5 -21.37 4.34 1.89
N ILE F 6 -22.15 5.42 2.02
CA ILE F 6 -21.93 6.61 1.20
C ILE F 6 -20.53 7.17 1.44
N LEU F 7 -20.16 7.32 2.71
CA LEU F 7 -18.84 7.85 3.03
C LEU F 7 -17.75 6.87 2.64
N TYR F 8 -18.05 5.57 2.66
CA TYR F 8 -17.14 4.59 2.06
C TYR F 8 -17.03 4.80 0.56
N ASN F 9 -18.17 4.87 -0.13
CA ASN F 9 -18.16 5.04 -1.58
C ASN F 9 -17.51 6.36 -1.99
N ILE F 10 -17.78 7.43 -1.26
CA ILE F 10 -17.18 8.72 -1.62
C ILE F 10 -15.68 8.68 -1.39
N ARG F 11 -15.25 8.16 -0.24
CA ARG F 11 -13.83 8.06 0.07
C ARG F 11 -13.08 7.21 -0.96
N GLN F 12 -13.67 6.09 -1.39
CA GLN F 12 -12.95 5.12 -2.21
C GLN F 12 -12.90 5.52 -3.69
N THR F 13 -13.75 6.45 -4.11
CA THR F 13 -13.81 6.91 -5.48
C THR F 13 -13.45 8.39 -5.63
N SER F 14 -13.30 9.11 -4.51
CA SER F 14 -13.03 10.54 -4.58
C SER F 14 -11.78 10.84 -5.36
N ARG F 15 -11.94 11.64 -6.41
CA ARG F 15 -10.83 12.14 -7.20
C ARG F 15 -10.67 13.62 -6.87
N PRO F 16 -10.01 13.98 -5.78
CA PRO F 16 -10.02 15.39 -5.35
C PRO F 16 -9.34 16.31 -6.33
N ASP F 17 -8.38 15.79 -7.11
CA ASP F 17 -7.67 16.60 -8.08
C ASP F 17 -8.50 16.88 -9.33
N VAL F 18 -9.59 16.15 -9.54
CA VAL F 18 -10.32 16.22 -10.79
C VAL F 18 -11.47 17.20 -10.63
N ILE F 19 -11.49 18.22 -11.48
CA ILE F 19 -12.62 19.14 -11.50
C ILE F 19 -13.84 18.42 -12.09
N PRO F 20 -14.99 18.47 -11.45
CA PRO F 20 -16.13 17.71 -11.98
C PRO F 20 -16.88 18.51 -13.03
N THR F 21 -16.21 18.74 -14.16
CA THR F 21 -16.88 19.38 -15.28
C THR F 21 -17.83 18.38 -15.91
N GLN F 22 -19.04 18.83 -16.22
CA GLN F 22 -20.07 17.97 -16.79
C GLN F 22 -20.24 18.39 -18.24
N ARG F 23 -20.05 17.42 -19.15
CA ARG F 23 -20.09 17.69 -20.59
C ARG F 23 -19.17 18.87 -20.91
N ASP F 24 -18.07 18.93 -20.16
CA ASP F 24 -17.11 20.03 -20.19
C ASP F 24 -17.81 21.37 -20.28
N ARG F 25 -18.75 21.56 -19.36
CA ARG F 25 -19.42 22.82 -19.13
C ARG F 25 -18.97 23.32 -17.77
N PRO F 26 -19.02 24.63 -17.52
CA PRO F 26 -18.38 25.13 -16.30
C PRO F 26 -19.09 24.64 -15.05
N VAL F 27 -18.32 24.48 -13.99
CA VAL F 27 -18.85 24.07 -12.69
C VAL F 27 -19.49 25.28 -12.05
N ALA F 28 -20.79 25.20 -11.79
CA ALA F 28 -21.51 26.33 -11.23
C ALA F 28 -21.12 26.47 -9.78
N VAL F 29 -20.20 27.38 -9.49
CA VAL F 29 -19.76 27.64 -8.14
C VAL F 29 -20.49 28.89 -7.65
N SER F 30 -21.15 28.77 -6.51
CA SER F 30 -21.90 29.87 -5.93
C SER F 30 -21.16 30.28 -4.66
N VAL F 31 -20.57 31.48 -4.70
CA VAL F 31 -19.78 32.00 -3.59
C VAL F 31 -20.50 33.22 -3.04
N SER F 32 -20.75 33.22 -1.73
CA SER F 32 -21.29 34.39 -1.06
C SER F 32 -20.60 34.52 0.29
N LEU F 33 -19.99 35.67 0.53
CA LEU F 33 -19.32 35.90 1.81
C LEU F 33 -20.35 36.38 2.83
N LYS F 34 -20.51 35.60 3.90
CA LYS F 34 -21.31 36.00 5.05
C LYS F 34 -20.35 36.55 6.08
N PHE F 35 -20.37 37.85 6.28
CA PHE F 35 -19.42 38.51 7.16
C PHE F 35 -19.81 38.33 8.61
N ILE F 36 -18.83 37.99 9.45
CA ILE F 36 -19.07 37.66 10.84
C ILE F 36 -18.45 38.69 11.79
N ASN F 37 -17.29 39.23 11.44
CA ASN F 37 -16.59 40.10 12.36
C ASN F 37 -15.55 40.92 11.62
N ILE F 38 -15.36 42.16 12.07
CA ILE F 38 -14.28 43.01 11.62
C ILE F 38 -13.44 43.36 12.85
N LEU F 39 -12.16 42.99 12.83
CA LEU F 39 -11.31 43.02 14.01
C LEU F 39 -10.39 44.23 14.00
N GLU F 40 -9.49 44.31 13.03
CA GLU F 40 -8.56 45.42 12.92
C GLU F 40 -8.81 46.19 11.63
N VAL F 41 -9.03 47.50 11.77
CA VAL F 41 -9.18 48.41 10.64
C VAL F 41 -8.03 49.40 10.70
N ASN F 42 -7.41 49.65 9.56
CA ASN F 42 -6.25 50.53 9.47
C ASN F 42 -6.48 51.46 8.29
N GLU F 43 -6.83 52.71 8.59
CA GLU F 43 -7.12 53.67 7.53
C GLU F 43 -5.85 54.22 6.89
N ILE F 44 -4.72 54.18 7.61
CA ILE F 44 -3.48 54.69 7.04
C ILE F 44 -2.90 53.70 6.05
N THR F 45 -2.80 52.42 6.43
CA THR F 45 -2.20 51.40 5.58
C THR F 45 -3.19 50.73 4.64
N ASN F 46 -4.49 50.99 4.82
CA ASN F 46 -5.54 50.36 4.02
C ASN F 46 -5.54 48.84 4.21
N GLU F 47 -5.67 48.43 5.47
CA GLU F 47 -5.67 47.02 5.85
C GLU F 47 -6.85 46.71 6.76
N VAL F 48 -7.48 45.56 6.52
CA VAL F 48 -8.59 45.08 7.34
C VAL F 48 -8.33 43.65 7.76
N ASP F 49 -8.75 43.31 8.98
CA ASP F 49 -8.72 41.94 9.49
C ASP F 49 -10.15 41.51 9.71
N VAL F 50 -10.61 40.51 8.95
CA VAL F 50 -12.02 40.21 8.81
C VAL F 50 -12.26 38.71 9.05
N VAL F 51 -13.39 38.39 9.68
CA VAL F 51 -13.87 37.02 9.85
C VAL F 51 -15.14 36.87 9.01
N PHE F 52 -15.19 35.84 8.18
CA PHE F 52 -16.34 35.65 7.29
C PHE F 52 -16.52 34.17 6.96
N TRP F 53 -17.76 33.81 6.70
CA TRP F 53 -18.14 32.48 6.22
C TRP F 53 -18.25 32.48 4.70
N GLN F 54 -17.46 31.62 4.04
CA GLN F 54 -17.50 31.53 2.57
C GLN F 54 -18.55 30.51 2.18
N GLN F 55 -19.80 30.97 2.10
CA GLN F 55 -20.84 30.07 1.63
C GLN F 55 -20.50 29.68 0.19
N THR F 56 -19.99 28.46 0.01
CA THR F 56 -19.58 27.98 -1.30
C THR F 56 -20.41 26.75 -1.61
N THR F 57 -21.04 26.75 -2.78
CA THR F 57 -21.93 25.67 -3.20
C THR F 57 -21.70 25.36 -4.66
N TRP F 58 -21.64 24.08 -4.98
CA TRP F 58 -21.57 23.63 -6.36
C TRP F 58 -22.18 22.24 -6.45
N SER F 59 -22.29 21.74 -7.67
CA SER F 59 -22.85 20.42 -7.93
C SER F 59 -21.74 19.51 -8.43
N ASP F 60 -21.61 18.35 -7.79
CA ASP F 60 -20.59 17.36 -8.11
C ASP F 60 -21.28 15.99 -8.23
N ARG F 61 -21.73 15.66 -9.44
CA ARG F 61 -22.51 14.44 -9.63
C ARG F 61 -21.67 13.18 -9.43
N THR F 62 -20.35 13.28 -9.42
CA THR F 62 -19.54 12.11 -9.09
C THR F 62 -19.82 11.60 -7.68
N LEU F 63 -20.49 12.41 -6.86
CA LEU F 63 -20.81 12.09 -5.49
C LEU F 63 -22.23 11.56 -5.27
N ALA F 64 -23.13 11.70 -6.24
CA ALA F 64 -24.54 11.48 -6.00
C ALA F 64 -24.83 10.03 -5.63
N TRP F 65 -25.99 9.83 -4.99
CA TRP F 65 -26.42 8.49 -4.65
C TRP F 65 -27.94 8.42 -4.69
N ASN F 66 -28.44 7.18 -4.73
CA ASN F 66 -29.87 6.93 -4.72
C ASN F 66 -30.43 7.31 -3.35
N SER F 67 -31.40 8.24 -3.34
CA SER F 67 -31.81 8.85 -2.08
C SER F 67 -32.96 8.12 -1.39
N SER F 68 -33.57 7.14 -2.05
CA SER F 68 -34.65 6.38 -1.42
C SER F 68 -34.08 5.53 -0.28
N HIS F 69 -34.73 5.61 0.87
CA HIS F 69 -34.39 4.81 2.05
C HIS F 69 -32.89 4.86 2.33
N SER F 70 -32.39 6.09 2.42
CA SER F 70 -30.98 6.41 2.54
C SER F 70 -30.89 7.85 3.02
N PRO F 71 -29.75 8.28 3.56
CA PRO F 71 -29.65 9.69 3.97
C PRO F 71 -29.80 10.62 2.78
N ASP F 72 -30.41 11.78 3.03
CA ASP F 72 -30.59 12.75 1.96
C ASP F 72 -29.34 13.61 1.79
N GLN F 73 -28.49 13.65 2.81
CA GLN F 73 -27.26 14.42 2.83
C GLN F 73 -26.28 13.71 3.75
N VAL F 74 -24.99 13.88 3.49
CA VAL F 74 -23.94 13.38 4.37
C VAL F 74 -22.94 14.50 4.60
N SER F 75 -21.95 14.23 5.43
CA SER F 75 -20.90 15.19 5.75
C SER F 75 -19.57 14.56 5.39
N VAL F 76 -18.82 15.18 4.50
CA VAL F 76 -17.61 14.60 3.94
C VAL F 76 -16.45 15.53 4.25
N PRO F 77 -15.32 15.02 4.73
CA PRO F 77 -14.14 15.89 4.85
C PRO F 77 -13.67 16.29 3.46
N ILE F 78 -13.33 17.58 3.32
CA ILE F 78 -13.01 18.13 2.01
C ILE F 78 -11.75 17.55 1.40
N SER F 79 -10.97 16.78 2.18
CA SER F 79 -9.84 16.07 1.59
C SER F 79 -10.30 14.97 0.65
N SER F 80 -11.52 14.48 0.84
CA SER F 80 -12.15 13.48 -0.01
C SER F 80 -13.04 14.11 -1.08
N LEU F 81 -12.83 15.38 -1.40
CA LEU F 81 -13.68 16.08 -2.35
C LEU F 81 -12.84 16.97 -3.24
N TRP F 82 -13.39 17.28 -4.42
CA TRP F 82 -12.90 18.40 -5.19
C TRP F 82 -13.54 19.66 -4.64
N VAL F 83 -12.72 20.63 -4.25
CA VAL F 83 -13.17 21.92 -3.77
C VAL F 83 -12.57 22.98 -4.68
N PRO F 84 -13.34 23.96 -5.16
CA PRO F 84 -12.76 24.95 -6.07
C PRO F 84 -11.61 25.72 -5.43
N ASP F 85 -10.59 25.98 -6.24
CA ASP F 85 -9.35 26.58 -5.76
C ASP F 85 -9.48 28.10 -5.63
N LEU F 86 -10.49 28.54 -4.90
CA LEU F 86 -10.75 29.95 -4.74
C LEU F 86 -9.64 30.62 -3.93
N ALA F 87 -9.38 31.88 -4.27
CA ALA F 87 -8.39 32.69 -3.59
C ALA F 87 -8.84 34.15 -3.61
N ALA F 88 -8.73 34.81 -2.47
CA ALA F 88 -9.02 36.23 -2.37
C ALA F 88 -7.87 37.01 -3.01
N TYR F 89 -8.13 37.65 -4.16
CA TYR F 89 -7.06 38.29 -4.91
C TYR F 89 -6.38 39.40 -4.14
N ASN F 90 -7.10 40.05 -3.22
CA ASN F 90 -6.57 41.19 -2.48
C ASN F 90 -6.25 40.83 -1.03
N ALA F 91 -6.10 39.55 -0.72
CA ALA F 91 -5.77 39.13 0.63
C ALA F 91 -4.29 39.34 0.90
N ILE F 92 -3.97 39.74 2.12
CA ILE F 92 -2.60 39.98 2.54
C ILE F 92 -2.16 39.02 3.63
N SER F 93 -2.94 37.97 3.87
CA SER F 93 -2.58 36.96 4.85
C SER F 93 -3.06 35.59 4.40
N LYS F 94 -2.50 34.57 5.01
CA LYS F 94 -2.99 33.22 4.79
C LYS F 94 -4.42 33.13 5.32
N PRO F 95 -5.31 32.45 4.63
CA PRO F 95 -6.66 32.24 5.17
C PRO F 95 -6.59 31.40 6.43
N GLU F 96 -7.09 31.95 7.53
CA GLU F 96 -7.12 31.23 8.80
C GLU F 96 -8.52 30.64 8.95
N VAL F 97 -8.64 29.35 8.70
CA VAL F 97 -9.91 28.65 8.74
C VAL F 97 -10.15 28.20 10.17
N LEU F 98 -11.26 28.66 10.76
CA LEU F 98 -11.55 28.44 12.17
C LEU F 98 -12.34 27.17 12.43
N THR F 99 -13.09 26.67 11.46
CA THR F 99 -14.01 25.56 11.65
C THR F 99 -13.42 24.26 11.15
N PRO F 100 -14.03 23.12 11.50
CA PRO F 100 -13.59 21.85 10.92
C PRO F 100 -13.72 21.86 9.40
N GLN F 101 -12.82 21.13 8.75
CA GLN F 101 -12.75 21.10 7.29
C GLN F 101 -13.72 20.05 6.77
N LEU F 102 -14.98 20.20 7.17
CA LEU F 102 -16.06 19.35 6.71
C LEU F 102 -16.94 20.11 5.72
N ALA F 103 -17.45 19.39 4.73
CA ALA F 103 -18.44 19.92 3.81
C ALA F 103 -19.72 19.11 3.90
N ARG F 104 -20.83 19.75 3.53
CA ARG F 104 -22.13 19.09 3.46
C ARG F 104 -22.44 18.72 2.02
N VAL F 105 -22.74 17.44 1.80
CA VAL F 105 -22.99 16.90 0.47
C VAL F 105 -24.41 16.35 0.45
N VAL F 106 -25.20 16.81 -0.52
CA VAL F 106 -26.58 16.37 -0.68
C VAL F 106 -26.61 15.22 -1.67
N SER F 107 -27.62 14.35 -1.54
CA SER F 107 -27.73 13.15 -2.37
C SER F 107 -27.77 13.46 -3.86
N ASP F 108 -28.16 14.68 -4.23
CA ASP F 108 -28.25 15.08 -5.62
C ASP F 108 -26.91 15.46 -6.23
N GLY F 109 -25.85 15.51 -5.41
CA GLY F 109 -24.53 15.88 -5.88
C GLY F 109 -24.12 17.28 -5.50
N GLU F 110 -25.04 18.06 -4.94
CA GLU F 110 -24.72 19.40 -4.48
C GLU F 110 -23.78 19.33 -3.29
N VAL F 111 -22.80 20.23 -3.26
CA VAL F 111 -21.87 20.31 -2.14
C VAL F 111 -22.00 21.72 -1.59
N LEU F 112 -22.13 21.82 -0.27
CA LEU F 112 -22.23 23.09 0.42
C LEU F 112 -21.12 23.12 1.46
N TYR F 113 -20.08 23.89 1.19
CA TYR F 113 -18.96 24.04 2.10
C TYR F 113 -18.88 25.49 2.51
N MET F 114 -19.04 25.76 3.81
CA MET F 114 -19.08 27.11 4.36
C MET F 114 -18.11 27.17 5.54
N PRO F 115 -16.85 27.46 5.28
CA PRO F 115 -15.89 27.59 6.38
C PRO F 115 -15.85 29.01 6.92
N SER F 116 -15.53 29.12 8.21
CA SER F 116 -15.29 30.41 8.84
C SER F 116 -13.84 30.79 8.64
N ILE F 117 -13.60 31.94 8.00
CA ILE F 117 -12.26 32.34 7.62
C ILE F 117 -11.96 33.69 8.25
N ARG F 118 -10.85 33.77 8.98
CA ARG F 118 -10.31 35.03 9.47
C ARG F 118 -9.11 35.37 8.59
N GLN F 119 -9.19 36.49 7.88
CA GLN F 119 -8.17 36.83 6.91
C GLN F 119 -7.96 38.34 6.89
N ARG F 120 -6.74 38.75 6.58
CA ARG F 120 -6.40 40.16 6.46
C ARG F 120 -6.35 40.56 4.99
N PHE F 121 -6.84 41.76 4.69
CA PHE F 121 -6.99 42.22 3.31
C PHE F 121 -6.45 43.64 3.15
N SER F 122 -6.11 43.96 1.90
CA SER F 122 -5.81 45.32 1.48
C SER F 122 -6.96 45.81 0.62
N CYS F 123 -7.75 46.74 1.15
CA CYS F 123 -8.88 47.32 0.44
C CYS F 123 -9.02 48.77 0.87
N ASP F 124 -10.04 49.45 0.37
CA ASP F 124 -10.18 50.88 0.62
C ASP F 124 -10.78 51.09 2.00
N VAL F 125 -9.91 51.43 2.96
CA VAL F 125 -10.36 51.69 4.31
C VAL F 125 -10.71 53.16 4.53
N SER F 126 -10.30 54.04 3.63
CA SER F 126 -10.52 55.48 3.78
C SER F 126 -12.01 55.78 3.88
N GLY F 127 -12.39 56.49 4.95
CA GLY F 127 -13.78 56.82 5.18
C GLY F 127 -14.51 55.93 6.16
N VAL F 128 -13.77 55.12 6.94
CA VAL F 128 -14.40 54.19 7.87
C VAL F 128 -15.11 54.91 9.01
N ASP F 129 -14.65 56.11 9.36
CA ASP F 129 -15.22 56.88 10.45
C ASP F 129 -16.37 57.78 10.04
N THR F 130 -16.65 57.92 8.75
CA THR F 130 -17.74 58.75 8.28
C THR F 130 -19.07 58.00 8.39
N GLU F 131 -20.16 58.68 8.01
CA GLU F 131 -21.48 58.07 8.15
C GLU F 131 -21.74 57.01 7.10
N SER F 132 -21.51 57.33 5.83
CA SER F 132 -21.71 56.33 4.79
C SER F 132 -20.58 55.32 4.75
N GLY F 133 -19.47 55.59 5.44
CA GLY F 133 -18.47 54.58 5.67
C GLY F 133 -17.54 54.40 4.49
N ALA F 134 -16.56 53.54 4.70
CA ALA F 134 -15.68 53.09 3.64
C ALA F 134 -16.23 51.79 3.08
N THR F 135 -15.98 51.56 1.80
CA THR F 135 -16.45 50.36 1.13
C THR F 135 -15.25 49.53 0.73
N CYS F 136 -15.15 48.33 1.29
CA CYS F 136 -14.01 47.44 1.13
C CYS F 136 -14.38 46.32 0.18
N ARG F 137 -13.69 46.26 -0.97
CA ARG F 137 -13.97 45.28 -2.00
C ARG F 137 -13.04 44.09 -1.85
N ILE F 138 -13.62 42.89 -1.84
CA ILE F 138 -12.87 41.65 -1.80
C ILE F 138 -13.23 40.86 -3.04
N LYS F 139 -12.24 40.49 -3.84
CA LYS F 139 -12.45 39.76 -5.07
C LYS F 139 -12.06 38.30 -4.85
N ILE F 140 -13.03 37.41 -4.98
CA ILE F 140 -12.85 35.98 -4.72
C ILE F 140 -13.04 35.25 -6.03
N GLY F 141 -12.09 34.38 -6.37
CA GLY F 141 -12.22 33.62 -7.60
C GLY F 141 -11.24 32.47 -7.66
N SER F 142 -11.48 31.59 -8.62
CA SER F 142 -10.60 30.44 -8.83
C SER F 142 -9.20 30.90 -9.21
N TRP F 143 -8.20 30.20 -8.69
CA TRP F 143 -6.82 30.61 -8.93
C TRP F 143 -6.30 30.12 -10.28
N THR F 144 -6.75 28.96 -10.75
CA THR F 144 -6.23 28.39 -11.98
C THR F 144 -7.27 28.20 -13.09
N HIS F 145 -8.53 27.96 -12.75
CA HIS F 145 -9.55 27.61 -13.73
C HIS F 145 -10.21 28.85 -14.32
N HIS F 146 -10.39 28.84 -15.64
CA HIS F 146 -11.00 29.97 -16.33
C HIS F 146 -12.50 29.73 -16.47
N SER F 147 -13.14 30.53 -17.34
CA SER F 147 -14.60 30.59 -17.37
C SER F 147 -15.22 29.29 -17.86
N ARG F 148 -14.50 28.53 -18.70
CA ARG F 148 -15.05 27.29 -19.22
C ARG F 148 -14.97 26.14 -18.24
N GLU F 149 -14.17 26.26 -17.17
CA GLU F 149 -14.02 25.19 -16.19
C GLU F 149 -14.71 25.50 -14.87
N ILE F 150 -14.45 26.67 -14.29
CA ILE F 150 -15.11 27.14 -13.09
C ILE F 150 -15.79 28.45 -13.43
N SER F 151 -17.10 28.51 -13.24
CA SER F 151 -17.88 29.73 -13.39
C SER F 151 -18.37 30.16 -12.01
N VAL F 152 -17.98 31.35 -11.59
CA VAL F 152 -18.38 31.88 -10.30
C VAL F 152 -19.50 32.89 -10.51
N ASP F 153 -20.58 32.73 -9.76
CA ASP F 153 -21.74 33.61 -9.81
C ASP F 153 -22.35 33.69 -8.42
N PRO F 154 -22.22 34.82 -7.73
CA PRO F 154 -22.74 34.92 -6.36
C PRO F 154 -24.24 35.15 -6.26
N THR F 155 -24.76 34.78 -5.09
CA THR F 155 -26.16 34.96 -4.72
C THR F 155 -26.41 36.11 -3.75
N THR F 156 -25.35 36.86 -3.39
CA THR F 156 -25.39 37.97 -2.44
C THR F 156 -25.54 37.42 -1.01
N GLU F 157 -25.74 38.30 -0.02
CA GLU F 157 -25.71 37.97 1.40
C GLU F 157 -27.12 38.09 1.99
N ASN F 158 -27.21 37.85 3.29
CA ASN F 158 -28.48 37.82 4.03
C ASN F 158 -29.52 36.93 3.34
N SER F 162 -24.67 40.56 7.00
CA SER F 162 -24.97 41.62 7.95
C SER F 162 -25.98 41.12 8.98
N GLU F 163 -26.60 39.98 8.69
CA GLU F 163 -27.57 39.39 9.60
C GLU F 163 -26.92 38.31 10.45
N TYR F 164 -25.69 37.90 10.09
CA TYR F 164 -24.86 37.01 10.89
C TYR F 164 -23.70 37.77 11.52
N PHE F 165 -23.71 39.10 11.41
CA PHE F 165 -22.60 39.92 11.85
C PHE F 165 -22.58 40.08 13.38
N SER F 166 -21.38 40.03 13.95
CA SER F 166 -21.21 40.10 15.39
C SER F 166 -21.61 41.49 15.90
N GLN F 167 -22.56 41.52 16.83
CA GLN F 167 -23.00 42.76 17.46
C GLN F 167 -21.97 43.38 18.39
N TYR F 168 -20.83 42.71 18.64
CA TYR F 168 -19.86 43.21 19.61
C TYR F 168 -18.64 43.85 18.96
N SER F 169 -18.53 43.85 17.64
CA SER F 169 -17.42 44.51 16.95
C SER F 169 -17.52 46.01 17.08
N ARG F 170 -16.36 46.68 17.05
CA ARG F 170 -16.35 48.14 17.02
C ARG F 170 -17.03 48.70 15.79
N PHE F 171 -17.32 47.86 14.80
CA PHE F 171 -17.85 48.30 13.53
C PHE F 171 -19.20 47.66 13.28
N GLU F 172 -19.93 48.24 12.33
CA GLU F 172 -21.24 47.79 11.91
C GLU F 172 -21.31 47.78 10.40
N ILE F 173 -21.97 46.78 9.84
CA ILE F 173 -22.08 46.66 8.39
C ILE F 173 -23.21 47.55 7.93
N LEU F 174 -22.99 48.28 6.84
CA LEU F 174 -24.01 49.14 6.25
C LEU F 174 -24.69 48.48 5.06
N ASP F 175 -23.90 47.95 4.12
CA ASP F 175 -24.45 47.26 2.97
C ASP F 175 -23.39 46.31 2.44
N VAL F 176 -23.83 45.17 1.90
CA VAL F 176 -22.92 44.22 1.27
C VAL F 176 -23.54 43.77 -0.04
N THR F 177 -22.93 44.16 -1.15
CA THR F 177 -23.35 43.76 -2.49
C THR F 177 -22.24 42.95 -3.14
N GLN F 178 -22.61 41.90 -3.86
CA GLN F 178 -21.67 41.02 -4.54
C GLN F 178 -21.95 41.05 -6.03
N LYS F 179 -20.96 41.52 -6.79
CA LYS F 179 -21.01 41.59 -8.24
C LYS F 179 -19.99 40.64 -8.83
N LYS F 180 -20.21 40.32 -10.10
CA LYS F 180 -19.41 39.34 -10.81
C LYS F 180 -18.38 40.06 -11.67
N ASN F 181 -17.17 39.50 -11.74
CA ASN F 181 -16.09 40.09 -12.50
C ASN F 181 -15.50 39.07 -13.45
N SER F 182 -14.72 39.56 -14.40
CA SER F 182 -14.03 38.71 -15.36
C SER F 182 -12.71 39.36 -15.73
N VAL F 183 -11.61 38.70 -15.46
CA VAL F 183 -10.30 39.27 -15.73
C VAL F 183 -9.69 38.51 -16.89
N THR F 184 -8.96 39.23 -17.73
CA THR F 184 -8.17 38.64 -18.79
C THR F 184 -6.77 39.21 -18.65
N TYR F 185 -5.79 38.35 -18.47
CA TYR F 185 -4.45 38.84 -18.33
C TYR F 185 -3.81 38.87 -19.72
N SER F 186 -2.88 39.82 -19.91
CA SER F 186 -2.33 40.12 -21.24
C SER F 186 -1.56 38.96 -21.86
N CYS F 187 -1.39 37.85 -21.16
CA CYS F 187 -0.64 36.75 -21.74
C CYS F 187 -1.57 35.81 -22.48
N CYS F 188 -2.76 35.58 -21.93
CA CYS F 188 -3.45 34.35 -22.16
C CYS F 188 -4.88 34.69 -22.53
N PRO F 189 -5.39 34.15 -23.64
CA PRO F 189 -6.69 34.61 -24.15
C PRO F 189 -7.86 33.96 -23.43
N GLU F 190 -7.71 33.66 -22.15
CA GLU F 190 -8.78 33.05 -21.37
C GLU F 190 -9.25 34.04 -20.31
N ALA F 191 -10.47 33.84 -19.82
CA ALA F 191 -11.08 34.74 -18.86
C ALA F 191 -11.29 34.03 -17.54
N TYR F 192 -10.82 34.64 -16.46
CA TYR F 192 -10.89 34.07 -15.12
C TYR F 192 -11.92 34.88 -14.35
N GLU F 193 -12.95 34.22 -13.85
CA GLU F 193 -14.07 34.90 -13.24
C GLU F 193 -13.84 35.03 -11.73
N ASP F 194 -14.22 36.18 -11.19
CA ASP F 194 -14.10 36.41 -9.77
C ASP F 194 -15.32 37.15 -9.26
N VAL F 195 -15.64 36.92 -8.00
CA VAL F 195 -16.75 37.58 -7.32
C VAL F 195 -16.22 38.79 -6.55
N GLU F 196 -16.89 39.92 -6.71
CA GLU F 196 -16.52 41.17 -6.05
C GLU F 196 -17.48 41.42 -4.90
N VAL F 197 -16.97 41.34 -3.68
CA VAL F 197 -17.76 41.54 -2.48
C VAL F 197 -17.47 42.96 -1.99
N SER F 198 -18.45 43.84 -2.10
CA SER F 198 -18.32 45.22 -1.66
C SER F 198 -18.90 45.31 -0.26
N LEU F 199 -18.07 45.63 0.72
CA LEU F 199 -18.45 45.67 2.13
C LEU F 199 -18.52 47.12 2.57
N ASN F 200 -19.75 47.62 2.76
CA ASN F 200 -19.98 48.97 3.24
C ASN F 200 -20.12 48.90 4.76
N PHE F 201 -19.16 49.49 5.47
CA PHE F 201 -19.15 49.42 6.92
C PHE F 201 -18.61 50.72 7.49
N ARG F 202 -18.91 50.94 8.76
CA ARG F 202 -18.46 52.13 9.48
C ARG F 202 -18.23 51.76 10.93
N LYS F 203 -17.55 52.65 11.64
CA LYS F 203 -17.37 52.50 13.08
C LYS F 203 -18.67 52.81 13.82
N LYS F 204 -18.81 52.25 15.02
CA LYS F 204 -19.98 52.54 15.84
C LYS F 204 -19.80 53.86 16.58
N GLY F 205 -18.56 54.22 16.89
CA GLY F 205 -18.25 55.47 17.56
C GLY F 205 -16.75 55.66 17.70
N LEU G 1 -9.30 11.02 -24.16
CA LEU G 1 -8.99 11.38 -22.77
C LEU G 1 -9.92 12.46 -22.23
N ASP G 2 -10.30 12.31 -20.97
CA ASP G 2 -10.95 13.39 -20.25
C ASP G 2 -10.06 13.74 -19.05
N ARG G 3 -10.35 14.87 -18.41
CA ARG G 3 -9.47 15.40 -17.37
C ARG G 3 -9.06 14.35 -16.35
N ALA G 4 -10.01 13.54 -15.88
CA ALA G 4 -9.70 12.57 -14.83
C ALA G 4 -8.58 11.63 -15.23
N ASP G 5 -8.56 11.18 -16.50
CA ASP G 5 -7.48 10.28 -16.94
C ASP G 5 -6.15 11.01 -17.01
N ILE G 6 -6.13 12.22 -17.57
CA ILE G 6 -4.87 12.98 -17.65
C ILE G 6 -4.30 13.22 -16.26
N LEU G 7 -5.15 13.68 -15.34
CA LEU G 7 -4.69 13.98 -13.99
C LEU G 7 -4.36 12.69 -13.24
N TYR G 8 -5.05 11.60 -13.55
CA TYR G 8 -4.66 10.30 -13.03
C TYR G 8 -3.31 9.88 -13.58
N ASN G 9 -3.15 9.96 -14.91
CA ASN G 9 -1.88 9.60 -15.54
C ASN G 9 -0.74 10.48 -15.06
N ILE G 10 -1.02 11.78 -14.85
CA ILE G 10 0.02 12.68 -14.37
C ILE G 10 0.45 12.27 -12.97
N ARG G 11 -0.53 12.05 -12.08
CA ARG G 11 -0.23 11.65 -10.70
C ARG G 11 0.54 10.34 -10.64
N GLN G 12 0.18 9.36 -11.49
CA GLN G 12 0.73 8.02 -11.37
C GLN G 12 2.14 7.91 -11.94
N THR G 13 2.57 8.84 -12.78
CA THR G 13 3.88 8.81 -13.38
C THR G 13 4.75 10.01 -13.03
N SER G 14 4.16 11.09 -12.50
CA SER G 14 4.94 12.26 -12.14
C SER G 14 5.94 11.91 -11.06
N ARG G 15 7.20 12.25 -11.32
CA ARG G 15 8.32 12.03 -10.43
C ARG G 15 8.72 13.35 -9.76
N PRO G 16 8.08 13.76 -8.65
CA PRO G 16 8.28 15.14 -8.18
C PRO G 16 9.72 15.46 -7.84
N ASP G 17 10.49 14.46 -7.44
CA ASP G 17 11.89 14.61 -7.10
C ASP G 17 12.80 14.71 -8.31
N VAL G 18 12.31 14.40 -9.51
CA VAL G 18 13.13 14.34 -10.72
C VAL G 18 12.98 15.65 -11.49
N ILE G 19 14.10 16.32 -11.76
CA ILE G 19 14.08 17.48 -12.66
C ILE G 19 13.91 16.98 -14.09
N PRO G 20 13.03 17.56 -14.89
CA PRO G 20 12.84 17.07 -16.27
C PRO G 20 13.87 17.68 -17.22
N THR G 21 15.14 17.36 -16.98
CA THR G 21 16.20 17.79 -17.89
C THR G 21 16.14 16.91 -19.15
N GLN G 22 16.25 17.54 -20.31
CA GLN G 22 16.14 16.85 -21.58
C GLN G 22 17.44 16.87 -22.37
N ARG G 23 17.89 15.67 -22.77
CA ARG G 23 19.05 15.54 -23.66
C ARG G 23 20.27 16.31 -23.17
N ASP G 24 20.58 16.17 -21.88
CA ASP G 24 21.68 16.89 -21.24
C ASP G 24 21.58 18.39 -21.49
N ARG G 25 20.36 18.95 -21.35
CA ARG G 25 20.13 20.38 -21.40
C ARG G 25 19.45 20.92 -20.14
N PRO G 26 19.65 22.19 -19.80
CA PRO G 26 19.05 22.78 -18.59
C PRO G 26 17.55 23.03 -18.75
N VAL G 27 16.86 23.06 -17.61
CA VAL G 27 15.42 23.34 -17.54
C VAL G 27 15.19 24.84 -17.64
N ALA G 28 14.45 25.27 -18.65
CA ALA G 28 14.17 26.68 -18.88
C ALA G 28 13.08 27.16 -17.93
N VAL G 29 13.48 27.84 -16.84
CA VAL G 29 12.56 28.42 -15.87
C VAL G 29 12.45 29.92 -16.09
N SER G 30 11.23 30.42 -16.19
CA SER G 30 10.95 31.83 -16.43
C SER G 30 10.35 32.44 -15.16
N VAL G 31 11.06 33.38 -14.56
CA VAL G 31 10.65 34.02 -13.31
C VAL G 31 10.31 35.47 -13.61
N SER G 32 9.11 35.86 -13.22
CA SER G 32 8.70 37.25 -13.26
C SER G 32 7.92 37.55 -12.00
N LEU G 33 8.41 38.51 -11.21
CA LEU G 33 7.69 38.91 -10.02
C LEU G 33 6.67 39.97 -10.43
N LYS G 34 5.39 39.66 -10.27
CA LYS G 34 4.34 40.64 -10.45
C LYS G 34 3.97 41.12 -9.05
N PHE G 35 4.36 42.35 -8.73
CA PHE G 35 4.18 42.88 -7.39
C PHE G 35 2.75 43.34 -7.19
N ILE G 36 2.19 42.97 -6.04
CA ILE G 36 0.79 43.25 -5.73
C ILE G 36 0.67 44.26 -4.60
N ASN G 37 1.55 44.21 -3.60
CA ASN G 37 1.42 45.10 -2.45
C ASN G 37 2.72 45.14 -1.66
N ILE G 38 3.01 46.30 -1.08
CA ILE G 38 4.12 46.48 -0.15
C ILE G 38 3.53 46.92 1.19
N LEU G 39 3.75 46.12 2.23
CA LEU G 39 3.06 46.27 3.50
C LEU G 39 3.92 46.93 4.57
N GLU G 40 5.01 46.32 4.98
CA GLU G 40 5.85 46.84 6.05
C GLU G 40 7.21 47.25 5.52
N VAL G 41 7.52 48.54 5.66
CA VAL G 41 8.81 49.12 5.29
C VAL G 41 9.42 49.80 6.51
N ASN G 42 10.70 49.56 6.75
CA ASN G 42 11.41 50.12 7.89
C ASN G 42 12.77 50.56 7.38
N GLU G 43 13.02 51.87 7.31
CA GLU G 43 14.24 52.38 6.68
C GLU G 43 15.50 52.16 7.49
N ILE G 44 15.41 51.98 8.81
CA ILE G 44 16.61 51.75 9.60
C ILE G 44 17.11 50.32 9.42
N THR G 45 16.21 49.35 9.47
CA THR G 45 16.60 47.96 9.35
C THR G 45 16.68 47.49 7.90
N ASN G 46 16.20 48.28 6.94
CA ASN G 46 16.20 47.91 5.53
C ASN G 46 15.45 46.61 5.29
N GLU G 47 14.17 46.62 5.67
CA GLU G 47 13.30 45.45 5.53
C GLU G 47 12.00 45.86 4.86
N VAL G 48 11.54 45.04 3.92
CA VAL G 48 10.27 45.27 3.24
C VAL G 48 9.41 44.02 3.34
N ASP G 49 8.11 44.20 3.52
CA ASP G 49 7.15 43.11 3.53
C ASP G 49 6.22 43.31 2.34
N VAL G 50 6.29 42.42 1.37
CA VAL G 50 5.71 42.66 0.06
C VAL G 50 4.95 41.40 -0.35
N VAL G 51 3.85 41.57 -1.07
CA VAL G 51 3.07 40.45 -1.62
C VAL G 51 3.24 40.44 -3.13
N PHE G 52 3.54 39.27 -3.68
CA PHE G 52 3.84 39.17 -5.11
C PHE G 52 3.42 37.82 -5.64
N TRP G 53 3.13 37.78 -6.94
CA TRP G 53 2.88 36.55 -7.67
C TRP G 53 4.19 36.11 -8.30
N GLN G 54 4.67 34.93 -7.93
CA GLN G 54 5.93 34.43 -8.48
C GLN G 54 5.58 33.64 -9.75
N GLN G 55 5.44 34.40 -10.82
CA GLN G 55 5.14 33.83 -12.13
C GLN G 55 6.28 32.94 -12.58
N THR G 56 6.06 31.63 -12.53
CA THR G 56 7.07 30.64 -12.85
C THR G 56 6.61 29.82 -14.04
N THR G 57 7.50 29.63 -15.00
CA THR G 57 7.17 28.89 -16.22
C THR G 57 8.34 27.97 -16.53
N TRP G 58 8.03 26.71 -16.83
CA TRP G 58 9.05 25.77 -17.27
C TRP G 58 8.39 24.73 -18.16
N SER G 59 9.24 23.91 -18.78
CA SER G 59 8.79 22.85 -19.66
C SER G 59 9.13 21.50 -19.06
N ASP G 60 8.13 20.64 -18.95
CA ASP G 60 8.30 19.28 -18.41
C ASP G 60 7.58 18.35 -19.38
N ARG G 61 8.32 17.82 -20.35
CA ARG G 61 7.73 17.03 -21.41
C ARG G 61 7.14 15.71 -20.92
N THR G 62 7.55 15.24 -19.74
CA THR G 62 7.00 14.01 -19.18
C THR G 62 5.52 14.12 -18.80
N LEU G 63 4.98 15.34 -18.79
CA LEU G 63 3.59 15.59 -18.44
C LEU G 63 2.67 15.63 -19.67
N ALA G 64 3.25 15.65 -20.86
CA ALA G 64 2.52 15.96 -22.07
C ALA G 64 1.50 14.88 -22.41
N TRP G 65 0.52 15.28 -23.22
CA TRP G 65 -0.45 14.36 -23.80
C TRP G 65 -0.89 14.92 -25.15
N ASN G 66 -1.22 14.03 -26.06
CA ASN G 66 -1.76 14.40 -27.37
C ASN G 66 -3.23 14.76 -27.16
N SER G 67 -3.62 15.97 -27.55
CA SER G 67 -4.93 16.44 -27.12
C SER G 67 -6.03 15.92 -28.03
N SER G 68 -5.84 16.02 -29.35
CA SER G 68 -6.84 15.51 -30.29
C SER G 68 -8.23 16.01 -29.88
N HIS G 69 -8.99 15.13 -29.24
CA HIS G 69 -10.27 15.50 -28.67
C HIS G 69 -10.23 15.41 -27.14
N SER G 70 -9.43 16.26 -26.51
CA SER G 70 -9.20 16.23 -25.06
C SER G 70 -8.81 17.63 -24.63
N PRO G 71 -8.92 17.95 -23.34
CA PRO G 71 -8.54 19.29 -22.89
C PRO G 71 -7.08 19.60 -23.15
N ASP G 72 -6.82 20.88 -23.42
CA ASP G 72 -5.47 21.33 -23.76
C ASP G 72 -4.61 21.54 -22.54
N GLN G 73 -5.21 21.79 -21.38
CA GLN G 73 -4.47 21.99 -20.15
C GLN G 73 -5.37 21.61 -18.98
N VAL G 74 -4.75 21.21 -17.88
CA VAL G 74 -5.48 20.94 -16.66
C VAL G 74 -4.78 21.66 -15.51
N SER G 75 -5.30 21.47 -14.31
CA SER G 75 -4.76 22.09 -13.11
C SER G 75 -4.27 21.00 -12.17
N VAL G 76 -2.99 21.02 -11.84
CA VAL G 76 -2.35 19.93 -11.12
C VAL G 76 -1.78 20.50 -9.82
N PRO G 77 -2.00 19.85 -8.68
CA PRO G 77 -1.33 20.27 -7.45
C PRO G 77 0.17 20.04 -7.56
N ILE G 78 0.94 20.99 -7.03
CA ILE G 78 2.40 20.95 -7.17
C ILE G 78 3.03 19.78 -6.42
N SER G 79 2.28 19.11 -5.56
CA SER G 79 2.80 17.90 -4.93
C SER G 79 2.93 16.77 -5.95
N SER G 80 2.15 16.81 -7.02
CA SER G 80 2.21 15.81 -8.08
C SER G 80 3.09 16.25 -9.24
N LEU G 81 3.98 17.21 -9.02
CA LEU G 81 4.83 17.74 -10.08
C LEU G 81 6.22 18.04 -9.53
N TRP G 82 7.18 18.12 -10.44
CA TRP G 82 8.47 18.71 -10.13
C TRP G 82 8.36 20.23 -10.18
N VAL G 83 8.79 20.89 -9.10
CA VAL G 83 8.82 22.35 -9.00
C VAL G 83 10.26 22.76 -8.74
N PRO G 84 10.80 23.75 -9.45
CA PRO G 84 12.19 24.17 -9.20
C PRO G 84 12.38 24.72 -7.79
N ASP G 85 13.55 24.43 -7.22
CA ASP G 85 13.83 24.78 -5.82
C ASP G 85 14.26 26.24 -5.69
N LEU G 86 13.45 27.16 -6.22
CA LEU G 86 13.79 28.57 -6.16
C LEU G 86 13.74 29.07 -4.71
N ALA G 87 14.63 30.01 -4.41
CA ALA G 87 14.70 30.62 -3.09
C ALA G 87 15.16 32.06 -3.25
N ALA G 88 14.52 32.96 -2.52
CA ALA G 88 14.93 34.37 -2.50
C ALA G 88 16.21 34.50 -1.67
N TYR G 89 17.32 34.83 -2.35
CA TYR G 89 18.62 34.82 -1.71
C TYR G 89 18.70 35.81 -0.55
N ASN G 90 17.93 36.91 -0.64
CA ASN G 90 17.98 37.97 0.35
C ASN G 90 16.74 38.03 1.23
N ALA G 91 15.97 36.94 1.30
CA ALA G 91 14.78 36.89 2.13
C ALA G 91 15.16 36.64 3.59
N ILE G 92 14.42 37.27 4.50
CA ILE G 92 14.63 37.10 5.93
C ILE G 92 13.44 36.47 6.62
N SER G 93 12.47 35.96 5.86
CA SER G 93 11.36 35.22 6.45
C SER G 93 10.97 34.11 5.49
N LYS G 94 10.32 33.09 6.04
CA LYS G 94 9.79 32.00 5.23
C LYS G 94 8.64 32.52 4.36
N PRO G 95 8.56 32.11 3.10
CA PRO G 95 7.48 32.58 2.22
C PRO G 95 6.10 32.12 2.65
N GLU G 96 5.20 33.10 2.78
CA GLU G 96 3.81 32.82 3.15
C GLU G 96 2.99 32.74 1.86
N VAL G 97 2.64 31.51 1.48
CA VAL G 97 1.91 31.27 0.25
C VAL G 97 0.42 31.45 0.53
N LEU G 98 -0.21 32.40 -0.14
CA LEU G 98 -1.59 32.76 0.12
C LEU G 98 -2.59 32.00 -0.76
N THR G 99 -2.15 31.52 -1.92
CA THR G 99 -3.03 30.91 -2.90
C THR G 99 -2.97 29.40 -2.84
N PRO G 100 -3.92 28.71 -3.47
CA PRO G 100 -3.82 27.26 -3.60
C PRO G 100 -2.55 26.86 -4.34
N GLN G 101 -1.95 25.75 -3.93
CA GLN G 101 -0.69 25.31 -4.49
C GLN G 101 -0.91 24.37 -5.68
N LEU G 102 -1.65 24.88 -6.67
CA LEU G 102 -1.87 24.21 -7.93
C LEU G 102 -1.07 24.88 -9.03
N ALA G 103 -0.65 24.08 -10.01
CA ALA G 103 -0.03 24.59 -11.22
C ALA G 103 -0.90 24.25 -12.42
N ARG G 104 -0.78 25.05 -13.48
CA ARG G 104 -1.51 24.82 -14.71
C ARG G 104 -0.57 24.16 -15.69
N VAL G 105 -0.96 23.00 -16.22
CA VAL G 105 -0.09 22.20 -17.09
C VAL G 105 -0.75 22.09 -18.45
N VAL G 106 -0.03 22.50 -19.49
CA VAL G 106 -0.50 22.51 -20.88
C VAL G 106 -0.02 21.24 -21.57
N SER G 107 -0.72 20.84 -22.63
CA SER G 107 -0.47 19.57 -23.32
C SER G 107 0.97 19.40 -23.79
N ASP G 108 1.68 20.49 -24.05
CA ASP G 108 3.06 20.35 -24.52
C ASP G 108 4.05 20.14 -23.38
N GLY G 109 3.60 20.24 -22.14
CA GLY G 109 4.47 20.10 -20.99
C GLY G 109 4.77 21.40 -20.28
N GLU G 110 4.33 22.53 -20.79
CA GLU G 110 4.56 23.78 -20.07
C GLU G 110 3.76 23.76 -18.77
N VAL G 111 4.38 24.23 -17.71
CA VAL G 111 3.75 24.30 -16.40
C VAL G 111 3.75 25.76 -16.00
N LEU G 112 2.62 26.24 -15.49
CA LEU G 112 2.53 27.61 -15.02
C LEU G 112 2.11 27.56 -13.56
N TYR G 113 3.08 27.83 -12.67
CA TYR G 113 2.83 27.92 -11.24
C TYR G 113 3.16 29.33 -10.77
N MET G 114 2.14 30.05 -10.31
CA MET G 114 2.29 31.43 -9.89
C MET G 114 1.55 31.64 -8.58
N PRO G 115 2.22 31.41 -7.45
CA PRO G 115 1.58 31.64 -6.15
C PRO G 115 1.74 33.08 -5.68
N SER G 116 0.76 33.54 -4.90
CA SER G 116 0.85 34.83 -4.26
C SER G 116 1.57 34.62 -2.93
N ILE G 117 2.70 35.31 -2.77
CA ILE G 117 3.63 35.07 -1.68
C ILE G 117 3.82 36.36 -0.91
N ARG G 118 3.63 36.31 0.41
CA ARG G 118 3.99 37.40 1.31
C ARG G 118 5.30 37.05 2.00
N GLN G 119 6.32 37.88 1.77
CA GLN G 119 7.66 37.61 2.26
C GLN G 119 8.36 38.91 2.64
N ARG G 120 9.26 38.82 3.61
CA ARG G 120 10.08 39.94 4.04
C ARG G 120 11.49 39.77 3.50
N PHE G 121 12.11 40.89 3.11
CA PHE G 121 13.42 40.87 2.46
C PHE G 121 14.36 41.87 3.14
N SER G 122 15.65 41.63 2.94
CA SER G 122 16.71 42.58 3.30
C SER G 122 17.22 43.22 2.02
N CYS G 123 16.86 44.48 1.80
CA CYS G 123 17.28 45.22 0.63
C CYS G 123 17.38 46.69 1.00
N ASP G 124 17.70 47.53 0.02
CA ASP G 124 17.97 48.93 0.29
C ASP G 124 16.67 49.72 0.33
N VAL G 125 16.24 50.09 1.54
CA VAL G 125 15.04 50.91 1.68
C VAL G 125 15.37 52.39 1.60
N SER G 126 16.65 52.75 1.68
CA SER G 126 17.04 54.15 1.68
C SER G 126 16.53 54.85 0.43
N GLY G 127 15.84 55.96 0.64
CA GLY G 127 15.23 56.71 -0.44
C GLY G 127 13.74 56.44 -0.61
N VAL G 128 13.11 55.74 0.32
CA VAL G 128 11.69 55.42 0.20
C VAL G 128 10.86 56.68 0.34
N ASP G 129 11.37 57.68 1.06
CA ASP G 129 10.68 58.94 1.23
C ASP G 129 11.07 59.99 0.19
N THR G 130 12.10 59.74 -0.62
CA THR G 130 12.43 60.75 -1.61
C THR G 130 11.53 60.58 -2.83
N GLU G 131 11.66 61.51 -3.78
CA GLU G 131 10.85 61.46 -4.99
C GLU G 131 11.41 60.42 -5.96
N SER G 132 12.74 60.33 -6.07
CA SER G 132 13.36 59.35 -6.96
C SER G 132 13.21 57.92 -6.43
N GLY G 133 12.81 57.76 -5.17
CA GLY G 133 12.41 56.47 -4.65
C GLY G 133 13.58 55.60 -4.26
N ALA G 134 13.26 54.48 -3.63
CA ALA G 134 14.20 53.44 -3.26
C ALA G 134 14.14 52.30 -4.25
N THR G 135 15.27 51.62 -4.46
CA THR G 135 15.35 50.47 -5.35
C THR G 135 15.70 49.24 -4.52
N CYS G 136 14.78 48.29 -4.44
CA CYS G 136 14.94 47.10 -3.64
C CYS G 136 15.19 45.91 -4.57
N ARG G 137 16.37 45.31 -4.46
CA ARG G 137 16.74 44.22 -5.35
C ARG G 137 16.43 42.90 -4.65
N ILE G 138 15.71 42.03 -5.36
CA ILE G 138 15.36 40.70 -4.87
C ILE G 138 15.99 39.69 -5.82
N LYS G 139 16.81 38.80 -5.28
CA LYS G 139 17.52 37.82 -6.07
C LYS G 139 16.90 36.44 -5.84
N ILE G 140 16.33 35.86 -6.89
CA ILE G 140 15.63 34.58 -6.82
C ILE G 140 16.35 33.60 -7.72
N GLY G 141 16.65 32.42 -7.19
CA GLY G 141 17.34 31.40 -7.98
C GLY G 141 17.25 30.04 -7.31
N SER G 142 17.61 29.03 -8.10
CA SER G 142 17.62 27.66 -7.61
C SER G 142 18.60 27.49 -6.46
N TRP G 143 18.21 26.68 -5.47
CA TRP G 143 19.04 26.52 -4.28
C TRP G 143 20.15 25.49 -4.47
N THR G 144 19.92 24.45 -5.26
CA THR G 144 20.90 23.38 -5.43
C THR G 144 21.37 23.20 -6.86
N HIS G 145 20.55 23.51 -7.85
CA HIS G 145 20.85 23.23 -9.24
C HIS G 145 21.67 24.34 -9.87
N HIS G 146 22.69 23.96 -10.62
CA HIS G 146 23.57 24.93 -11.27
C HIS G 146 23.05 25.23 -12.69
N SER G 147 23.85 25.97 -13.47
CA SER G 147 23.33 26.53 -14.72
C SER G 147 23.08 25.47 -15.78
N ARG G 148 23.82 24.37 -15.74
CA ARG G 148 23.65 23.31 -16.71
C ARG G 148 22.43 22.45 -16.40
N GLU G 149 21.86 22.60 -15.20
CA GLU G 149 20.66 21.87 -14.80
C GLU G 149 19.43 22.76 -14.81
N ILE G 150 19.47 23.90 -14.12
CA ILE G 150 18.40 24.90 -14.19
C ILE G 150 19.00 26.25 -14.54
N SER G 151 18.53 26.85 -15.63
CA SER G 151 18.85 28.21 -16.02
C SER G 151 17.58 29.06 -15.92
N VAL G 152 17.64 30.13 -15.13
CA VAL G 152 16.50 31.00 -14.88
C VAL G 152 16.59 32.21 -15.81
N ASP G 153 15.46 32.63 -16.38
CA ASP G 153 15.45 33.72 -17.35
C ASP G 153 14.26 34.65 -17.11
N PRO G 154 14.47 35.96 -17.10
CA PRO G 154 13.35 36.88 -16.85
C PRO G 154 12.43 36.97 -18.06
N THR G 155 11.23 37.49 -17.80
CA THR G 155 10.21 37.62 -18.82
C THR G 155 10.21 39.01 -19.43
N ASP G 160 3.57 45.57 -17.31
CA ASP G 160 3.35 44.14 -17.08
C ASP G 160 3.35 43.82 -15.59
N ASP G 161 4.52 43.89 -14.97
CA ASP G 161 4.71 43.46 -13.58
C ASP G 161 4.76 44.64 -12.61
N SER G 162 4.14 45.76 -12.97
CA SER G 162 3.63 46.73 -12.00
C SER G 162 2.24 47.20 -12.42
N GLU G 163 1.46 46.29 -13.02
CA GLU G 163 0.12 46.58 -13.49
C GLU G 163 -0.94 46.08 -12.53
N TYR G 164 -0.59 45.14 -11.65
CA TYR G 164 -1.53 44.55 -10.72
C TYR G 164 -1.26 45.00 -9.30
N PHE G 165 -0.44 46.04 -9.13
CA PHE G 165 -0.10 46.52 -7.81
C PHE G 165 -1.27 47.26 -7.19
N SER G 166 -1.43 47.07 -5.88
CA SER G 166 -2.58 47.61 -5.18
C SER G 166 -2.62 49.13 -5.25
N GLN G 167 -3.75 49.65 -5.73
CA GLN G 167 -4.02 51.08 -5.73
C GLN G 167 -4.19 51.60 -4.32
N TYR G 168 -4.23 50.71 -3.34
CA TYR G 168 -4.52 51.06 -1.96
C TYR G 168 -3.28 51.01 -1.07
N SER G 169 -2.13 50.63 -1.61
CA SER G 169 -0.91 50.56 -0.80
C SER G 169 -0.44 51.93 -0.37
N ARG G 170 0.19 51.99 0.80
CA ARG G 170 0.83 53.22 1.23
C ARG G 170 1.97 53.61 0.30
N PHE G 171 2.41 52.69 -0.55
CA PHE G 171 3.55 52.89 -1.42
C PHE G 171 3.14 52.70 -2.87
N GLU G 172 3.96 53.22 -3.78
CA GLU G 172 3.70 53.10 -5.22
C GLU G 172 4.99 52.80 -5.96
N ILE G 173 4.90 51.93 -6.97
CA ILE G 173 6.05 51.52 -7.75
C ILE G 173 6.30 52.53 -8.87
N LEU G 174 7.58 52.84 -9.09
CA LEU G 174 8.00 53.70 -10.19
C LEU G 174 8.58 52.90 -11.35
N ASP G 175 9.45 51.93 -11.09
CA ASP G 175 10.04 51.12 -12.15
C ASP G 175 10.42 49.76 -11.58
N VAL G 176 10.36 48.74 -12.44
CA VAL G 176 10.79 47.39 -12.11
C VAL G 176 11.63 46.90 -13.28
N THR G 177 12.92 46.72 -13.04
CA THR G 177 13.84 46.16 -14.03
C THR G 177 14.35 44.83 -13.53
N GLN G 178 14.34 43.82 -14.41
CA GLN G 178 14.75 42.47 -14.05
C GLN G 178 15.90 42.05 -14.96
N LYS G 179 17.05 41.79 -14.36
CA LYS G 179 18.18 41.28 -15.11
C LYS G 179 18.54 39.90 -14.57
N LYS G 180 19.24 39.14 -15.40
CA LYS G 180 19.66 37.79 -15.04
C LYS G 180 21.11 37.84 -14.58
N ASN G 181 21.44 36.96 -13.64
CA ASN G 181 22.80 36.88 -13.16
C ASN G 181 23.32 35.47 -13.37
N SER G 182 24.64 35.36 -13.36
CA SER G 182 25.31 34.07 -13.47
C SER G 182 26.59 34.21 -12.65
N VAL G 183 26.66 33.49 -11.54
CA VAL G 183 27.79 33.64 -10.65
C VAL G 183 28.59 32.35 -10.68
N THR G 184 29.90 32.47 -10.58
CA THR G 184 30.77 31.31 -10.48
C THR G 184 31.64 31.51 -9.24
N TYR G 185 31.59 30.53 -8.35
CA TYR G 185 32.25 30.64 -7.05
C TYR G 185 33.66 30.08 -7.07
N SER G 186 34.47 30.58 -6.12
CA SER G 186 35.87 30.20 -5.94
C SER G 186 36.05 28.73 -5.53
N CYS G 187 34.95 28.01 -5.27
CA CYS G 187 34.97 26.62 -4.87
C CYS G 187 34.74 25.68 -6.02
N CYS G 188 33.82 26.05 -6.89
CA CYS G 188 33.04 25.12 -7.68
C CYS G 188 32.97 25.60 -9.12
N PRO G 189 33.17 24.70 -10.09
CA PRO G 189 33.27 25.13 -11.50
C PRO G 189 31.93 25.42 -12.12
N GLU G 190 30.85 25.20 -11.37
CA GLU G 190 29.52 25.45 -11.87
C GLU G 190 29.18 26.94 -11.79
N ALA G 191 28.17 27.32 -12.55
CA ALA G 191 27.66 28.69 -12.57
C ALA G 191 26.23 28.66 -12.05
N TYR G 192 25.93 29.50 -11.08
CA TYR G 192 24.61 29.51 -10.47
C TYR G 192 23.87 30.78 -10.87
N GLU G 193 22.71 30.62 -11.49
CA GLU G 193 21.94 31.70 -12.06
C GLU G 193 20.89 32.20 -11.08
N ASP G 194 20.70 33.52 -11.04
CA ASP G 194 19.65 34.12 -10.24
C ASP G 194 19.04 35.27 -11.03
N VAL G 195 17.75 35.52 -10.80
CA VAL G 195 17.09 36.69 -11.36
C VAL G 195 17.05 37.76 -10.28
N GLU G 196 17.53 38.94 -10.61
CA GLU G 196 17.57 40.05 -9.66
C GLU G 196 16.47 41.03 -10.07
N VAL G 197 15.43 41.12 -9.27
CA VAL G 197 14.28 41.97 -9.56
C VAL G 197 14.43 43.24 -8.73
N SER G 198 14.62 44.36 -9.41
CA SER G 198 14.80 45.65 -8.76
C SER G 198 13.46 46.37 -8.69
N LEU G 199 13.02 46.66 -7.47
CA LEU G 199 11.72 47.27 -7.21
C LEU G 199 11.95 48.72 -6.83
N ASN G 200 11.59 49.63 -7.73
CA ASN G 200 11.69 51.06 -7.46
C ASN G 200 10.35 51.54 -6.92
N PHE G 201 10.35 51.95 -5.66
CA PHE G 201 9.12 52.35 -4.99
C PHE G 201 9.43 53.51 -4.06
N ARG G 202 8.39 54.24 -3.68
CA ARG G 202 8.56 55.35 -2.77
C ARG G 202 7.31 55.51 -1.93
N LYS G 203 7.44 56.35 -0.90
CA LYS G 203 6.29 56.71 -0.08
C LYS G 203 5.33 57.60 -0.84
N LYS G 204 4.04 57.47 -0.52
CA LYS G 204 3.02 58.31 -1.15
C LYS G 204 2.85 59.60 -0.36
N LEU H 1 21.42 4.95 -13.85
CA LEU H 1 21.92 5.43 -15.13
C LEU H 1 21.63 6.91 -15.37
N ASP H 2 20.36 7.29 -15.20
CA ASP H 2 19.94 8.68 -15.30
C ASP H 2 19.29 9.14 -14.00
N ARG H 3 19.04 10.45 -13.92
CA ARG H 3 18.54 11.09 -12.72
C ARG H 3 17.35 10.35 -12.13
N ALA H 4 16.36 10.03 -12.98
CA ALA H 4 15.16 9.34 -12.51
C ALA H 4 15.51 8.02 -11.84
N ASP H 5 16.51 7.31 -12.40
CA ASP H 5 16.94 6.05 -11.82
C ASP H 5 17.67 6.27 -10.51
N ILE H 6 18.59 7.24 -10.46
CA ILE H 6 19.32 7.53 -9.22
C ILE H 6 18.36 7.94 -8.11
N LEU H 7 17.47 8.89 -8.41
CA LEU H 7 16.54 9.37 -7.40
C LEU H 7 15.50 8.30 -7.05
N TYR H 8 15.17 7.42 -7.99
CA TYR H 8 14.38 6.25 -7.64
C TYR H 8 15.15 5.34 -6.68
N ASN H 9 16.38 4.99 -7.03
CA ASN H 9 17.18 4.10 -6.19
C ASN H 9 17.43 4.70 -4.82
N ILE H 10 17.71 6.01 -4.75
CA ILE H 10 17.97 6.64 -3.47
C ILE H 10 16.71 6.64 -2.61
N ARG H 11 15.56 6.96 -3.21
CA ARG H 11 14.31 6.94 -2.45
C ARG H 11 14.05 5.57 -1.84
N GLN H 12 14.31 4.50 -2.59
CA GLN H 12 13.93 3.15 -2.14
C GLN H 12 14.95 2.50 -1.22
N THR H 13 16.22 2.91 -1.24
CA THR H 13 17.20 2.25 -0.40
C THR H 13 17.91 3.12 0.63
N SER H 14 17.93 4.44 0.47
CA SER H 14 18.54 5.24 1.52
C SER H 14 17.65 5.08 2.75
N ARG H 15 18.25 4.66 3.87
CA ARG H 15 17.46 4.40 5.07
C ARG H 15 17.57 5.61 5.98
N PRO H 16 16.63 6.55 5.88
CA PRO H 16 16.82 7.87 6.50
C PRO H 16 16.95 7.85 8.02
N ASP H 17 16.34 6.88 8.70
CA ASP H 17 16.50 6.80 10.15
C ASP H 17 17.83 6.18 10.56
N VAL H 18 18.56 5.61 9.62
CA VAL H 18 19.78 4.88 9.95
C VAL H 18 20.94 5.84 9.81
N ILE H 19 21.70 6.01 10.89
CA ILE H 19 22.93 6.80 10.78
C ILE H 19 23.96 5.98 10.01
N PRO H 20 24.60 6.55 8.99
CA PRO H 20 25.52 5.77 8.16
C PRO H 20 26.94 5.74 8.73
N THR H 21 27.08 5.09 9.87
CA THR H 21 28.41 4.89 10.41
C THR H 21 29.12 3.85 9.57
N GLN H 22 30.39 4.11 9.28
CA GLN H 22 31.19 3.19 8.48
C GLN H 22 32.14 2.52 9.46
N ARG H 23 32.11 1.19 9.46
CA ARG H 23 32.82 0.39 10.47
C ARG H 23 32.40 0.82 11.87
N ASP H 24 31.12 1.17 12.00
CA ASP H 24 30.53 1.66 13.25
C ASP H 24 31.47 2.66 13.92
N ARG H 25 31.99 3.57 13.13
CA ARG H 25 32.83 4.67 13.58
C ARG H 25 32.13 5.99 13.26
N PRO H 26 32.48 7.07 13.93
CA PRO H 26 31.63 8.27 13.87
C PRO H 26 31.54 8.85 12.46
N VAL H 27 30.36 9.40 12.18
CA VAL H 27 30.12 10.07 10.91
C VAL H 27 30.69 11.47 11.00
N ALA H 28 31.65 11.78 10.14
CA ALA H 28 32.32 13.08 10.20
C ALA H 28 31.35 14.09 9.61
N VAL H 29 30.66 14.84 10.47
CA VAL H 29 29.75 15.87 10.05
C VAL H 29 30.49 17.19 10.16
N SER H 30 30.53 17.94 9.06
CA SER H 30 31.26 19.20 9.01
C SER H 30 30.26 20.34 8.96
N VAL H 31 30.23 21.15 10.02
CA VAL H 31 29.27 22.24 10.16
C VAL H 31 30.04 23.54 10.14
N SER H 32 29.62 24.45 9.25
CA SER H 32 30.12 25.81 9.22
C SER H 32 28.95 26.74 8.97
N LEU H 33 28.76 27.71 9.86
CA LEU H 33 27.68 28.67 9.71
C LEU H 33 28.11 29.81 8.79
N LYS H 34 27.35 30.00 7.72
CA LYS H 34 27.51 31.16 6.85
C LYS H 34 26.53 32.22 7.34
N PHE H 35 27.05 33.27 7.96
CA PHE H 35 26.20 34.29 8.55
C PHE H 35 25.69 35.20 7.45
N ILE H 36 24.37 35.45 7.45
CA ILE H 36 23.73 36.19 6.37
C ILE H 36 23.17 37.52 6.83
N ASN H 37 22.58 37.57 8.02
CA ASN H 37 21.90 38.80 8.46
C ASN H 37 21.68 38.72 9.95
N ILE H 38 21.70 39.89 10.60
CA ILE H 38 21.34 40.04 12.00
C ILE H 38 20.12 40.94 12.06
N LEU H 39 19.04 40.44 12.68
CA LEU H 39 17.75 41.09 12.53
C LEU H 39 17.44 41.95 13.75
N GLU H 40 17.19 41.33 14.90
CA GLU H 40 16.94 42.05 16.14
C GLU H 40 17.91 41.62 17.22
N VAL H 41 18.59 42.60 17.83
CA VAL H 41 19.47 42.39 18.97
C VAL H 41 18.90 43.14 20.17
N ASN H 42 18.94 42.52 21.35
CA ASN H 42 18.41 43.08 22.60
C ASN H 42 19.46 42.91 23.68
N GLU H 43 20.08 44.03 24.08
CA GLU H 43 21.17 43.99 25.04
C GLU H 43 20.71 43.73 26.47
N ILE H 44 19.43 43.97 26.77
CA ILE H 44 18.93 43.72 28.12
C ILE H 44 18.72 42.22 28.34
N THR H 45 18.07 41.56 27.38
CA THR H 45 17.74 40.15 27.49
C THR H 45 18.84 39.22 26.97
N ASN H 46 19.85 39.76 26.28
CA ASN H 46 20.94 38.97 25.70
C ASN H 46 20.41 37.93 24.71
N GLU H 47 19.67 38.42 23.72
CA GLU H 47 19.11 37.59 22.67
C GLU H 47 19.41 38.22 21.31
N VAL H 48 19.72 37.38 20.34
CA VAL H 48 19.98 37.83 18.98
C VAL H 48 19.07 37.05 18.05
N ASP H 49 18.58 37.72 17.00
CA ASP H 49 17.75 37.11 15.98
C ASP H 49 18.55 37.13 14.68
N VAL H 50 18.92 35.94 14.20
CA VAL H 50 19.95 35.81 13.18
C VAL H 50 19.44 34.91 12.06
N VAL H 51 19.83 35.24 10.83
CA VAL H 51 19.60 34.41 9.66
C VAL H 51 20.97 33.90 9.19
N PHE H 52 21.09 32.59 8.97
CA PHE H 52 22.38 32.00 8.63
C PHE H 52 22.18 30.75 7.78
N TRP H 53 23.20 30.46 6.96
CA TRP H 53 23.25 29.25 6.15
C TRP H 53 24.06 28.18 6.88
N GLN H 54 23.43 27.05 7.17
CA GLN H 54 24.06 25.94 7.90
C GLN H 54 24.66 24.91 6.94
N GLN H 55 25.88 25.21 6.47
CA GLN H 55 26.63 24.31 5.60
C GLN H 55 27.03 23.02 6.34
N THR H 56 26.39 21.91 5.96
CA THR H 56 26.61 20.60 6.59
C THR H 56 27.10 19.57 5.56
N THR H 57 28.10 18.77 5.95
CA THR H 57 28.70 17.78 5.05
C THR H 57 28.91 16.45 5.77
N TRP H 58 28.53 15.35 5.13
CA TRP H 58 28.83 14.01 5.62
C TRP H 58 28.88 13.05 4.46
N SER H 59 29.27 11.81 4.74
CA SER H 59 29.32 10.77 3.74
C SER H 59 28.32 9.66 4.06
N ASP H 60 27.50 9.31 3.08
CA ASP H 60 26.51 8.22 3.20
C ASP H 60 26.80 7.34 1.99
N ARG H 61 27.66 6.34 2.20
CA ARG H 61 28.16 5.54 1.10
C ARG H 61 27.07 4.68 0.48
N THR H 62 25.97 4.45 1.19
CA THR H 62 24.81 3.76 0.63
C THR H 62 24.16 4.55 -0.50
N LEU H 63 24.56 5.79 -0.72
CA LEU H 63 24.01 6.63 -1.76
C LEU H 63 24.78 6.54 -3.06
N ALA H 64 25.96 5.94 -3.06
CA ALA H 64 26.88 6.03 -4.18
C ALA H 64 26.34 5.31 -5.41
N TRP H 65 26.87 5.71 -6.56
CA TRP H 65 26.56 5.06 -7.82
C TRP H 65 27.76 5.20 -8.75
N ASN H 66 27.78 4.39 -9.79
CA ASN H 66 28.83 4.49 -10.80
C ASN H 66 28.65 5.82 -11.51
N SER H 67 29.68 6.67 -11.45
CA SER H 67 29.52 8.08 -11.81
C SER H 67 29.71 8.34 -13.29
N SER H 68 30.66 7.67 -13.93
CA SER H 68 30.83 7.85 -15.36
C SER H 68 29.57 7.37 -16.07
N HIS H 69 29.20 8.11 -17.11
CA HIS H 69 28.05 7.77 -17.96
C HIS H 69 26.78 7.73 -17.12
N SER H 70 26.54 8.86 -16.43
CA SER H 70 25.50 9.09 -15.44
C SER H 70 25.75 10.45 -14.83
N PRO H 71 24.77 11.07 -14.18
CA PRO H 71 25.04 12.36 -13.52
C PRO H 71 26.09 12.18 -12.44
N ASP H 72 26.92 13.22 -12.25
CA ASP H 72 27.99 13.15 -11.26
C ASP H 72 27.49 13.47 -9.86
N GLN H 73 26.38 14.19 -9.75
CA GLN H 73 25.73 14.55 -8.49
C GLN H 73 24.26 14.75 -8.79
N VAL H 74 23.41 14.54 -7.79
CA VAL H 74 22.00 14.82 -7.96
C VAL H 74 21.50 15.64 -6.77
N SER H 75 20.20 15.94 -6.79
CA SER H 75 19.55 16.73 -5.76
C SER H 75 18.44 15.89 -5.12
N VAL H 76 18.53 15.68 -3.81
CA VAL H 76 17.64 14.77 -3.10
C VAL H 76 16.93 15.52 -1.97
N PRO H 77 15.61 15.36 -1.83
CA PRO H 77 14.94 15.94 -0.65
C PRO H 77 15.40 15.24 0.62
N ILE H 78 15.60 16.03 1.68
CA ILE H 78 16.17 15.49 2.92
C ILE H 78 15.23 14.52 3.63
N SER H 79 13.96 14.47 3.23
CA SER H 79 13.05 13.47 3.76
C SER H 79 13.44 12.07 3.28
N SER H 80 14.11 11.98 2.14
CA SER H 80 14.62 10.73 1.60
C SER H 80 16.08 10.51 1.96
N LEU H 81 16.59 11.21 2.98
CA LEU H 81 17.99 11.16 3.33
C LEU H 81 18.17 11.10 4.85
N TRP H 82 19.32 10.58 5.26
CA TRP H 82 19.77 10.76 6.64
C TRP H 82 20.48 12.10 6.79
N VAL H 83 20.02 12.90 7.74
CA VAL H 83 20.66 14.17 8.07
C VAL H 83 21.03 14.12 9.55
N PRO H 84 22.24 14.52 9.94
CA PRO H 84 22.61 14.48 11.35
C PRO H 84 21.70 15.37 12.19
N ASP H 85 21.42 14.92 13.41
CA ASP H 85 20.44 15.56 14.29
C ASP H 85 21.03 16.77 14.99
N LEU H 86 21.58 17.69 14.22
CA LEU H 86 22.21 18.87 14.78
C LEU H 86 21.19 19.77 15.44
N ALA H 87 21.63 20.43 16.52
CA ALA H 87 20.78 21.36 17.27
C ALA H 87 21.65 22.46 17.86
N ALA H 88 21.17 23.69 17.74
CA ALA H 88 21.82 24.83 18.38
C ALA H 88 21.52 24.76 19.87
N TYR H 89 22.55 24.47 20.67
CA TYR H 89 22.32 24.21 22.09
C TYR H 89 21.74 25.42 22.80
N ASN H 90 22.02 26.62 22.32
CA ASN H 90 21.56 27.85 22.96
C ASN H 90 20.45 28.53 22.18
N ALA H 91 19.76 27.81 21.30
CA ALA H 91 18.67 28.40 20.54
C ALA H 91 17.43 28.50 21.42
N ILE H 92 16.70 29.61 21.27
CA ILE H 92 15.48 29.85 22.01
C ILE H 92 14.25 29.90 21.12
N SER H 93 14.40 29.49 19.85
CA SER H 93 13.27 29.36 18.95
C SER H 93 13.52 28.16 18.04
N LYS H 94 12.43 27.65 17.47
CA LYS H 94 12.56 26.54 16.53
C LYS H 94 13.30 27.00 15.28
N PRO H 95 14.21 26.19 14.74
CA PRO H 95 14.87 26.59 13.49
C PRO H 95 13.85 26.64 12.36
N GLU H 96 13.69 27.83 11.80
CA GLU H 96 12.75 28.08 10.71
C GLU H 96 13.51 28.12 9.40
N VAL H 97 13.36 27.07 8.60
CA VAL H 97 14.07 26.90 7.33
C VAL H 97 13.32 27.67 6.24
N LEU H 98 14.00 28.63 5.62
CA LEU H 98 13.40 29.50 4.60
C LEU H 98 13.55 28.94 3.19
N THR H 99 14.50 28.05 2.97
CA THR H 99 14.82 27.55 1.64
C THR H 99 14.16 26.20 1.40
N PRO H 100 14.10 25.74 0.15
CA PRO H 100 13.62 24.38 -0.10
C PRO H 100 14.51 23.36 0.59
N GLN H 101 13.88 22.29 1.08
CA GLN H 101 14.60 21.29 1.86
C GLN H 101 15.14 20.18 0.96
N LEU H 102 15.96 20.58 -0.01
CA LEU H 102 16.68 19.66 -0.86
C LEU H 102 18.16 19.67 -0.45
N ALA H 103 18.80 18.52 -0.57
CA ALA H 103 20.23 18.42 -0.32
C ALA H 103 20.94 18.01 -1.61
N ARG H 104 22.23 18.33 -1.67
CA ARG H 104 23.08 17.99 -2.81
C ARG H 104 23.86 16.73 -2.48
N VAL H 105 23.75 15.73 -3.34
CA VAL H 105 24.34 14.41 -3.14
C VAL H 105 25.29 14.11 -4.30
N VAL H 106 26.51 13.77 -3.98
CA VAL H 106 27.52 13.44 -4.98
C VAL H 106 27.55 11.93 -5.17
N SER H 107 27.99 11.51 -6.36
CA SER H 107 28.02 10.09 -6.72
C SER H 107 28.83 9.25 -5.76
N ASP H 108 29.80 9.83 -5.05
CA ASP H 108 30.62 9.08 -4.10
C ASP H 108 29.96 8.94 -2.74
N GLY H 109 28.81 9.58 -2.52
CA GLY H 109 28.11 9.51 -1.25
C GLY H 109 28.22 10.76 -0.39
N GLU H 110 29.04 11.72 -0.79
CA GLU H 110 29.16 12.97 -0.04
C GLU H 110 27.86 13.76 -0.15
N VAL H 111 27.42 14.33 0.97
CA VAL H 111 26.18 15.08 1.06
C VAL H 111 26.43 16.49 1.56
N LEU H 112 25.78 17.47 0.92
CA LEU H 112 25.83 18.87 1.36
C LEU H 112 24.40 19.37 1.56
N TYR H 113 24.02 19.62 2.81
CA TYR H 113 22.74 20.25 3.14
C TYR H 113 23.03 21.57 3.81
N MET H 114 22.63 22.67 3.17
CA MET H 114 22.91 24.02 3.65
C MET H 114 21.61 24.82 3.61
N PRO H 115 20.82 24.76 4.68
CA PRO H 115 19.57 25.52 4.72
C PRO H 115 19.76 26.93 5.25
N SER H 116 18.88 27.81 4.82
CA SER H 116 18.80 29.14 5.41
C SER H 116 17.90 29.05 6.63
N ILE H 117 18.44 29.36 7.79
CA ILE H 117 17.76 29.16 9.06
C ILE H 117 17.67 30.51 9.77
N ARG H 118 16.46 30.88 10.17
CA ARG H 118 16.24 32.01 11.05
C ARG H 118 15.99 31.46 12.44
N GLN H 119 16.86 31.79 13.37
CA GLN H 119 16.81 31.23 14.73
C GLN H 119 17.25 32.29 15.72
N ARG H 120 16.65 32.25 16.90
CA ARG H 120 16.97 33.15 17.99
C ARG H 120 17.82 32.42 19.02
N PHE H 121 18.78 33.13 19.60
CA PHE H 121 19.76 32.52 20.49
C PHE H 121 19.87 33.28 21.79
N SER H 122 20.37 32.58 22.80
CA SER H 122 20.77 33.20 24.06
C SER H 122 22.29 33.25 24.09
N CYS H 123 22.84 34.45 23.91
CA CYS H 123 24.29 34.62 23.89
C CYS H 123 24.61 36.02 24.42
N ASP H 124 25.92 36.34 24.44
CA ASP H 124 26.41 37.55 25.08
C ASP H 124 26.30 38.74 24.15
N VAL H 125 25.33 39.62 24.43
CA VAL H 125 25.10 40.83 23.64
C VAL H 125 25.90 42.04 24.15
N SER H 126 26.46 41.97 25.35
CA SER H 126 27.12 43.14 25.92
C SER H 126 28.21 43.66 24.99
N GLY H 127 28.11 44.94 24.64
CA GLY H 127 29.03 45.58 23.74
C GLY H 127 28.59 45.72 22.30
N VAL H 128 27.31 45.49 22.00
CA VAL H 128 26.87 45.59 20.61
C VAL H 128 26.87 47.04 20.14
N ASP H 129 26.68 47.99 21.04
CA ASP H 129 26.71 49.41 20.69
C ASP H 129 28.10 50.01 20.79
N THR H 130 29.05 49.28 21.37
CA THR H 130 30.41 49.74 21.45
C THR H 130 31.14 49.44 20.15
N GLU H 131 32.38 49.93 20.05
CA GLU H 131 33.17 49.73 18.83
C GLU H 131 33.82 48.35 18.80
N SER H 132 34.38 47.90 19.93
CA SER H 132 35.02 46.59 19.93
C SER H 132 34.01 45.45 19.77
N GLY H 133 32.73 45.75 19.91
CA GLY H 133 31.63 44.87 19.56
C GLY H 133 31.32 43.84 20.64
N ALA H 134 30.22 43.12 20.42
CA ALA H 134 29.85 42.00 21.27
C ALA H 134 30.28 40.71 20.60
N THR H 135 30.62 39.72 21.42
CA THR H 135 31.00 38.40 20.92
C THR H 135 29.97 37.39 21.44
N CYS H 136 29.18 36.84 20.52
CA CYS H 136 28.08 35.94 20.85
C CYS H 136 28.42 34.55 20.31
N ARG H 137 28.51 33.56 21.21
CA ARG H 137 28.90 32.20 20.85
C ARG H 137 27.67 31.32 20.63
N ILE H 138 27.67 30.58 19.52
CA ILE H 138 26.61 29.65 19.16
C ILE H 138 27.18 28.24 19.08
N LYS H 139 26.58 27.32 19.83
CA LYS H 139 27.04 25.93 19.93
C LYS H 139 26.11 25.00 19.17
N ILE H 140 26.65 24.31 18.16
CA ILE H 140 25.89 23.38 17.32
C ILE H 140 26.46 21.99 17.53
N GLY H 141 25.59 21.01 17.81
CA GLY H 141 26.02 19.65 18.00
C GLY H 141 24.87 18.68 17.95
N SER H 142 25.22 17.39 17.84
CA SER H 142 24.22 16.33 17.78
C SER H 142 23.39 16.29 19.05
N TRP H 143 22.08 16.05 18.89
CA TRP H 143 21.18 16.06 20.03
C TRP H 143 21.14 14.71 20.74
N THR H 144 21.30 13.62 20.00
CA THR H 144 21.23 12.28 20.57
C THR H 144 22.51 11.47 20.40
N HIS H 145 23.24 11.68 19.31
CA HIS H 145 24.44 10.89 19.03
C HIS H 145 25.68 11.49 19.69
N HIS H 146 26.48 10.65 20.31
CA HIS H 146 27.72 11.02 20.99
C HIS H 146 28.93 10.77 20.07
N SER H 147 30.14 10.74 20.66
CA SER H 147 31.38 10.84 19.88
C SER H 147 31.64 9.63 18.98
N ARG H 148 31.18 8.43 19.35
CA ARG H 148 31.45 7.28 18.49
C ARG H 148 30.51 7.20 17.29
N GLU H 149 29.43 7.99 17.31
CA GLU H 149 28.42 7.97 16.25
C GLU H 149 28.50 9.18 15.33
N ILE H 150 28.48 10.38 15.91
CA ILE H 150 28.65 11.62 15.15
C ILE H 150 29.83 12.37 15.76
N SER H 151 30.81 12.67 14.93
CA SER H 151 31.89 13.56 15.30
C SER H 151 31.67 14.84 14.52
N VAL H 152 31.45 15.94 15.23
CA VAL H 152 31.17 17.21 14.59
C VAL H 152 32.49 17.96 14.53
N ASP H 153 32.82 18.49 13.36
CA ASP H 153 34.09 19.11 13.14
C ASP H 153 33.84 20.32 12.25
N PRO H 154 34.39 21.48 12.60
CA PRO H 154 34.19 22.66 11.76
C PRO H 154 34.99 22.57 10.48
N THR H 155 34.66 23.44 9.53
CA THR H 155 35.36 23.44 8.26
C THR H 155 36.50 24.43 8.35
N THR H 156 37.57 24.16 7.59
CA THR H 156 38.83 24.83 7.81
C THR H 156 38.69 26.35 7.77
N GLU H 157 37.84 26.86 6.88
CA GLU H 157 37.67 28.30 6.72
C GLU H 157 36.51 28.62 5.77
N ASP H 161 31.40 32.53 7.04
CA ASP H 161 32.69 33.15 6.74
C ASP H 161 32.53 34.63 6.43
N SER H 162 31.34 35.14 6.74
CA SER H 162 30.99 36.55 6.71
C SER H 162 31.25 37.23 5.37
N GLU H 163 31.32 36.48 4.28
CA GLU H 163 31.52 37.09 2.96
C GLU H 163 30.21 37.18 2.21
N TYR H 164 29.19 36.49 2.71
CA TYR H 164 27.84 36.49 2.16
C TYR H 164 26.89 37.24 3.07
N PHE H 165 27.43 37.98 4.03
CA PHE H 165 26.64 38.73 5.01
C PHE H 165 26.02 39.96 4.38
N SER H 166 24.77 40.22 4.74
CA SER H 166 24.00 41.32 4.17
C SER H 166 24.58 42.69 4.54
N GLN H 167 24.86 43.50 3.51
CA GLN H 167 25.33 44.87 3.74
C GLN H 167 24.24 45.79 4.28
N TYR H 168 22.99 45.34 4.33
CA TYR H 168 21.86 46.18 4.73
C TYR H 168 21.39 45.90 6.14
N SER H 169 22.01 44.96 6.84
CA SER H 169 21.69 44.71 8.23
C SER H 169 22.09 45.93 9.07
N ARG H 170 21.31 46.16 10.13
CA ARG H 170 21.65 47.23 11.07
C ARG H 170 22.98 46.99 11.76
N PHE H 171 23.52 45.78 11.66
CA PHE H 171 24.76 45.39 12.31
C PHE H 171 25.76 44.97 11.25
N GLU H 172 27.03 44.92 11.63
CA GLU H 172 28.09 44.53 10.72
C GLU H 172 29.01 43.55 11.43
N ILE H 173 29.43 42.52 10.71
CA ILE H 173 30.26 41.48 11.30
C ILE H 173 31.72 41.90 11.29
N LEU H 174 32.40 41.68 12.40
CA LEU H 174 33.82 41.94 12.52
C LEU H 174 34.65 40.67 12.43
N ASP H 175 34.25 39.61 13.15
CA ASP H 175 34.96 38.34 13.12
C ASP H 175 34.01 37.21 13.49
N VAL H 176 34.24 36.04 12.89
CA VAL H 176 33.49 34.82 13.19
C VAL H 176 34.49 33.67 13.28
N THR H 177 34.64 33.09 14.47
CA THR H 177 35.53 31.95 14.66
C THR H 177 34.72 30.72 15.05
N GLN H 178 35.06 29.57 14.44
CA GLN H 178 34.37 28.31 14.68
C GLN H 178 35.35 27.25 15.15
N LYS H 179 35.23 26.82 16.40
CA LYS H 179 36.05 25.76 16.95
C LYS H 179 35.18 24.63 17.52
N LYS H 180 35.80 23.45 17.62
CA LYS H 180 35.17 22.23 18.10
C LYS H 180 35.56 21.97 19.55
N ASN H 181 34.65 21.33 20.29
CA ASN H 181 34.82 21.05 21.70
C ASN H 181 34.76 19.55 21.95
N SER H 182 35.06 19.20 23.19
CA SER H 182 34.99 17.83 23.69
C SER H 182 34.33 17.96 25.05
N VAL H 183 33.12 17.41 25.15
CA VAL H 183 32.26 17.65 26.30
C VAL H 183 32.12 16.37 27.09
N THR H 184 31.95 16.52 28.39
CA THR H 184 31.60 15.41 29.27
C THR H 184 30.36 15.81 30.05
N TYR H 185 29.30 15.02 29.92
CA TYR H 185 28.07 15.31 30.64
C TYR H 185 28.11 14.62 31.99
N SER H 186 27.36 15.16 32.94
CA SER H 186 27.28 14.62 34.29
C SER H 186 26.10 13.65 34.44
N CYS H 187 25.78 12.98 33.33
CA CYS H 187 24.75 11.96 33.29
C CYS H 187 25.28 10.63 32.79
N CYS H 188 26.29 10.68 31.93
CA CYS H 188 26.68 9.68 30.96
C CYS H 188 28.14 9.82 30.58
N PRO H 189 28.94 8.74 30.51
CA PRO H 189 30.38 8.94 30.24
C PRO H 189 30.66 9.12 28.77
N GLU H 190 29.65 9.50 27.99
CA GLU H 190 29.88 9.75 26.58
C GLU H 190 30.39 11.17 26.39
N ALA H 191 31.00 11.42 25.25
CA ALA H 191 31.46 12.75 24.91
C ALA H 191 30.62 13.18 23.72
N TYR H 192 29.95 14.31 23.87
CA TYR H 192 29.04 14.81 22.84
C TYR H 192 29.76 16.00 22.22
N GLU H 193 30.01 15.92 20.92
CA GLU H 193 30.85 16.90 20.25
C GLU H 193 29.98 18.02 19.68
N ASP H 194 30.47 19.24 19.82
CA ASP H 194 29.79 20.40 19.29
C ASP H 194 30.80 21.38 18.72
N VAL H 195 30.36 22.13 17.72
CA VAL H 195 31.12 23.22 17.13
C VAL H 195 30.67 24.54 17.78
N GLU H 196 31.65 25.33 18.21
CA GLU H 196 31.41 26.60 18.90
C GLU H 196 31.69 27.75 17.93
N VAL H 197 30.63 28.47 17.54
CA VAL H 197 30.71 29.58 16.59
C VAL H 197 30.67 30.88 17.37
N SER H 198 31.78 31.63 17.36
CA SER H 198 31.86 32.91 18.03
C SER H 198 31.57 34.02 17.03
N LEU H 199 30.50 34.77 17.27
CA LEU H 199 30.07 35.84 16.36
C LEU H 199 30.41 37.17 17.03
N ASN H 200 31.49 37.81 16.56
CA ASN H 200 31.90 39.11 17.06
C ASN H 200 31.34 40.16 16.10
N PHE H 201 30.38 40.94 16.57
CA PHE H 201 29.68 41.89 15.72
C PHE H 201 29.34 43.12 16.56
N ARG H 202 28.99 44.20 15.87
CA ARG H 202 28.56 45.42 16.55
C ARG H 202 27.51 46.13 15.72
N LYS H 203 26.83 47.06 16.37
CA LYS H 203 25.91 47.96 15.68
C LYS H 203 26.70 48.99 14.88
N LYS H 204 26.08 49.53 13.84
CA LYS H 204 26.75 50.54 13.03
C LYS H 204 26.63 51.92 13.65
N GLY H 205 25.42 52.32 14.03
CA GLY H 205 25.23 53.60 14.69
C GLY H 205 24.00 54.34 14.25
N LEU I 1 22.63 -8.14 15.68
CA LEU I 1 22.09 -7.33 14.59
C LEU I 1 23.07 -6.18 14.30
N ASP I 2 22.69 -5.29 13.38
CA ASP I 2 23.40 -4.03 13.18
C ASP I 2 22.40 -2.89 13.25
N ARG I 3 22.93 -1.66 13.29
CA ARG I 3 22.09 -0.48 13.51
C ARG I 3 20.91 -0.47 12.54
N ALA I 4 21.18 -0.69 11.25
CA ALA I 4 20.12 -0.67 10.24
C ALA I 4 19.06 -1.74 10.53
N ASP I 5 19.49 -2.91 11.01
CA ASP I 5 18.53 -3.97 11.31
C ASP I 5 17.65 -3.59 12.48
N ILE I 6 18.25 -3.00 13.52
CA ILE I 6 17.51 -2.61 14.72
C ILE I 6 16.39 -1.65 14.36
N LEU I 7 16.71 -0.59 13.61
CA LEU I 7 15.68 0.38 13.25
C LEU I 7 14.66 -0.20 12.29
N TYR I 8 15.06 -1.17 11.46
CA TYR I 8 14.07 -1.87 10.66
C TYR I 8 13.08 -2.62 11.55
N ASN I 9 13.59 -3.43 12.48
CA ASN I 9 12.71 -4.17 13.37
C ASN I 9 11.86 -3.23 14.21
N ILE I 10 12.44 -2.13 14.69
CA ILE I 10 11.67 -1.18 15.48
C ILE I 10 10.63 -0.46 14.61
N ARG I 11 11.05 0.00 13.44
CA ARG I 11 10.13 0.67 12.53
C ARG I 11 8.99 -0.26 12.11
N GLN I 12 9.30 -1.53 11.80
CA GLN I 12 8.28 -2.43 11.26
C GLN I 12 7.40 -3.02 12.36
N THR I 13 7.86 -3.01 13.61
CA THR I 13 7.11 -3.52 14.75
C THR I 13 6.84 -2.42 15.76
N SER I 14 6.79 -1.18 15.29
CA SER I 14 6.51 -0.03 16.14
C SER I 14 5.13 -0.15 16.77
N ARG I 15 5.07 -0.03 18.10
CA ARG I 15 3.76 0.02 18.74
C ARG I 15 3.46 1.45 19.18
N PRO I 16 3.35 2.43 18.26
CA PRO I 16 3.29 3.83 18.73
C PRO I 16 1.99 4.18 19.40
N ASP I 17 0.87 3.57 18.96
CA ASP I 17 -0.42 3.86 19.53
C ASP I 17 -0.69 3.06 20.81
N VAL I 18 0.08 2.01 21.04
CA VAL I 18 -0.14 1.08 22.15
C VAL I 18 0.79 1.46 23.29
N ILE I 19 0.22 1.69 24.47
CA ILE I 19 1.04 1.86 25.68
C ILE I 19 1.62 0.51 26.08
N PRO I 20 2.92 0.41 26.35
CA PRO I 20 3.54 -0.89 26.67
C PRO I 20 3.49 -1.26 28.15
N THR I 21 2.29 -1.50 28.65
CA THR I 21 2.12 -2.02 30.00
C THR I 21 2.47 -3.50 30.00
N GLN I 22 3.17 -3.93 31.04
CA GLN I 22 3.59 -5.33 31.17
C GLN I 22 2.78 -5.98 32.26
N ARG I 23 2.05 -7.05 31.90
CA ARG I 23 1.21 -7.80 32.83
C ARG I 23 0.29 -6.87 33.63
N ASP I 24 -0.26 -5.88 32.93
CA ASP I 24 -1.14 -4.85 33.49
C ASP I 24 -0.57 -4.21 34.74
N ARG I 25 0.68 -3.76 34.65
CA ARG I 25 1.27 -2.91 35.68
C ARG I 25 1.59 -1.55 35.05
N PRO I 26 1.64 -0.48 35.85
CA PRO I 26 1.78 0.86 35.27
C PRO I 26 3.16 1.08 34.67
N VAL I 27 3.18 1.95 33.65
CA VAL I 27 4.42 2.31 32.94
C VAL I 27 5.18 3.36 33.74
N ALA I 28 6.41 3.03 34.12
CA ALA I 28 7.26 3.92 34.91
C ALA I 28 7.82 5.01 34.00
N VAL I 29 7.22 6.19 34.05
CA VAL I 29 7.69 7.36 33.29
C VAL I 29 8.47 8.27 34.24
N SER I 30 9.66 8.66 33.82
CA SER I 30 10.53 9.49 34.64
C SER I 30 10.60 10.90 34.07
N VAL I 31 10.08 11.87 34.82
CA VAL I 31 10.06 13.25 34.35
C VAL I 31 10.95 14.09 35.25
N SER I 32 11.93 14.76 34.66
CA SER I 32 12.73 15.75 35.34
C SER I 32 13.01 16.89 34.38
N LEU I 33 12.57 18.10 34.73
CA LEU I 33 12.81 19.27 33.92
C LEU I 33 14.13 19.94 34.29
N LYS I 34 15.05 20.02 33.33
CA LYS I 34 16.24 20.86 33.43
C LYS I 34 15.98 22.15 32.67
N PHE I 35 15.84 23.25 33.41
CA PHE I 35 15.53 24.54 32.82
C PHE I 35 16.76 25.16 32.20
N ILE I 36 16.59 25.76 31.03
CA ILE I 36 17.70 26.30 30.24
C ILE I 36 17.68 27.82 30.20
N ASN I 37 16.50 28.43 30.13
CA ASN I 37 16.47 29.88 30.00
C ASN I 37 15.07 30.36 30.35
N ILE I 38 15.00 31.55 30.93
CA ILE I 38 13.73 32.20 31.25
C ILE I 38 13.62 33.51 30.49
N LEU I 39 12.60 33.63 29.65
CA LEU I 39 12.44 34.74 28.73
C LEU I 39 11.33 35.67 29.27
N GLU I 40 10.31 35.97 28.48
CA GLU I 40 9.20 36.83 28.90
C GLU I 40 8.58 36.36 30.20
N VAL I 41 8.71 37.20 31.23
CA VAL I 41 8.04 36.99 32.49
C VAL I 41 7.21 38.24 32.71
N ASN I 42 5.93 38.07 33.04
CA ASN I 42 5.01 39.18 33.17
C ASN I 42 4.36 39.07 34.53
N GLU I 43 4.78 39.95 35.42
CA GLU I 43 4.33 39.90 36.79
C GLU I 43 2.90 40.40 36.93
N ILE I 44 2.42 41.17 35.96
CA ILE I 44 1.05 41.67 36.04
C ILE I 44 0.05 40.58 35.70
N THR I 45 0.28 39.85 34.61
CA THR I 45 -0.61 38.79 34.18
C THR I 45 -0.24 37.43 34.76
N ASN I 46 0.93 37.31 35.39
CA ASN I 46 1.42 36.05 35.95
C ASN I 46 1.57 34.98 34.87
N GLU I 47 2.36 35.30 33.85
CA GLU I 47 2.65 34.40 32.75
C GLU I 47 4.15 34.37 32.52
N VAL I 48 4.69 33.18 32.29
CA VAL I 48 6.12 33.02 32.01
C VAL I 48 6.30 32.20 30.73
N ASP I 49 7.33 32.55 29.96
CA ASP I 49 7.73 31.81 28.77
C ASP I 49 9.13 31.27 29.00
N VAL I 50 9.25 29.94 29.07
CA VAL I 50 10.45 29.28 29.57
C VAL I 50 10.88 28.20 28.58
N VAL I 51 12.20 28.03 28.43
CA VAL I 51 12.79 26.95 27.65
C VAL I 51 13.48 25.99 28.61
N PHE I 52 13.20 24.70 28.46
CA PHE I 52 13.72 23.69 29.37
C PHE I 52 13.87 22.37 28.63
N TRP I 53 14.79 21.53 29.13
CA TRP I 53 14.92 20.17 28.62
C TRP I 53 14.08 19.22 29.47
N GLN I 54 13.08 18.59 28.85
CA GLN I 54 12.18 17.67 29.54
C GLN I 54 12.74 16.26 29.42
N GLN I 55 13.68 15.94 30.32
CA GLN I 55 14.26 14.60 30.36
C GLN I 55 13.18 13.60 30.72
N THR I 56 12.75 12.80 29.74
CA THR I 56 11.68 11.83 29.92
C THR I 56 12.22 10.43 29.68
N THR I 57 11.89 9.50 30.57
CA THR I 57 12.41 8.14 30.52
C THR I 57 11.31 7.13 30.83
N TRP I 58 11.25 6.07 30.02
CA TRP I 58 10.39 4.93 30.28
C TRP I 58 11.01 3.70 29.63
N SER I 59 10.41 2.54 29.91
CA SER I 59 10.86 1.26 29.38
C SER I 59 9.80 0.68 28.45
N ASP I 60 10.24 0.25 27.27
CA ASP I 60 9.37 -0.33 26.25
C ASP I 60 9.99 -1.65 25.80
N ARG I 61 9.56 -2.76 26.42
CA ARG I 61 10.20 -4.04 26.16
C ARG I 61 10.00 -4.50 24.73
N THR I 62 9.01 -3.96 24.02
CA THR I 62 8.79 -4.29 22.62
C THR I 62 9.90 -3.79 21.72
N LEU I 63 10.76 -2.90 22.22
CA LEU I 63 11.86 -2.33 21.46
C LEU I 63 13.15 -3.10 21.65
N ALA I 64 13.19 -4.01 22.62
CA ALA I 64 14.42 -4.66 23.05
C ALA I 64 15.00 -5.51 21.92
N TRP I 65 16.31 -5.75 22.01
CA TRP I 65 17.02 -6.63 21.11
C TRP I 65 18.23 -7.21 21.83
N ASN I 66 18.68 -8.37 21.36
CA ASN I 66 19.86 -9.02 21.94
C ASN I 66 21.11 -8.28 21.48
N SER I 67 21.87 -7.77 22.44
CA SER I 67 23.00 -6.86 22.23
C SER I 67 24.35 -7.59 22.15
N SER I 68 24.34 -8.89 21.87
CA SER I 68 25.58 -9.69 21.95
C SER I 68 26.67 -9.14 21.03
N HIS I 69 26.36 -8.92 19.76
CA HIS I 69 27.30 -8.30 18.82
C HIS I 69 26.58 -7.18 18.09
N SER I 70 26.24 -6.15 18.85
CA SER I 70 25.40 -5.06 18.38
C SER I 70 25.75 -3.82 19.20
N PRO I 71 25.40 -2.63 18.71
CA PRO I 71 25.53 -1.44 19.55
C PRO I 71 24.57 -1.55 20.72
N ASP I 72 24.90 -0.88 21.83
CA ASP I 72 24.01 -1.00 22.98
C ASP I 72 22.77 -0.13 22.89
N GLN I 73 22.80 0.93 22.08
CA GLN I 73 21.66 1.81 21.90
C GLN I 73 21.76 2.47 20.54
N VAL I 74 20.61 2.87 20.00
CA VAL I 74 20.59 3.66 18.77
C VAL I 74 19.67 4.87 18.98
N SER I 75 19.46 5.62 17.91
CA SER I 75 18.64 6.84 17.94
C SER I 75 17.42 6.66 17.05
N VAL I 76 16.25 6.78 17.63
CA VAL I 76 15.02 6.43 16.92
C VAL I 76 14.07 7.62 16.90
N PRO I 77 13.43 7.92 15.78
CA PRO I 77 12.38 8.95 15.78
C PRO I 77 11.20 8.55 16.66
N ILE I 78 10.69 9.52 17.41
CA ILE I 78 9.62 9.27 18.37
C ILE I 78 8.33 8.86 17.69
N SER I 79 8.24 9.04 16.38
CA SER I 79 7.09 8.50 15.65
C SER I 79 7.16 6.98 15.54
N SER I 80 8.36 6.39 15.63
CA SER I 80 8.52 4.95 15.58
C SER I 80 8.53 4.31 16.96
N LEU I 81 8.03 5.06 17.95
CA LEU I 81 7.96 4.64 19.35
C LEU I 81 6.63 5.14 19.91
N TRP I 82 6.19 4.48 20.96
CA TRP I 82 5.10 5.02 21.78
C TRP I 82 5.69 6.02 22.76
N VAL I 83 5.11 7.22 22.81
CA VAL I 83 5.55 8.27 23.73
C VAL I 83 4.40 8.57 24.68
N PRO I 84 4.66 8.67 25.99
CA PRO I 84 3.59 8.96 26.94
C PRO I 84 2.98 10.34 26.71
N ASP I 85 1.67 10.41 26.98
CA ASP I 85 0.87 11.59 26.68
C ASP I 85 0.97 12.65 27.79
N LEU I 86 2.21 13.04 28.08
CA LEU I 86 2.45 14.03 29.13
C LEU I 86 1.95 15.41 28.70
N ALA I 87 1.47 16.17 29.67
CA ALA I 87 1.01 17.53 29.41
C ALA I 87 1.24 18.40 30.63
N ALA I 88 1.72 19.63 30.41
CA ALA I 88 1.84 20.62 31.47
C ALA I 88 0.46 21.17 31.78
N TYR I 89 -0.08 20.86 32.96
CA TYR I 89 -1.47 21.15 33.29
C TYR I 89 -1.80 22.64 33.26
N ASN I 90 -0.81 23.51 33.47
CA ASN I 90 -1.05 24.95 33.56
C ASN I 90 -0.61 25.68 32.30
N ALA I 91 -0.55 24.98 31.17
CA ALA I 91 -0.04 25.57 29.94
C ALA I 91 -1.05 26.50 29.30
N ILE I 92 -0.54 27.62 28.78
CA ILE I 92 -1.29 28.61 28.03
C ILE I 92 -0.79 28.75 26.61
N SER I 93 0.13 27.87 26.18
CA SER I 93 0.60 27.82 24.81
C SER I 93 0.99 26.38 24.48
N LYS I 94 1.06 26.09 23.18
CA LYS I 94 1.56 24.79 22.74
C LYS I 94 3.04 24.66 23.08
N PRO I 95 3.47 23.48 23.52
CA PRO I 95 4.91 23.24 23.73
C PRO I 95 5.66 23.30 22.40
N GLU I 96 6.65 24.18 22.32
CA GLU I 96 7.43 24.37 21.11
C GLU I 96 8.74 23.60 21.21
N VAL I 97 8.85 22.51 20.46
CA VAL I 97 10.04 21.67 20.52
C VAL I 97 11.11 22.22 19.58
N LEU I 98 12.26 22.57 20.15
CA LEU I 98 13.32 23.22 19.40
C LEU I 98 14.31 22.24 18.79
N THR I 99 14.42 21.04 19.34
CA THR I 99 15.41 20.04 18.95
C THR I 99 14.79 19.00 18.03
N PRO I 100 15.61 18.17 17.37
CA PRO I 100 15.04 17.06 16.60
C PRO I 100 14.23 16.13 17.48
N GLN I 101 13.17 15.57 16.90
CA GLN I 101 12.26 14.70 17.63
C GLN I 101 12.76 13.26 17.56
N LEU I 102 13.98 13.06 18.06
CA LEU I 102 14.59 11.76 18.18
C LEU I 102 14.57 11.31 19.64
N ALA I 103 14.41 10.00 19.83
CA ALA I 103 14.52 9.38 21.14
C ALA I 103 15.66 8.37 21.14
N ARG I 104 16.19 8.11 22.33
CA ARG I 104 17.26 7.15 22.50
C ARG I 104 16.68 5.85 23.07
N VAL I 105 16.96 4.73 22.39
CA VAL I 105 16.41 3.44 22.79
C VAL I 105 17.58 2.51 23.10
N VAL I 106 17.58 1.96 24.32
CA VAL I 106 18.61 1.04 24.77
C VAL I 106 18.12 -0.40 24.58
N SER I 107 19.08 -1.32 24.48
CA SER I 107 18.76 -2.72 24.18
C SER I 107 17.80 -3.33 25.18
N ASP I 108 17.74 -2.81 26.40
CA ASP I 108 16.84 -3.37 27.40
C ASP I 108 15.40 -2.86 27.28
N GLY I 109 15.14 -1.92 26.37
CA GLY I 109 13.81 -1.36 26.22
C GLY I 109 13.69 0.05 26.77
N GLU I 110 14.75 0.55 27.41
CA GLU I 110 14.75 1.90 27.95
C GLU I 110 14.66 2.92 26.83
N VAL I 111 13.88 3.98 27.08
CA VAL I 111 13.74 5.09 26.15
C VAL I 111 14.22 6.33 26.88
N LEU I 112 15.07 7.10 26.23
CA LEU I 112 15.57 8.36 26.77
C LEU I 112 15.23 9.41 25.73
N TYR I 113 14.20 10.21 26.01
CA TYR I 113 13.78 11.30 25.14
C TYR I 113 13.88 12.59 25.92
N MET I 114 14.75 13.49 25.48
CA MET I 114 15.01 14.74 26.19
C MET I 114 14.97 15.86 25.16
N PRO I 115 13.80 16.40 24.86
CA PRO I 115 13.68 17.52 23.93
C PRO I 115 13.76 18.87 24.62
N SER I 116 14.22 19.87 23.87
CA SER I 116 14.18 21.25 24.32
C SER I 116 12.82 21.84 23.97
N ILE I 117 12.08 22.26 24.99
CA ILE I 117 10.70 22.70 24.83
C ILE I 117 10.56 24.14 25.35
N ARG I 118 10.02 25.01 24.51
CA ARG I 118 9.64 26.36 24.90
C ARG I 118 8.13 26.41 25.07
N GLN I 119 7.69 26.77 26.28
CA GLN I 119 6.27 26.75 26.61
C GLN I 119 5.94 27.93 27.51
N ARG I 120 4.70 28.38 27.44
CA ARG I 120 4.20 29.45 28.29
C ARG I 120 3.44 28.84 29.45
N PHE I 121 3.58 29.43 30.63
CA PHE I 121 3.02 28.88 31.85
C PHE I 121 2.26 29.96 32.60
N SER I 122 1.25 29.53 33.38
CA SER I 122 0.54 30.39 34.31
C SER I 122 0.93 29.97 35.73
N CYS I 123 1.73 30.78 36.40
CA CYS I 123 2.19 30.47 37.75
C CYS I 123 2.37 31.75 38.55
N ASP I 124 2.85 31.61 39.78
CA ASP I 124 2.98 32.74 40.70
C ASP I 124 4.27 33.48 40.37
N VAL I 125 4.14 34.61 39.67
CA VAL I 125 5.31 35.41 39.30
C VAL I 125 5.65 36.48 40.34
N SER I 126 4.74 36.80 41.25
CA SER I 126 4.95 37.87 42.21
C SER I 126 6.17 37.61 43.08
N GLY I 127 7.06 38.59 43.15
CA GLY I 127 8.28 38.48 43.92
C GLY I 127 9.52 38.13 43.13
N VAL I 128 9.46 38.20 41.80
CA VAL I 128 10.60 37.83 40.97
C VAL I 128 11.73 38.84 41.12
N ASP I 129 11.41 40.08 41.45
CA ASP I 129 12.44 41.10 41.60
C ASP I 129 13.00 41.19 43.01
N THR I 130 12.39 40.49 43.97
CA THR I 130 12.89 40.49 45.33
C THR I 130 14.02 39.45 45.45
N GLU I 131 14.62 39.37 46.64
CA GLU I 131 15.72 38.45 46.86
C GLU I 131 15.23 37.02 47.01
N SER I 132 14.14 36.81 47.74
CA SER I 132 13.62 35.45 47.90
C SER I 132 13.03 34.90 46.62
N GLY I 133 12.82 35.74 45.61
CA GLY I 133 12.51 35.26 44.28
C GLY I 133 11.04 34.91 44.11
N ALA I 134 10.68 34.59 42.86
CA ALA I 134 9.35 34.10 42.54
C ALA I 134 9.37 32.58 42.50
N THR I 135 8.23 31.97 42.83
CA THR I 135 8.08 30.53 42.79
C THR I 135 7.05 30.18 41.72
N CYS I 136 7.50 29.52 40.67
CA CYS I 136 6.65 29.17 39.55
C CYS I 136 6.40 27.68 39.59
N ARG I 137 5.14 27.30 39.80
CA ARG I 137 4.75 25.91 39.95
C ARG I 137 4.23 25.40 38.62
N ILE I 138 4.79 24.28 38.16
CA ILE I 138 4.41 23.63 36.92
C ILE I 138 3.92 22.22 37.22
N LYS I 139 2.72 21.90 36.74
CA LYS I 139 2.10 20.60 36.99
C LYS I 139 2.21 19.80 35.69
N ILE I 140 3.02 18.75 35.72
CA ILE I 140 3.22 17.89 34.56
C ILE I 140 2.83 16.47 34.93
N GLY I 141 1.97 15.86 34.12
CA GLY I 141 1.51 14.50 34.37
C GLY I 141 0.83 13.99 33.13
N SER I 142 0.57 12.68 33.11
CA SER I 142 -0.10 12.07 31.98
C SER I 142 -1.48 12.69 31.80
N TRP I 143 -1.87 12.93 30.54
CA TRP I 143 -3.11 13.65 30.29
C TRP I 143 -4.33 12.72 30.30
N THR I 144 -4.18 11.48 29.86
CA THR I 144 -5.29 10.55 29.79
C THR I 144 -5.08 9.29 30.60
N HIS I 145 -3.83 8.84 30.76
CA HIS I 145 -3.53 7.59 31.41
C HIS I 145 -3.44 7.82 32.92
N HIS I 146 -4.10 6.96 33.69
CA HIS I 146 -4.17 7.13 35.14
C HIS I 146 -3.07 6.33 35.86
N SER I 147 -3.20 6.21 37.18
CA SER I 147 -2.12 5.67 38.00
C SER I 147 -1.88 4.20 37.70
N ARG I 148 -2.91 3.47 37.26
CA ARG I 148 -2.76 2.07 36.94
C ARG I 148 -2.12 1.86 35.57
N GLU I 149 -2.03 2.93 34.75
CA GLU I 149 -1.44 2.85 33.42
C GLU I 149 -0.09 3.55 33.32
N ILE I 150 0.01 4.80 33.78
CA ILE I 150 1.26 5.56 33.77
C ILE I 150 1.58 6.00 35.19
N SER I 151 2.79 5.67 35.64
CA SER I 151 3.32 6.14 36.92
C SER I 151 4.41 7.17 36.67
N VAL I 152 4.20 8.39 37.16
CA VAL I 152 5.14 9.50 36.98
C VAL I 152 5.93 9.71 38.26
N ASP I 153 7.25 9.84 38.14
CA ASP I 153 8.12 10.07 39.30
C ASP I 153 9.37 10.90 38.95
N PRO I 154 9.70 11.93 39.73
CA PRO I 154 10.90 12.72 39.44
C PRO I 154 12.18 12.01 39.83
N THR I 155 13.30 12.52 39.30
CA THR I 155 14.62 11.96 39.59
C THR I 155 15.32 12.76 40.68
N ASP I 161 19.53 22.21 41.12
CA ASP I 161 20.28 23.40 40.70
C ASP I 161 19.88 23.86 39.31
N SER I 162 19.73 22.89 38.40
CA SER I 162 19.82 23.14 36.96
C SER I 162 21.16 23.79 36.67
N GLU I 163 22.08 22.99 36.14
CA GLU I 163 23.43 23.41 35.79
C GLU I 163 23.48 23.83 34.33
N TYR I 164 22.37 23.69 33.63
CA TYR I 164 22.27 24.00 32.20
C TYR I 164 21.52 25.28 31.92
N PHE I 165 21.29 26.12 32.93
CA PHE I 165 20.61 27.39 32.69
C PHE I 165 21.59 28.33 31.98
N SER I 166 21.12 28.99 30.92
CA SER I 166 22.01 29.85 30.15
C SER I 166 22.40 31.05 31.00
N GLN I 167 23.71 31.27 31.16
CA GLN I 167 24.16 32.34 32.05
C GLN I 167 23.83 33.73 31.55
N TYR I 168 23.40 33.87 30.32
CA TYR I 168 23.20 35.20 29.76
C TYR I 168 21.75 35.63 29.85
N SER I 169 20.96 34.81 30.53
CA SER I 169 19.57 35.11 30.81
C SER I 169 19.44 36.34 31.70
N ARG I 170 18.37 37.10 31.45
CA ARG I 170 18.00 38.23 32.28
C ARG I 170 17.59 37.79 33.69
N PHE I 171 17.34 36.51 33.90
CA PHE I 171 16.86 35.95 35.15
C PHE I 171 17.87 34.95 35.69
N GLU I 172 17.76 34.62 36.97
CA GLU I 172 18.61 33.63 37.59
C GLU I 172 17.77 32.73 38.48
N ILE I 173 18.09 31.43 38.46
CA ILE I 173 17.35 30.42 39.20
C ILE I 173 17.90 30.34 40.63
N LEU I 174 17.00 30.19 41.60
CA LEU I 174 17.42 29.99 42.98
C LEU I 174 17.38 28.51 43.37
N ASP I 175 16.26 27.84 43.11
CA ASP I 175 16.14 26.42 43.42
C ASP I 175 15.02 25.81 42.59
N VAL I 176 15.17 24.53 42.24
CA VAL I 176 14.14 23.76 41.53
C VAL I 176 14.01 22.39 42.19
N THR I 177 12.86 22.15 42.83
CA THR I 177 12.56 20.85 43.41
C THR I 177 11.33 20.26 42.72
N GLN I 178 11.39 18.96 42.41
CA GLN I 178 10.29 18.27 41.73
C GLN I 178 9.83 17.09 42.56
N LYS I 179 8.58 17.16 43.03
CA LYS I 179 7.98 16.09 43.81
C LYS I 179 6.71 15.57 43.10
N LYS I 180 6.20 14.44 43.58
CA LYS I 180 5.12 13.63 43.03
C LYS I 180 3.75 14.00 43.63
N ASN I 181 2.68 13.74 42.86
CA ASN I 181 1.33 14.07 43.31
C ASN I 181 0.28 13.04 42.83
N SER I 182 -0.96 13.16 43.35
CA SER I 182 -2.08 12.30 42.94
C SER I 182 -3.41 13.06 42.93
N VAL I 183 -4.05 13.17 41.75
CA VAL I 183 -5.27 13.94 41.53
C VAL I 183 -6.44 13.03 41.11
N THR I 184 -7.67 13.54 41.27
CA THR I 184 -8.90 12.90 40.81
C THR I 184 -9.60 13.83 39.80
N TYR I 185 -9.97 13.27 38.65
CA TYR I 185 -10.51 14.01 37.50
C TYR I 185 -12.02 14.24 37.57
N SER I 186 -12.57 14.83 36.50
CA SER I 186 -13.96 15.27 36.41
C SER I 186 -14.85 14.50 35.44
N CYS I 187 -14.91 13.18 35.59
CA CYS I 187 -15.80 12.30 34.84
C CYS I 187 -15.97 11.02 35.62
N CYS I 188 -14.84 10.46 36.01
CA CYS I 188 -14.73 9.10 36.45
C CYS I 188 -13.68 9.19 37.55
N PRO I 189 -13.97 8.68 38.74
CA PRO I 189 -13.12 8.96 39.93
C PRO I 189 -11.87 8.10 40.10
N GLU I 190 -11.06 7.97 39.03
CA GLU I 190 -9.75 7.33 39.12
C GLU I 190 -8.72 8.32 39.70
N ALA I 191 -7.53 7.82 40.04
CA ALA I 191 -6.46 8.63 40.60
C ALA I 191 -5.32 8.76 39.58
N TYR I 192 -4.93 10.01 39.29
CA TYR I 192 -3.94 10.32 38.26
C TYR I 192 -2.69 10.95 38.86
N GLU I 193 -1.51 10.40 38.52
CA GLU I 193 -0.27 10.86 39.11
C GLU I 193 0.37 11.94 38.23
N ASP I 194 0.91 12.99 38.88
CA ASP I 194 1.58 14.09 38.19
C ASP I 194 2.78 14.56 39.00
N VAL I 195 3.75 15.15 38.29
CA VAL I 195 4.93 15.78 38.90
C VAL I 195 4.70 17.28 39.03
N GLU I 196 5.02 17.83 40.21
CA GLU I 196 4.91 19.26 40.49
C GLU I 196 6.31 19.87 40.48
N VAL I 197 6.57 20.72 39.49
CA VAL I 197 7.88 21.35 39.32
C VAL I 197 7.81 22.77 39.85
N SER I 198 8.52 23.02 40.96
CA SER I 198 8.58 24.33 41.59
C SER I 198 9.86 25.04 41.14
N LEU I 199 9.70 26.19 40.48
CA LEU I 199 10.81 26.96 39.94
C LEU I 199 11.01 28.22 40.79
N ASN I 200 12.07 28.24 41.60
CA ASN I 200 12.43 29.40 42.41
C ASN I 200 13.47 30.21 41.64
N PHE I 201 13.10 31.41 41.21
CA PHE I 201 13.98 32.24 40.39
C PHE I 201 13.73 33.72 40.71
N ARG I 202 14.68 34.56 40.32
CA ARG I 202 14.54 35.99 40.52
C ARG I 202 15.21 36.74 39.36
N LYS I 203 14.92 38.04 39.28
CA LYS I 203 15.58 38.88 38.29
C LYS I 203 17.02 39.11 38.71
N LYS I 204 17.88 39.36 37.71
CA LYS I 204 19.31 39.51 37.95
C LYS I 204 19.68 40.94 38.37
N GLY I 205 20.88 41.05 38.94
CA GLY I 205 21.49 42.32 39.24
C GLY I 205 22.91 42.36 38.70
N LEU J 1 -8.53 -10.33 24.23
CA LEU J 1 -8.21 -8.97 23.82
C LEU J 1 -7.23 -8.34 24.81
N ASP J 2 -6.14 -7.81 24.29
CA ASP J 2 -5.21 -7.00 25.07
C ASP J 2 -5.15 -5.63 24.45
N ARG J 3 -4.46 -4.70 25.12
CA ARG J 3 -4.46 -3.31 24.67
C ARG J 3 -4.19 -3.19 23.18
N ALA J 4 -3.15 -3.88 22.70
CA ALA J 4 -2.79 -3.84 21.29
C ALA J 4 -3.91 -4.35 20.39
N ASP J 5 -4.61 -5.41 20.82
CA ASP J 5 -5.69 -5.96 19.99
C ASP J 5 -6.85 -4.98 19.87
N ILE J 6 -7.22 -4.34 20.99
CA ILE J 6 -8.31 -3.36 20.94
C ILE J 6 -7.96 -2.23 19.97
N LEU J 7 -6.74 -1.70 20.08
CA LEU J 7 -6.32 -0.58 19.24
C LEU J 7 -6.13 -0.98 17.79
N TYR J 8 -5.73 -2.23 17.52
CA TYR J 8 -5.67 -2.74 16.15
C TYR J 8 -7.06 -2.79 15.54
N ASN J 9 -8.01 -3.39 16.26
CA ASN J 9 -9.37 -3.49 15.74
C ASN J 9 -9.99 -2.11 15.54
N ILE J 10 -9.77 -1.20 16.48
CA ILE J 10 -10.37 0.13 16.36
C ILE J 10 -9.81 0.87 15.15
N ARG J 11 -8.50 0.72 14.91
CA ARG J 11 -7.90 1.38 13.76
C ARG J 11 -8.61 0.99 12.46
N GLN J 12 -8.82 -0.32 12.28
CA GLN J 12 -9.40 -0.88 11.06
C GLN J 12 -10.92 -1.14 11.16
N THR J 13 -11.56 -0.80 12.27
CA THR J 13 -13.01 -0.88 12.30
C THR J 13 -13.66 0.47 12.54
N SER J 14 -12.99 1.41 13.19
CA SER J 14 -13.57 2.73 13.35
C SER J 14 -13.58 3.44 12.01
N ARG J 15 -14.74 3.89 11.59
CA ARG J 15 -14.90 4.63 10.35
C ARG J 15 -15.01 6.11 10.72
N PRO J 16 -13.86 6.80 10.81
CA PRO J 16 -13.84 8.10 11.51
C PRO J 16 -14.74 9.15 10.90
N ASP J 17 -15.05 9.06 9.61
CA ASP J 17 -15.90 10.03 8.93
C ASP J 17 -17.40 9.85 9.15
N VAL J 18 -17.86 8.71 9.63
CA VAL J 18 -19.28 8.39 9.70
C VAL J 18 -19.83 8.72 11.08
N ILE J 19 -20.91 9.47 11.12
CA ILE J 19 -21.57 9.78 12.39
C ILE J 19 -22.23 8.52 12.93
N PRO J 20 -22.03 8.17 14.21
CA PRO J 20 -22.61 6.94 14.78
C PRO J 20 -24.01 7.15 15.34
N THR J 21 -24.94 7.43 14.43
CA THR J 21 -26.33 7.51 14.82
C THR J 21 -26.81 6.10 15.13
N GLN J 22 -27.57 5.96 16.20
CA GLN J 22 -28.03 4.67 16.66
C GLN J 22 -29.53 4.56 16.36
N ARG J 23 -29.90 3.57 15.56
CA ARG J 23 -31.30 3.34 15.17
C ARG J 23 -31.92 4.62 14.62
N ASP J 24 -31.17 5.32 13.77
CA ASP J 24 -31.58 6.62 13.21
C ASP J 24 -32.04 7.59 14.30
N ARG J 25 -31.23 7.71 15.35
CA ARG J 25 -31.39 8.69 16.41
C ARG J 25 -30.18 9.64 16.43
N PRO J 26 -30.33 10.86 16.91
CA PRO J 26 -29.20 11.80 16.86
C PRO J 26 -28.12 11.38 17.83
N VAL J 27 -26.89 11.75 17.51
CA VAL J 27 -25.78 11.41 18.38
C VAL J 27 -25.77 12.39 19.55
N ALA J 28 -25.97 11.86 20.75
CA ALA J 28 -26.04 12.68 21.95
C ALA J 28 -24.63 13.09 22.35
N VAL J 29 -24.27 14.34 22.02
CA VAL J 29 -22.98 14.91 22.36
C VAL J 29 -23.15 15.75 23.62
N SER J 30 -22.30 15.51 24.60
CA SER J 30 -22.34 16.23 25.87
C SER J 30 -21.11 17.13 25.94
N VAL J 31 -21.34 18.44 25.95
CA VAL J 31 -20.30 19.45 25.90
C VAL J 31 -20.23 20.19 27.22
N SER J 32 -19.04 20.27 27.82
CA SER J 32 -18.82 21.09 29.01
C SER J 32 -17.47 21.78 28.92
N LEU J 33 -17.47 23.11 29.01
CA LEU J 33 -16.23 23.89 29.05
C LEU J 33 -15.74 24.01 30.49
N LYS J 34 -14.54 23.49 30.76
CA LYS J 34 -13.85 23.74 32.01
C LYS J 34 -12.79 24.80 31.76
N PHE J 35 -13.03 26.01 32.26
CA PHE J 35 -12.13 27.13 32.03
C PHE J 35 -10.91 27.02 32.94
N ILE J 36 -9.74 27.30 32.37
CA ILE J 36 -8.47 27.14 33.08
C ILE J 36 -7.84 28.49 33.41
N ASN J 37 -7.92 29.46 32.50
CA ASN J 37 -7.28 30.75 32.67
C ASN J 37 -7.84 31.73 31.66
N ILE J 38 -7.88 33.00 32.02
CA ILE J 38 -8.22 34.08 31.09
C ILE J 38 -6.97 34.93 30.96
N LEU J 39 -6.51 35.08 29.72
CA LEU J 39 -5.16 35.60 29.51
C LEU J 39 -5.18 37.09 29.19
N GLU J 40 -5.69 37.47 28.03
CA GLU J 40 -5.79 38.86 27.63
C GLU J 40 -7.24 39.21 27.29
N VAL J 41 -7.77 40.24 27.96
CA VAL J 41 -9.11 40.76 27.72
C VAL J 41 -9.03 42.23 27.32
N ASN J 42 -9.87 42.62 26.35
CA ASN J 42 -9.90 43.96 25.81
C ASN J 42 -11.36 44.41 25.75
N GLU J 43 -11.72 45.39 26.58
CA GLU J 43 -13.11 45.84 26.64
C GLU J 43 -13.50 46.71 25.44
N ILE J 44 -12.53 47.32 24.77
CA ILE J 44 -12.85 48.18 23.63
C ILE J 44 -13.20 47.33 22.41
N THR J 45 -12.39 46.32 22.12
CA THR J 45 -12.63 45.48 20.96
C THR J 45 -13.58 44.34 21.25
N ASN J 46 -13.91 44.11 22.52
CA ASN J 46 -14.77 43.00 22.94
C ASN J 46 -14.17 41.67 22.49
N GLU J 47 -12.93 41.44 22.91
CA GLU J 47 -12.20 40.23 22.54
C GLU J 47 -11.61 39.62 23.79
N VAL J 48 -11.72 38.29 23.92
CA VAL J 48 -11.15 37.57 25.06
C VAL J 48 -10.32 36.40 24.55
N ASP J 49 -9.21 36.13 25.23
CA ASP J 49 -8.36 34.98 24.93
C ASP J 49 -8.35 34.09 26.16
N VAL J 50 -8.88 32.88 26.03
CA VAL J 50 -9.18 32.03 27.18
C VAL J 50 -8.66 30.63 26.91
N VAL J 51 -8.23 29.97 27.98
CA VAL J 51 -7.82 28.57 27.92
C VAL J 51 -8.87 27.75 28.66
N PHE J 52 -9.34 26.68 28.03
CA PHE J 52 -10.43 25.91 28.59
C PHE J 52 -10.33 24.45 28.16
N TRP J 53 -10.90 23.58 28.99
CA TRP J 53 -11.03 22.16 28.70
C TRP J 53 -12.40 21.88 28.10
N GLN J 54 -12.42 21.33 26.88
CA GLN J 54 -13.66 21.00 26.20
C GLN J 54 -14.09 19.57 26.56
N GLN J 55 -14.79 19.45 27.68
CA GLN J 55 -15.32 18.15 28.07
C GLN J 55 -16.35 17.70 27.04
N THR J 56 -15.97 16.76 26.18
CA THR J 56 -16.83 16.27 25.14
C THR J 56 -17.03 14.77 25.29
N THR J 57 -18.27 14.32 25.24
CA THR J 57 -18.63 12.92 25.39
C THR J 57 -19.72 12.58 24.39
N TRP J 58 -19.58 11.42 23.77
CA TRP J 58 -20.59 10.90 22.86
C TRP J 58 -20.51 9.38 22.92
N SER J 59 -21.50 8.73 22.31
CA SER J 59 -21.55 7.28 22.29
C SER J 59 -21.41 6.80 20.85
N ASP J 60 -20.46 5.88 20.63
CA ASP J 60 -20.23 5.28 19.31
C ASP J 60 -20.15 3.78 19.58
N ARG J 61 -21.28 3.08 19.45
CA ARG J 61 -21.34 1.68 19.81
C ARG J 61 -20.48 0.80 18.92
N THR J 62 -20.13 1.27 17.73
CA THR J 62 -19.24 0.56 16.81
C THR J 62 -17.82 0.44 17.35
N LEU J 63 -17.50 1.14 18.43
CA LEU J 63 -16.16 1.11 19.02
C LEU J 63 -16.01 0.02 20.07
N ALA J 64 -17.10 -0.61 20.48
CA ALA J 64 -17.12 -1.47 21.65
C ALA J 64 -16.26 -2.72 21.45
N TRP J 65 -15.88 -3.31 22.58
CA TRP J 65 -15.22 -4.61 22.66
C TRP J 65 -15.62 -5.24 23.98
N ASN J 66 -15.55 -6.56 24.04
CA ASN J 66 -15.94 -7.29 25.24
C ASN J 66 -14.92 -7.16 26.36
N SER J 67 -15.44 -6.90 27.56
CA SER J 67 -14.69 -6.51 28.75
C SER J 67 -14.21 -7.70 29.57
N SER J 68 -14.19 -8.91 28.99
CA SER J 68 -13.78 -10.13 29.69
C SER J 68 -12.34 -10.03 30.19
N HIS J 69 -11.47 -10.95 29.77
CA HIS J 69 -10.05 -10.81 30.07
C HIS J 69 -9.42 -9.71 29.21
N SER J 70 -9.90 -8.48 29.40
CA SER J 70 -9.46 -7.39 28.55
C SER J 70 -9.66 -6.07 29.29
N PRO J 71 -8.86 -5.05 28.96
CA PRO J 71 -9.08 -3.74 29.59
C PRO J 71 -10.40 -3.12 29.16
N ASP J 72 -11.02 -2.43 30.09
CA ASP J 72 -12.28 -1.72 29.91
C ASP J 72 -12.09 -0.31 29.35
N GLN J 73 -10.84 0.18 29.27
CA GLN J 73 -10.56 1.52 28.80
C GLN J 73 -9.24 1.43 28.04
N VAL J 74 -9.08 2.27 27.01
CA VAL J 74 -7.86 2.18 26.19
C VAL J 74 -7.21 3.54 25.89
N SER J 75 -8.01 4.56 25.59
CA SER J 75 -7.55 5.89 25.16
C SER J 75 -7.04 5.80 23.72
N VAL J 76 -7.68 6.51 22.81
CA VAL J 76 -7.44 6.34 21.36
C VAL J 76 -7.09 7.68 20.73
N PRO J 77 -6.12 7.74 19.82
CA PRO J 77 -5.90 8.99 19.07
C PRO J 77 -7.11 9.30 18.20
N ILE J 78 -7.48 10.58 18.16
CA ILE J 78 -8.71 10.99 17.48
C ILE J 78 -8.66 10.78 15.98
N SER J 79 -7.48 10.51 15.41
CA SER J 79 -7.43 10.12 14.01
C SER J 79 -8.06 8.74 13.81
N SER J 80 -8.06 7.93 14.86
CA SER J 80 -8.71 6.62 14.86
C SER J 80 -10.11 6.70 15.43
N LEU J 81 -10.70 7.89 15.48
CA LEU J 81 -12.00 8.09 16.10
C LEU J 81 -12.84 9.03 15.26
N TRP J 82 -14.16 8.88 15.40
CA TRP J 82 -15.09 9.91 14.97
C TRP J 82 -15.20 10.93 16.09
N VAL J 83 -14.96 12.20 15.79
CA VAL J 83 -15.08 13.27 16.75
C VAL J 83 -16.14 14.22 16.25
N PRO J 84 -17.09 14.65 17.08
CA PRO J 84 -18.12 15.57 16.61
C PRO J 84 -17.50 16.90 16.18
N ASP J 85 -18.03 17.45 15.10
CA ASP J 85 -17.46 18.64 14.47
C ASP J 85 -17.94 19.92 15.15
N LEU J 86 -17.72 19.99 16.46
CA LEU J 86 -18.14 21.16 17.21
C LEU J 86 -17.30 22.37 16.82
N ALA J 87 -17.95 23.54 16.86
CA ALA J 87 -17.28 24.79 16.55
C ALA J 87 -17.92 25.91 17.35
N ALA J 88 -17.07 26.77 17.95
CA ALA J 88 -17.53 27.96 18.63
C ALA J 88 -17.89 29.02 17.59
N TYR J 89 -19.19 29.32 17.48
CA TYR J 89 -19.67 30.20 16.41
C TYR J 89 -19.10 31.60 16.49
N ASN J 90 -18.73 32.07 17.69
CA ASN J 90 -18.24 33.42 17.88
C ASN J 90 -16.74 33.46 18.14
N ALA J 91 -16.03 32.38 17.79
CA ALA J 91 -14.58 32.34 17.94
C ALA J 91 -13.93 33.09 16.78
N ILE J 92 -12.85 33.82 17.07
CA ILE J 92 -12.14 34.60 16.07
C ILE J 92 -10.69 34.13 15.90
N SER J 93 -10.36 32.95 16.43
CA SER J 93 -9.03 32.37 16.22
C SER J 93 -9.18 30.86 16.10
N LYS J 94 -8.17 30.22 15.53
CA LYS J 94 -8.16 28.77 15.47
C LYS J 94 -8.11 28.20 16.88
N PRO J 95 -8.86 27.15 17.19
CA PRO J 95 -8.71 26.52 18.50
C PRO J 95 -7.32 25.92 18.59
N GLU J 96 -6.56 26.38 19.58
CA GLU J 96 -5.18 25.93 19.75
C GLU J 96 -5.19 24.83 20.81
N VAL J 97 -5.00 23.59 20.37
CA VAL J 97 -5.04 22.45 21.27
C VAL J 97 -3.67 22.31 21.92
N LEU J 98 -3.64 22.42 23.25
CA LEU J 98 -2.41 22.41 24.01
C LEU J 98 -1.99 21.02 24.45
N THR J 99 -2.94 20.09 24.52
CA THR J 99 -2.75 18.76 25.06
C THR J 99 -2.56 17.75 23.95
N PRO J 100 -2.10 16.54 24.28
CA PRO J 100 -2.13 15.46 23.29
C PRO J 100 -3.57 15.21 22.86
N GLN J 101 -3.74 14.90 21.57
CA GLN J 101 -5.08 14.74 21.01
C GLN J 101 -5.54 13.29 21.09
N LEU J 102 -5.58 12.79 22.32
CA LEU J 102 -6.10 11.47 22.61
C LEU J 102 -7.47 11.59 23.27
N ALA J 103 -8.34 10.63 22.99
CA ALA J 103 -9.62 10.52 23.67
C ALA J 103 -9.66 9.19 24.42
N ARG J 104 -10.47 9.15 25.47
CA ARG J 104 -10.63 7.94 26.29
C ARG J 104 -11.88 7.20 25.86
N VAL J 105 -11.73 5.91 25.56
CA VAL J 105 -12.80 5.08 25.04
C VAL J 105 -13.07 3.96 26.01
N VAL J 106 -14.30 3.82 26.44
CA VAL J 106 -14.69 2.75 27.34
C VAL J 106 -15.22 1.61 26.48
N SER J 107 -15.09 0.38 26.98
CA SER J 107 -15.47 -0.80 26.21
C SER J 107 -16.92 -0.77 25.77
N ASP J 108 -17.79 -0.01 26.46
CA ASP J 108 -19.19 0.05 26.09
C ASP J 108 -19.47 0.99 24.92
N GLY J 109 -18.46 1.73 24.46
CA GLY J 109 -18.61 2.65 23.35
C GLY J 109 -18.63 4.11 23.73
N GLU J 110 -18.69 4.43 25.02
CA GLU J 110 -18.63 5.83 25.45
C GLU J 110 -17.24 6.39 25.23
N VAL J 111 -17.17 7.63 24.73
CA VAL J 111 -15.91 8.30 24.48
C VAL J 111 -15.88 9.64 25.21
N LEU J 112 -14.74 9.96 25.81
CA LEU J 112 -14.49 11.23 26.47
C LEU J 112 -13.27 11.89 25.85
N TYR J 113 -13.48 13.03 25.19
CA TYR J 113 -12.42 13.83 24.62
C TYR J 113 -12.35 15.17 25.35
N MET J 114 -11.22 15.43 26.00
CA MET J 114 -11.01 16.66 26.78
C MET J 114 -9.69 17.30 26.43
N PRO J 115 -9.65 18.13 25.39
CA PRO J 115 -8.43 18.88 25.08
C PRO J 115 -8.42 20.23 25.77
N SER J 116 -7.23 20.72 26.07
CA SER J 116 -7.08 22.09 26.54
C SER J 116 -6.97 23.00 25.32
N ILE J 117 -7.88 23.96 25.22
CA ILE J 117 -7.99 24.78 24.02
C ILE J 117 -7.77 26.24 24.40
N ARG J 118 -6.84 26.87 23.72
CA ARG J 118 -6.65 28.32 23.80
C ARG J 118 -7.26 28.95 22.56
N GLN J 119 -8.28 29.78 22.75
CA GLN J 119 -8.98 30.34 21.61
C GLN J 119 -9.40 31.75 21.98
N ARG J 120 -9.43 32.62 20.98
CA ARG J 120 -9.85 34.00 21.16
C ARG J 120 -11.28 34.14 20.66
N PHE J 121 -12.08 34.94 21.37
CA PHE J 121 -13.50 35.03 21.08
C PHE J 121 -13.95 36.48 20.98
N SER J 122 -15.07 36.67 20.27
CA SER J 122 -15.80 37.93 20.21
C SER J 122 -17.07 37.78 21.04
N CYS J 123 -17.10 38.43 22.20
CA CYS J 123 -18.25 38.37 23.09
C CYS J 123 -18.38 39.69 23.84
N ASP J 124 -19.36 39.75 24.74
CA ASP J 124 -19.67 41.00 25.45
C ASP J 124 -18.70 41.13 26.61
N VAL J 125 -17.69 41.98 26.44
CA VAL J 125 -16.69 42.22 27.49
C VAL J 125 -17.07 43.38 28.42
N SER J 126 -18.07 44.17 28.05
CA SER J 126 -18.41 45.36 28.83
C SER J 126 -18.71 45.01 30.28
N GLY J 127 -18.04 45.71 31.20
CA GLY J 127 -18.14 45.45 32.62
C GLY J 127 -17.01 44.65 33.22
N VAL J 128 -15.92 44.46 32.47
CA VAL J 128 -14.79 43.69 32.99
C VAL J 128 -14.07 44.44 34.11
N ASP J 129 -14.15 45.77 34.15
CA ASP J 129 -13.50 46.53 35.19
C ASP J 129 -14.38 46.76 36.42
N THR J 130 -15.69 46.51 36.30
CA THR J 130 -16.64 46.66 37.39
C THR J 130 -16.72 45.40 38.25
N GLU J 131 -17.53 45.49 39.31
CA GLU J 131 -17.70 44.42 40.30
C GLU J 131 -18.62 43.32 39.82
N SER J 132 -19.77 43.66 39.23
CA SER J 132 -20.73 42.65 38.82
C SER J 132 -20.27 41.85 37.61
N GLY J 133 -19.20 42.29 36.95
CA GLY J 133 -18.52 41.51 35.94
C GLY J 133 -19.19 41.61 34.58
N ALA J 134 -18.50 41.07 33.58
CA ALA J 134 -19.02 40.99 32.22
C ALA J 134 -19.54 39.59 31.95
N THR J 135 -20.54 39.50 31.08
CA THR J 135 -21.09 38.21 30.70
C THR J 135 -20.73 38.00 29.24
N CYS J 136 -19.83 37.06 28.99
CA CYS J 136 -19.30 36.77 27.67
C CYS J 136 -19.82 35.41 27.26
N ARG J 137 -20.62 35.36 26.21
CA ARG J 137 -21.26 34.12 25.77
C ARG J 137 -20.43 33.46 24.68
N ILE J 138 -20.16 32.17 24.87
CA ILE J 138 -19.46 31.36 23.87
C ILE J 138 -20.44 30.27 23.46
N LYS J 139 -20.76 30.22 22.17
CA LYS J 139 -21.73 29.29 21.63
C LYS J 139 -21.02 28.23 20.80
N ILE J 140 -21.12 26.97 21.26
CA ILE J 140 -20.43 25.85 20.63
C ILE J 140 -21.47 24.86 20.12
N GLY J 141 -21.31 24.43 18.87
CA GLY J 141 -22.21 23.48 18.26
C GLY J 141 -21.59 22.88 17.02
N SER J 142 -22.24 21.82 16.54
CA SER J 142 -21.76 21.11 15.35
C SER J 142 -21.73 22.04 14.14
N TRP J 143 -20.69 21.86 13.32
CA TRP J 143 -20.52 22.75 12.16
C TRP J 143 -21.35 22.32 10.97
N THR J 144 -21.55 21.02 10.78
CA THR J 144 -22.29 20.50 9.63
C THR J 144 -23.52 19.69 9.99
N HIS J 145 -23.53 19.03 11.15
CA HIS J 145 -24.63 18.14 11.51
C HIS J 145 -25.75 18.96 12.15
N HIS J 146 -26.98 18.71 11.71
CA HIS J 146 -28.17 19.39 12.13
C HIS J 146 -28.85 18.61 13.27
N SER J 147 -30.11 18.91 13.54
CA SER J 147 -30.77 18.46 14.76
C SER J 147 -30.98 16.95 14.81
N ARG J 148 -31.12 16.28 13.66
CA ARG J 148 -31.34 14.83 13.68
C ARG J 148 -30.07 14.01 13.82
N GLU J 149 -28.90 14.60 13.64
CA GLU J 149 -27.65 13.85 13.62
C GLU J 149 -26.78 14.05 14.86
N ILE J 150 -26.50 15.29 15.24
CA ILE J 150 -25.75 15.60 16.46
C ILE J 150 -26.61 16.50 17.33
N SER J 151 -26.92 16.04 18.54
CA SER J 151 -27.59 16.86 19.53
C SER J 151 -26.61 17.13 20.66
N VAL J 152 -26.30 18.39 20.88
CA VAL J 152 -25.35 18.79 21.91
C VAL J 152 -26.12 19.27 23.13
N ASP J 153 -25.73 18.78 24.30
CA ASP J 153 -26.40 19.07 25.55
C ASP J 153 -25.33 19.12 26.64
N PRO J 154 -25.34 20.13 27.50
CA PRO J 154 -24.34 20.20 28.57
C PRO J 154 -24.61 19.18 29.67
N THR J 155 -23.58 18.93 30.46
CA THR J 155 -23.64 17.96 31.54
C THR J 155 -23.96 18.65 32.86
N ASP J 161 -18.53 24.69 35.70
CA ASP J 161 -17.09 24.86 35.83
C ASP J 161 -16.79 26.04 36.75
N SER J 162 -15.70 25.89 37.54
CA SER J 162 -15.18 26.97 38.36
C SER J 162 -13.97 26.53 39.19
N GLU J 163 -13.85 25.23 39.43
CA GLU J 163 -12.88 24.71 40.39
C GLU J 163 -11.53 24.38 39.80
N TYR J 164 -11.39 24.41 38.47
CA TYR J 164 -10.11 24.14 37.84
C TYR J 164 -9.46 25.41 37.30
N PHE J 165 -9.97 26.58 37.69
CA PHE J 165 -9.44 27.86 37.24
C PHE J 165 -8.16 28.24 37.97
N SER J 166 -7.19 28.74 37.20
CA SER J 166 -5.90 29.14 37.75
C SER J 166 -6.05 30.40 38.62
N GLN J 167 -5.58 30.31 39.87
CA GLN J 167 -5.64 31.46 40.78
C GLN J 167 -4.72 32.60 40.38
N TYR J 168 -3.87 32.41 39.38
CA TYR J 168 -2.87 33.41 39.06
C TYR J 168 -3.31 34.27 37.88
N SER J 169 -4.51 34.04 37.35
CA SER J 169 -5.05 34.90 36.32
C SER J 169 -5.38 36.27 36.91
N ARG J 170 -5.22 37.30 36.08
CA ARG J 170 -5.63 38.64 36.46
C ARG J 170 -7.13 38.76 36.69
N PHE J 171 -7.91 37.76 36.30
CA PHE J 171 -9.36 37.80 36.37
C PHE J 171 -9.89 36.69 37.27
N GLU J 172 -11.15 36.82 37.66
CA GLU J 172 -11.82 35.86 38.53
C GLU J 172 -13.21 35.58 37.98
N ILE J 173 -13.64 34.33 38.07
CA ILE J 173 -14.96 33.95 37.58
C ILE J 173 -16.00 34.22 38.65
N LEU J 174 -17.14 34.78 38.22
CA LEU J 174 -18.29 34.99 39.09
C LEU J 174 -19.35 33.92 38.85
N ASP J 175 -19.66 33.62 37.59
CA ASP J 175 -20.66 32.61 37.28
C ASP J 175 -20.38 32.01 35.91
N VAL J 176 -20.73 30.74 35.76
CA VAL J 176 -20.67 30.03 34.49
C VAL J 176 -21.97 29.27 34.34
N THR J 177 -22.79 29.67 33.36
CA THR J 177 -24.01 28.96 33.07
C THR J 177 -23.89 28.33 31.69
N GLN J 178 -24.33 27.10 31.57
CA GLN J 178 -24.25 26.41 30.31
C GLN J 178 -25.68 26.04 29.96
N LYS J 179 -26.24 26.74 29.00
CA LYS J 179 -27.62 26.49 28.58
C LYS J 179 -27.55 25.89 27.19
N LYS J 180 -28.61 25.18 26.84
CA LYS J 180 -28.64 24.56 25.54
C LYS J 180 -29.52 25.42 24.65
N ASN J 181 -29.06 25.66 23.43
CA ASN J 181 -29.77 26.51 22.49
C ASN J 181 -29.83 25.76 21.16
N SER J 182 -30.65 26.28 20.25
CA SER J 182 -30.82 25.71 18.92
C SER J 182 -31.00 26.84 17.93
N VAL J 183 -30.12 26.89 16.92
CA VAL J 183 -30.12 28.00 15.98
C VAL J 183 -30.68 27.51 14.66
N THR J 184 -31.39 28.40 13.99
CA THR J 184 -31.89 28.22 12.63
C THR J 184 -31.37 29.43 11.87
N TYR J 185 -30.70 29.18 10.75
CA TYR J 185 -30.07 30.29 10.06
C TYR J 185 -31.09 31.00 9.19
N SER J 186 -31.07 30.71 7.90
CA SER J 186 -31.91 31.35 6.90
C SER J 186 -31.59 30.71 5.56
N CYS J 187 -30.29 30.52 5.29
CA CYS J 187 -29.82 29.82 4.10
C CYS J 187 -30.57 28.52 3.92
N CYS J 188 -30.74 27.82 5.04
CA CYS J 188 -30.97 26.39 5.07
C CYS J 188 -32.06 26.16 6.10
N PRO J 189 -33.09 25.40 5.78
CA PRO J 189 -34.25 25.32 6.68
C PRO J 189 -34.05 24.34 7.84
N GLU J 190 -32.82 24.19 8.30
CA GLU J 190 -32.52 23.29 9.40
C GLU J 190 -32.16 24.06 10.66
N ALA J 191 -32.24 23.36 11.79
CA ALA J 191 -31.94 23.91 13.11
C ALA J 191 -30.75 23.17 13.72
N TYR J 192 -29.75 23.94 14.15
CA TYR J 192 -28.52 23.41 14.73
C TYR J 192 -28.49 23.69 16.22
N GLU J 193 -28.22 22.66 17.02
CA GLU J 193 -28.24 22.81 18.47
C GLU J 193 -26.86 23.27 18.90
N ASP J 194 -26.82 24.16 19.89
CA ASP J 194 -25.57 24.63 20.44
C ASP J 194 -25.68 24.75 21.96
N VAL J 195 -24.55 24.58 22.63
CA VAL J 195 -24.48 24.81 24.06
C VAL J 195 -23.97 26.23 24.25
N GLU J 196 -24.69 27.01 25.04
CA GLU J 196 -24.40 28.42 25.22
C GLU J 196 -23.79 28.62 26.61
N VAL J 197 -22.51 28.98 26.64
CA VAL J 197 -21.77 29.16 27.89
C VAL J 197 -21.66 30.65 28.17
N SER J 198 -22.34 31.11 29.22
CA SER J 198 -22.26 32.49 29.66
C SER J 198 -21.23 32.55 30.79
N LEU J 199 -20.14 33.26 30.55
CA LEU J 199 -19.03 33.35 31.50
C LEU J 199 -19.02 34.75 32.09
N ASN J 200 -19.42 34.87 33.36
CA ASN J 200 -19.42 36.16 34.04
C ASN J 200 -18.13 36.32 34.82
N PHE J 201 -17.32 37.30 34.42
CA PHE J 201 -16.00 37.48 35.01
C PHE J 201 -15.69 38.97 35.09
N ARG J 202 -14.69 39.29 35.93
CA ARG J 202 -14.23 40.67 36.10
C ARG J 202 -12.74 40.65 36.42
N LYS J 203 -12.13 41.84 36.37
CA LYS J 203 -10.74 41.98 36.78
C LYS J 203 -10.61 41.87 38.29
N LYS J 204 -9.45 41.42 38.74
CA LYS J 204 -9.16 41.30 40.17
C LYS J 204 -8.63 42.60 40.73
C1 NAG K . 34.78 -0.44 -2.60
C2 NAG K . 35.07 1.05 -2.97
C3 NAG K . 35.21 1.97 -1.74
C4 NAG K . 35.06 1.19 -0.45
C5 NAG K . 36.08 0.08 -0.50
C6 NAG K . 36.21 -0.65 0.83
C7 NAG K . 36.14 1.75 -5.06
C8 NAG K . 37.43 1.82 -5.84
N2 NAG K . 36.23 1.19 -3.85
O3 NAG K . 34.25 3.03 -1.81
O4 NAG K . 35.33 2.03 0.67
O5 NAG K . 35.67 -0.89 -1.47
O6 NAG K . 35.08 -0.46 1.65
O7 NAG K . 35.09 2.18 -5.51
N1 PHN L . 8.42 -13.88 -31.34
C2 PHN L . 8.63 -15.17 -31.38
C3 PHN L . 8.41 -15.96 -32.53
C4 PHN L . 7.97 -15.34 -33.66
C4A PHN L . 7.72 -13.96 -33.65
C5 PHN L . 7.25 -13.27 -34.80
C6 PHN L . 7.03 -11.93 -34.77
C6A PHN L . 7.26 -11.20 -33.57
C7 PHN L . 7.05 -9.82 -33.50
C8 PHN L . 7.29 -9.15 -32.33
C9 PHN L . 7.76 -9.89 -31.23
N10 PHN L . 7.97 -11.18 -31.26
C10 PHN L . 7.74 -11.84 -32.41
C1A PHN L . 7.97 -13.27 -32.44
C1 NAG M . 7.45 14.63 -29.82
C2 NAG M . 6.50 15.81 -30.12
C3 NAG M . 7.23 16.90 -30.92
C4 NAG M . 8.54 17.28 -30.26
C5 NAG M . 9.39 16.04 -30.08
C6 NAG M . 10.72 16.31 -29.41
C7 NAG M . 4.13 15.15 -30.30
C8 NAG M . 4.03 15.40 -28.82
N2 NAG M . 5.33 15.35 -30.85
O3 NAG M . 6.39 18.04 -31.00
O4 NAG M . 9.24 18.22 -31.08
O5 NAG M . 8.69 15.11 -29.25
O6 NAG M . 10.57 17.17 -28.28
O7 NAG M . 3.17 14.78 -30.96
N1 PHN N . -20.90 -14.99 -26.86
C2 PHN N . -20.73 -15.97 -27.72
C3 PHN N . -21.70 -16.93 -28.02
C4 PHN N . -22.91 -16.84 -27.38
C4A PHN N . -23.13 -15.81 -26.45
C5 PHN N . -24.37 -15.66 -25.76
C6 PHN N . -24.55 -14.66 -24.87
C6A PHN N . -23.51 -13.71 -24.62
C7 PHN N . -23.68 -12.65 -23.71
C8 PHN N . -22.64 -11.78 -23.50
C9 PHN N . -21.45 -11.98 -24.22
N10 PHN N . -21.26 -12.95 -25.07
C10 PHN N . -22.27 -13.82 -25.28
C1A PHN N . -22.08 -14.89 -26.23
C1 NAG O . 13.19 -12.17 29.13
C2 NAG O . 14.55 -11.74 29.66
C3 NAG O . 14.72 -12.22 31.08
C4 NAG O . 13.55 -11.75 31.94
C5 NAG O . 12.21 -12.10 31.29
C6 NAG O . 11.04 -11.51 32.01
C7 NAG O . 16.63 -11.44 28.39
C8 NAG O . 17.69 -12.11 27.58
N2 NAG O . 15.64 -12.23 28.82
O3 NAG O . 15.96 -11.77 31.61
O4 NAG O . 13.64 -12.35 33.23
O5 NAG O . 12.16 -11.61 29.95
O6 NAG O . 10.05 -11.08 31.10
O7 NAG O . 16.66 -10.23 28.64
N1 PHN P . -2.32 30.20 -13.85
C2 PHN P . -2.15 29.40 -12.82
C3 PHN P . -2.27 29.82 -11.49
C4 PHN P . -2.61 31.12 -11.24
C4A PHN P . -2.80 32.00 -12.32
C5 PHN P . -3.15 33.37 -12.13
C6 PHN P . -3.33 34.20 -13.18
C6A PHN P . -3.17 33.70 -14.51
C7 PHN P . -3.34 34.52 -15.63
C8 PHN P . -3.19 34.00 -16.89
C9 PHN P . -2.86 32.64 -17.01
N10 PHN P . -2.68 31.85 -15.98
C10 PHN P . -2.84 32.35 -14.75
C1A PHN P . -2.64 31.48 -13.61
S SO4 Q . -22.68 11.99 7.89
O1 SO4 Q . -21.93 12.28 6.68
O2 SO4 Q . -23.73 12.98 8.08
O3 SO4 Q . -23.28 10.66 7.76
O4 SO4 Q . -21.76 12.01 9.03
N1 PHN R . 24.44 26.51 -3.98
C2 PHN R . 24.42 25.21 -4.19
C3 PHN R . 25.34 24.31 -3.61
C4 PHN R . 26.31 24.83 -2.79
C4A PHN R . 26.36 26.21 -2.55
C5 PHN R . 27.34 26.80 -1.70
C6 PHN R . 27.37 28.13 -1.49
C6A PHN R . 26.39 28.98 -2.10
C7 PHN R . 26.40 30.38 -1.89
C8 PHN R . 25.44 31.14 -2.52
C9 PHN R . 24.50 30.50 -3.33
N10 PHN R . 24.47 29.21 -3.54
C10 PHN R . 25.41 28.44 -2.95
C1A PHN R . 25.38 27.02 -3.17
S SO4 S . -15.38 5.92 15.34
O1 SO4 S . -14.04 6.22 14.83
O2 SO4 S . -16.34 6.18 14.29
O3 SO4 S . -15.48 4.53 15.75
O4 SO4 S . -15.63 6.78 16.50
#